data_6F90
#
_entry.id   6F90
#
_cell.length_a   273.666
_cell.length_b   273.666
_cell.length_c   189.759
_cell.angle_alpha   90.00
_cell.angle_beta   90.00
_cell.angle_gamma   120.00
#
_symmetry.space_group_name_H-M   'P 62 2 2'
#
loop_
_entity.id
_entity.type
_entity.pdbx_description
1 polymer 'Alpha-1,2-mannosidase, putative'
2 non-polymer 'CALCIUM ION'
3 non-polymer (5R,6R,7S,8R)-5-(HYDROXYMETHYL)-5,6,7,8-TETRAHYDROIMIDAZO[1,2-A]PYRIDINE-6,7,8-TRIOL
4 water water
#
_entity_poly.entity_id   1
_entity_poly.type   'polypeptide(L)'
_entity_poly.pdbx_seq_one_letter_code
;MGQAGEITKYVNPFIGTGAIDGGLSGNNYPGATSPFGMIQLSPDTSEAPNWGDASGYDYNRNTIFGFSHTRLSGTGASDL
IDITLMPTSSGRTSSAFTHDEEKARPGYYQVMLKDENINAELTTTQRNGIHRYQYPAGKDAEIILDMDHSADKGSWGRRI
INSQIRILNDHAVEGYRIITGWAKLRKIYFYMEFSSPILTSTLRDGGRVHENTAVINGTNLHGCFRFGQLNGKPLTCKVA
LSSVSMENARQNMEQEAPHWDFDRYVAAADADWEKQLGKIEVKGTEVQKEIFYTALYHTMIQPNTMSDVNGEYMAADYTT
RKVANNETHYTTFSLWDTFRASHPLYTLLEPERVTDFVKSMIRQYEYYGYLPIWQLWGQDNYCMIGNHSIPVITDAILKG
IPGIDMEKAYEAVYNSSVTSHPNSPFEVWEKYGFMPENIQTQSVSITLEQAFDDWCVAQLAAKLNKDADYQRFHKRSEYY
RNLFHPKTKFFQSKNDKGEWIEPFDPYQYGGNGGHPFTEGNAWQYFWYVPHNIQALMELTGGTKAFEQKLDTFFTSTYKS
EQMNHNASGFVGQYAHGNEPSHHVAYLYNFAGQPWKTQKYVSHILNTLYNNTSSGYAGNDDCGQMSAWYVFSAMGFYPVN
PADGRYIIGSPLLDECTLKLAGNKEFRIRTIRKSPEDIYIQSVTLNGKKHKDFFITHQDIMNGGTMVFKMGKKPSGWGKL
EHHHHHH
;
_entity_poly.pdbx_strand_id   A,B,C
#
# COMPACT_ATOMS: atom_id res chain seq x y z
N ALA A 4 -12.80 16.35 -6.10
CA ALA A 4 -14.18 16.90 -6.25
C ALA A 4 -14.36 18.17 -5.42
N GLY A 5 -14.91 19.20 -6.07
CA GLY A 5 -15.11 20.48 -5.43
C GLY A 5 -13.87 21.32 -5.23
N GLU A 6 -12.76 21.02 -5.92
CA GLU A 6 -11.51 21.81 -5.83
C GLU A 6 -11.75 23.30 -6.15
N ILE A 7 -12.46 23.54 -7.24
CA ILE A 7 -12.80 24.88 -7.67
C ILE A 7 -14.19 25.31 -7.19
N THR A 8 -15.19 24.43 -7.26
CA THR A 8 -16.56 24.86 -6.94
C THR A 8 -16.74 25.32 -5.50
N LYS A 9 -15.92 24.80 -4.58
CA LYS A 9 -15.95 25.26 -3.18
C LYS A 9 -15.60 26.75 -3.00
N TYR A 10 -14.97 27.35 -4.00
CA TYR A 10 -14.66 28.78 -3.93
C TYR A 10 -15.84 29.72 -4.25
N VAL A 11 -16.89 29.22 -4.92
CA VAL A 11 -17.99 30.07 -5.31
C VAL A 11 -18.91 30.30 -4.10
N ASN A 12 -19.21 31.57 -3.84
CA ASN A 12 -20.09 31.97 -2.78
C ASN A 12 -21.28 32.70 -3.45
N PRO A 13 -22.38 31.96 -3.71
CA PRO A 13 -23.56 32.56 -4.37
C PRO A 13 -24.19 33.75 -3.64
N PHE A 14 -23.83 33.98 -2.38
CA PHE A 14 -24.34 35.11 -1.62
C PHE A 14 -23.66 36.43 -1.91
N ILE A 15 -22.53 36.39 -2.62
CA ILE A 15 -21.84 37.61 -3.03
C ILE A 15 -22.70 38.33 -4.06
N GLY A 16 -23.07 39.56 -3.74
CA GLY A 16 -23.88 40.38 -4.62
C GLY A 16 -25.38 40.31 -4.36
N THR A 17 -25.79 39.55 -3.34
CA THR A 17 -27.20 39.37 -3.00
C THR A 17 -27.70 40.41 -2.03
N GLY A 18 -26.82 41.28 -1.54
CA GLY A 18 -27.21 42.34 -0.62
C GLY A 18 -26.65 43.69 -0.99
N ALA A 19 -26.71 44.59 -0.03
CA ALA A 19 -26.15 45.94 -0.15
C ALA A 19 -25.91 46.51 1.24
N ILE A 20 -25.00 47.50 1.33
CA ILE A 20 -24.36 47.90 2.60
C ILE A 20 -25.26 48.74 3.53
N ASP A 21 -25.59 49.95 3.08
CA ASP A 21 -26.46 50.85 3.85
C ASP A 21 -26.94 51.96 2.90
N GLY A 22 -27.74 51.55 1.92
CA GLY A 22 -27.93 52.29 0.69
C GLY A 22 -26.92 51.78 -0.32
N GLY A 23 -26.96 52.34 -1.53
CA GLY A 23 -26.16 51.84 -2.66
C GLY A 23 -26.81 50.60 -3.24
N LEU A 24 -26.83 50.51 -4.58
CA LEU A 24 -27.58 49.45 -5.24
C LEU A 24 -26.94 48.08 -5.05
N SER A 25 -27.77 47.08 -4.78
CA SER A 25 -27.33 45.70 -4.67
C SER A 25 -26.76 45.20 -5.99
N GLY A 26 -25.89 44.20 -5.89
CA GLY A 26 -25.49 43.41 -7.05
C GLY A 26 -26.70 42.80 -7.76
N ASN A 27 -27.76 42.52 -7.00
CA ASN A 27 -28.98 41.87 -7.50
C ASN A 27 -28.70 40.47 -8.07
N ASN A 28 -27.71 39.78 -7.50
CA ASN A 28 -27.49 38.37 -7.79
C ASN A 28 -28.41 37.57 -6.89
N TYR A 29 -28.48 36.27 -7.16
CA TYR A 29 -29.30 35.36 -6.36
C TYR A 29 -28.46 34.14 -5.95
N PRO A 30 -28.76 33.56 -4.78
CA PRO A 30 -28.02 32.44 -4.24
C PRO A 30 -28.51 31.06 -4.64
N GLY A 31 -29.68 30.97 -5.27
CA GLY A 31 -30.25 29.66 -5.62
C GLY A 31 -29.55 28.89 -6.71
N ALA A 32 -30.00 27.67 -6.92
CA ALA A 32 -29.38 26.76 -7.89
C ALA A 32 -29.68 27.10 -9.34
N THR A 33 -28.65 27.01 -10.17
CA THR A 33 -28.79 27.02 -11.61
C THR A 33 -27.67 26.22 -12.23
N SER A 34 -27.80 26.01 -13.54
CA SER A 34 -26.83 25.32 -14.36
C SER A 34 -26.19 26.32 -15.33
N PRO A 35 -25.01 25.97 -15.90
CA PRO A 35 -24.35 26.87 -16.82
C PRO A 35 -25.24 27.23 -18.00
N PHE A 36 -25.44 28.53 -18.21
CA PHE A 36 -26.25 29.05 -19.31
C PHE A 36 -27.62 28.37 -19.39
N GLY A 37 -28.23 28.18 -18.22
CA GLY A 37 -29.41 27.34 -18.11
C GLY A 37 -30.72 28.06 -18.33
N MET A 38 -31.78 27.26 -18.43
CA MET A 38 -33.14 27.75 -18.52
C MET A 38 -33.75 27.94 -17.13
N ILE A 39 -33.25 27.22 -16.13
CA ILE A 39 -33.85 27.19 -14.81
C ILE A 39 -32.94 27.85 -13.76
N GLN A 40 -33.52 28.81 -13.03
CA GLN A 40 -32.89 29.45 -11.90
C GLN A 40 -33.79 29.23 -10.70
N LEU A 41 -33.56 28.11 -10.02
CA LEU A 41 -34.38 27.67 -8.90
C LEU A 41 -33.88 28.27 -7.59
N SER A 42 -34.60 29.26 -7.08
CA SER A 42 -34.07 30.10 -6.01
C SER A 42 -35.21 30.61 -5.16
N PRO A 43 -34.97 30.85 -3.85
CA PRO A 43 -36.00 31.47 -3.00
C PRO A 43 -36.22 32.94 -3.29
N ASP A 44 -37.48 33.38 -3.15
CA ASP A 44 -37.84 34.78 -3.27
C ASP A 44 -38.10 35.30 -1.87
N THR A 45 -37.38 36.36 -1.51
CA THR A 45 -37.53 37.00 -0.21
C THR A 45 -38.50 38.17 -0.27
N SER A 46 -39.19 38.30 -1.39
CA SER A 46 -40.24 39.28 -1.59
C SER A 46 -41.49 38.61 -2.18
N GLU A 47 -42.66 39.17 -1.87
CA GLU A 47 -43.93 38.74 -2.49
C GLU A 47 -43.97 39.15 -3.95
N ALA A 48 -43.37 40.30 -4.26
CA ALA A 48 -43.33 40.85 -5.61
C ALA A 48 -42.01 41.58 -5.90
N PRO A 49 -41.01 40.85 -6.44
CA PRO A 49 -39.69 41.49 -6.68
C PRO A 49 -39.77 42.72 -7.59
N ASN A 50 -38.92 43.70 -7.28
CA ASN A 50 -38.88 45.00 -7.96
C ASN A 50 -37.41 45.34 -8.24
N TRP A 51 -37.14 46.53 -8.73
CA TRP A 51 -35.79 46.99 -9.07
C TRP A 51 -34.74 46.88 -7.97
N GLY A 52 -35.14 47.04 -6.72
CA GLY A 52 -34.24 46.93 -5.58
C GLY A 52 -33.85 45.51 -5.21
N ASP A 53 -34.57 44.52 -5.74
CA ASP A 53 -34.33 43.12 -5.43
C ASP A 53 -34.77 42.26 -6.62
N ALA A 54 -34.27 42.64 -7.79
CA ALA A 54 -34.79 42.18 -9.07
C ALA A 54 -34.61 40.68 -9.38
N SER A 55 -33.68 40.02 -8.71
CA SER A 55 -33.53 38.56 -8.85
C SER A 55 -34.48 37.81 -7.94
N GLY A 56 -35.11 38.52 -6.99
CA GLY A 56 -36.04 37.93 -6.03
C GLY A 56 -35.49 37.77 -4.62
N TYR A 57 -34.17 37.72 -4.49
CA TYR A 57 -33.50 37.52 -3.20
C TYR A 57 -32.79 38.76 -2.72
N ASP A 58 -33.00 39.11 -1.45
CA ASP A 58 -32.33 40.23 -0.80
C ASP A 58 -31.78 39.71 0.52
N TYR A 59 -30.45 39.83 0.70
CA TYR A 59 -29.74 39.27 1.88
C TYR A 59 -30.15 39.93 3.19
N ASN A 60 -30.67 41.15 3.13
CA ASN A 60 -31.16 41.85 4.33
C ASN A 60 -32.55 41.40 4.82
N ARG A 61 -33.20 40.48 4.11
CA ARG A 61 -34.55 40.01 4.45
C ARG A 61 -34.48 38.68 5.15
N ASN A 62 -35.58 38.32 5.82
CA ASN A 62 -35.62 37.13 6.66
C ASN A 62 -36.86 36.25 6.46
N THR A 63 -37.57 36.43 5.36
CA THR A 63 -38.76 35.66 5.02
C THR A 63 -38.65 35.17 3.58
N ILE A 64 -38.99 33.90 3.37
CA ILE A 64 -39.03 33.28 2.06
C ILE A 64 -40.50 33.11 1.69
N PHE A 65 -40.88 33.61 0.51
CA PHE A 65 -42.28 33.51 0.01
C PHE A 65 -42.50 32.45 -1.06
N GLY A 66 -41.52 31.57 -1.28
CA GLY A 66 -41.62 30.48 -2.25
C GLY A 66 -40.34 30.30 -3.02
N PHE A 67 -40.26 29.20 -3.77
CA PHE A 67 -39.15 28.92 -4.64
C PHE A 67 -39.65 28.93 -6.08
N SER A 68 -39.18 29.91 -6.86
CA SER A 68 -39.56 30.04 -8.25
C SER A 68 -38.44 29.53 -9.15
N HIS A 69 -38.71 29.42 -10.43
CA HIS A 69 -37.84 28.71 -11.35
C HIS A 69 -37.14 29.56 -12.41
N THR A 70 -37.40 30.85 -12.45
CA THR A 70 -36.80 31.73 -13.45
C THR A 70 -36.52 33.11 -12.83
N ARG A 71 -35.42 33.71 -13.28
CA ARG A 71 -35.07 35.08 -12.91
C ARG A 71 -33.88 35.55 -13.72
N LEU A 72 -33.61 36.85 -13.58
CA LEU A 72 -32.43 37.49 -14.13
C LEU A 72 -31.39 37.70 -13.02
N SER A 73 -30.11 37.68 -13.39
CA SER A 73 -29.03 37.94 -12.43
C SER A 73 -28.47 39.33 -12.62
N GLY A 74 -28.61 40.16 -11.61
CA GLY A 74 -27.94 41.43 -11.55
C GLY A 74 -28.54 42.59 -12.31
N THR A 75 -29.76 42.42 -12.80
CA THR A 75 -30.43 43.47 -13.58
C THR A 75 -30.99 44.52 -12.65
N GLY A 76 -31.23 45.71 -13.17
CA GLY A 76 -31.89 46.78 -12.40
C GLY A 76 -33.40 46.87 -12.57
N ALA A 77 -34.00 45.92 -13.32
CA ALA A 77 -35.44 45.78 -13.44
C ALA A 77 -35.78 44.31 -13.31
N SER A 78 -36.94 44.01 -12.73
CA SER A 78 -37.34 42.64 -12.46
C SER A 78 -38.32 42.09 -13.49
N ASP A 79 -38.12 40.83 -13.85
CA ASP A 79 -39.11 40.09 -14.63
C ASP A 79 -38.95 38.61 -14.31
N LEU A 80 -39.67 37.74 -15.01
CA LEU A 80 -39.58 36.27 -14.83
C LEU A 80 -40.25 35.87 -13.48
N ILE A 81 -39.55 35.22 -12.55
CA ILE A 81 -40.15 34.81 -11.28
C ILE A 81 -41.36 33.85 -11.51
N ASP A 82 -41.19 32.85 -12.37
CA ASP A 82 -42.31 31.99 -12.79
C ASP A 82 -42.32 30.63 -12.10
N ILE A 83 -43.52 30.15 -11.77
CA ILE A 83 -43.76 28.80 -11.25
C ILE A 83 -43.14 28.65 -9.86
N THR A 84 -43.95 28.91 -8.84
CA THR A 84 -43.49 29.05 -7.49
C THR A 84 -44.04 27.94 -6.62
N LEU A 85 -43.14 27.13 -6.04
CA LEU A 85 -43.49 26.11 -5.04
C LEU A 85 -43.14 26.56 -3.63
N MET A 86 -43.97 26.15 -2.66
CA MET A 86 -43.69 26.39 -1.24
C MET A 86 -44.14 25.17 -0.42
N PRO A 87 -43.22 24.55 0.35
CA PRO A 87 -43.64 23.46 1.24
C PRO A 87 -44.32 23.98 2.51
N THR A 88 -45.20 23.16 3.06
CA THR A 88 -45.90 23.51 4.30
C THR A 88 -46.58 22.27 4.86
N SER A 89 -46.93 22.35 6.14
CA SER A 89 -47.73 21.31 6.79
C SER A 89 -49.15 21.81 7.13
N SER A 90 -49.45 23.08 6.88
CA SER A 90 -50.72 23.66 7.31
C SER A 90 -51.19 24.81 6.41
N GLY A 91 -51.05 24.63 5.09
CA GLY A 91 -51.43 25.64 4.12
C GLY A 91 -50.73 27.00 4.19
N ARG A 92 -49.54 27.08 4.77
CA ARG A 92 -48.86 28.37 4.90
C ARG A 92 -48.07 28.68 3.64
N THR A 93 -47.95 29.97 3.32
CA THR A 93 -47.32 30.43 2.09
C THR A 93 -45.97 31.15 2.25
N SER A 94 -45.54 31.37 3.49
CA SER A 94 -44.27 31.99 3.79
C SER A 94 -43.59 31.34 4.99
N SER A 95 -42.31 31.62 5.15
CA SER A 95 -41.57 31.17 6.30
C SER A 95 -40.36 32.05 6.60
N ALA A 96 -40.07 32.20 7.88
CA ALA A 96 -38.82 32.83 8.31
C ALA A 96 -37.63 31.90 8.03
N PHE A 97 -36.46 32.52 7.89
CA PHE A 97 -35.22 31.76 7.82
C PHE A 97 -34.07 32.62 8.33
N THR A 98 -32.95 31.96 8.59
CA THR A 98 -31.69 32.60 8.94
C THR A 98 -30.57 32.10 8.06
N HIS A 99 -29.62 33.00 7.79
CA HIS A 99 -28.43 32.70 7.05
C HIS A 99 -27.55 31.66 7.75
N ASP A 100 -27.70 31.55 9.06
CA ASP A 100 -27.05 30.50 9.84
C ASP A 100 -27.44 29.09 9.42
N GLU A 101 -28.68 28.90 8.97
CA GLU A 101 -29.15 27.58 8.53
C GLU A 101 -29.58 27.68 7.09
N GLU A 102 -28.56 27.91 6.26
CA GLU A 102 -28.73 28.15 4.82
C GLU A 102 -27.38 27.90 4.18
N LYS A 103 -27.36 27.25 3.02
CA LYS A 103 -26.10 27.01 2.29
C LYS A 103 -26.31 27.13 0.78
N ALA A 104 -25.24 27.47 0.08
CA ALA A 104 -25.28 27.53 -1.38
C ALA A 104 -23.92 27.24 -1.99
N ARG A 105 -23.91 26.55 -3.11
CA ARG A 105 -22.71 26.30 -3.89
C ARG A 105 -23.18 25.99 -5.32
N PRO A 106 -22.26 26.01 -6.31
CA PRO A 106 -22.73 25.86 -7.68
C PRO A 106 -23.64 24.65 -7.86
N GLY A 107 -24.86 24.88 -8.32
CA GLY A 107 -25.84 23.82 -8.55
C GLY A 107 -26.60 23.37 -7.32
N TYR A 108 -26.45 24.04 -6.19
CA TYR A 108 -27.07 23.59 -4.95
C TYR A 108 -27.47 24.74 -4.04
N TYR A 109 -28.64 24.64 -3.44
CA TYR A 109 -29.10 25.63 -2.45
C TYR A 109 -29.88 24.89 -1.39
N GLN A 110 -29.71 25.28 -0.13
CA GLN A 110 -30.41 24.65 1.00
C GLN A 110 -30.79 25.69 2.01
N VAL A 111 -31.95 25.53 2.63
CA VAL A 111 -32.36 26.45 3.69
C VAL A 111 -33.35 25.72 4.58
N MET A 112 -33.30 26.00 5.87
CA MET A 112 -34.23 25.45 6.82
C MET A 112 -35.32 26.48 6.97
N LEU A 113 -36.54 26.09 6.67
CA LEU A 113 -37.69 26.98 6.82
C LEU A 113 -38.19 26.82 8.24
N LYS A 114 -38.17 27.91 9.00
CA LYS A 114 -38.22 27.84 10.46
C LYS A 114 -39.63 27.73 11.03
N ASP A 115 -40.59 28.42 10.42
CA ASP A 115 -41.96 28.46 10.94
C ASP A 115 -42.51 27.06 11.22
N GLU A 116 -42.24 26.11 10.33
CA GLU A 116 -42.69 24.73 10.49
C GLU A 116 -41.56 23.69 10.39
N ASN A 117 -40.30 24.14 10.48
CA ASN A 117 -39.16 23.22 10.59
C ASN A 117 -39.07 22.26 9.40
N ILE A 118 -39.18 22.82 8.19
CA ILE A 118 -39.07 22.06 6.95
C ILE A 118 -37.77 22.43 6.30
N ASN A 119 -37.03 21.43 5.85
CA ASN A 119 -35.78 21.64 5.18
C ASN A 119 -35.98 21.58 3.67
N ALA A 120 -35.52 22.62 2.98
CA ALA A 120 -35.61 22.74 1.53
C ALA A 120 -34.24 22.62 0.90
N GLU A 121 -34.10 21.76 -0.11
CA GLU A 121 -32.91 21.67 -0.94
C GLU A 121 -33.25 21.77 -2.43
N LEU A 122 -32.37 22.43 -3.20
CA LEU A 122 -32.61 22.74 -4.61
C LEU A 122 -31.38 22.42 -5.46
N THR A 123 -31.61 21.84 -6.63
CA THR A 123 -30.58 21.71 -7.66
C THR A 123 -31.27 21.79 -9.02
N THR A 124 -30.52 21.69 -10.12
CA THR A 124 -31.08 21.88 -11.46
C THR A 124 -30.34 21.09 -12.50
N THR A 125 -31.01 20.85 -13.62
CA THR A 125 -30.37 20.51 -14.89
C THR A 125 -30.52 21.73 -15.81
N GLN A 126 -30.10 21.61 -17.06
CA GLN A 126 -30.24 22.69 -18.03
C GLN A 126 -31.69 23.21 -18.12
N ARG A 127 -32.66 22.30 -18.07
CA ARG A 127 -34.06 22.65 -18.21
C ARG A 127 -35.00 22.13 -17.11
N ASN A 128 -34.47 21.60 -16.01
CA ASN A 128 -35.32 21.13 -14.90
C ASN A 128 -34.86 21.69 -13.57
N GLY A 129 -35.81 21.96 -12.69
CA GLY A 129 -35.55 22.26 -11.29
C GLY A 129 -35.90 21.03 -10.47
N ILE A 130 -35.06 20.69 -9.49
CA ILE A 130 -35.27 19.52 -8.64
C ILE A 130 -35.27 19.98 -7.20
N HIS A 131 -36.31 19.61 -6.46
CA HIS A 131 -36.50 20.03 -5.07
C HIS A 131 -36.48 18.79 -4.19
N ARG A 132 -36.02 18.97 -2.98
CA ARG A 132 -36.18 17.95 -1.96
C ARG A 132 -36.52 18.63 -0.66
N TYR A 133 -37.67 18.26 -0.11
CA TYR A 133 -38.21 18.84 1.08
C TYR A 133 -38.32 17.77 2.15
N GLN A 134 -37.83 18.05 3.36
CA GLN A 134 -37.88 17.13 4.49
C GLN A 134 -38.78 17.76 5.53
N TYR A 135 -39.90 17.10 5.81
CA TYR A 135 -40.89 17.56 6.81
C TYR A 135 -40.62 16.82 8.12
N PRO A 136 -40.95 17.43 9.27
CA PRO A 136 -40.87 16.70 10.53
C PRO A 136 -41.71 15.42 10.51
N ALA A 137 -41.20 14.37 11.13
CA ALA A 137 -41.98 13.16 11.40
C ALA A 137 -43.17 13.53 12.28
N GLY A 138 -44.31 12.93 12.00
CA GLY A 138 -45.55 13.32 12.67
C GLY A 138 -46.30 14.52 12.10
N LYS A 139 -45.75 15.20 11.09
CA LYS A 139 -46.44 16.34 10.46
C LYS A 139 -46.80 16.04 9.00
N ASP A 140 -47.88 16.65 8.53
CA ASP A 140 -48.36 16.44 7.15
C ASP A 140 -47.44 17.12 6.13
N ALA A 141 -47.26 16.47 4.97
CA ALA A 141 -46.51 17.05 3.86
C ALA A 141 -47.46 17.68 2.83
N GLU A 142 -47.28 18.98 2.58
CA GLU A 142 -48.02 19.68 1.52
C GLU A 142 -47.08 20.54 0.67
N ILE A 143 -47.48 20.75 -0.58
CA ILE A 143 -46.84 21.68 -1.49
C ILE A 143 -47.88 22.68 -1.99
N ILE A 144 -47.53 23.97 -1.91
CA ILE A 144 -48.33 25.01 -2.53
C ILE A 144 -47.66 25.45 -3.82
N LEU A 145 -48.46 25.48 -4.89
CA LEU A 145 -48.06 25.95 -6.20
C LEU A 145 -48.73 27.29 -6.41
N ASP A 146 -47.93 28.36 -6.56
CA ASP A 146 -48.46 29.70 -6.80
C ASP A 146 -48.10 30.14 -8.23
N MET A 147 -49.14 30.31 -9.06
CA MET A 147 -48.97 30.75 -10.45
C MET A 147 -49.17 32.25 -10.63
N ASP A 148 -49.47 32.94 -9.55
CA ASP A 148 -49.70 34.40 -9.58
C ASP A 148 -48.42 35.15 -9.21
N HIS A 149 -47.67 34.60 -8.24
CA HIS A 149 -46.42 35.18 -7.75
C HIS A 149 -45.54 35.58 -8.93
N SER A 150 -45.13 36.83 -8.96
CA SER A 150 -44.37 37.37 -10.06
C SER A 150 -43.64 38.62 -9.62
N ALA A 151 -42.90 39.21 -10.55
CA ALA A 151 -42.39 40.57 -10.38
C ALA A 151 -43.54 41.54 -10.18
N ASP A 152 -43.22 42.72 -9.67
CA ASP A 152 -44.21 43.73 -9.27
C ASP A 152 -45.18 44.03 -10.40
N LYS A 153 -46.48 43.86 -10.12
CA LYS A 153 -47.52 44.03 -11.14
C LYS A 153 -47.88 45.46 -11.43
N GLY A 154 -47.44 46.39 -10.58
CA GLY A 154 -47.56 47.81 -10.83
C GLY A 154 -46.55 48.40 -11.81
N SER A 155 -45.65 47.58 -12.37
CA SER A 155 -44.65 48.06 -13.34
C SER A 155 -44.89 47.38 -14.69
N TRP A 156 -44.61 48.11 -15.77
CA TRP A 156 -44.59 47.58 -17.15
C TRP A 156 -45.93 47.08 -17.68
N GLY A 157 -47.04 47.51 -17.07
CA GLY A 157 -48.37 47.01 -17.41
C GLY A 157 -48.55 45.52 -17.16
N ARG A 158 -47.83 45.00 -16.15
CA ARG A 158 -47.71 43.57 -15.97
C ARG A 158 -49.00 42.94 -15.47
N ARG A 159 -49.54 42.02 -16.24
CA ARG A 159 -50.65 41.19 -15.79
C ARG A 159 -50.57 39.80 -16.40
N ILE A 160 -51.18 38.85 -15.70
CA ILE A 160 -51.37 37.51 -16.20
C ILE A 160 -52.61 37.50 -17.11
N ILE A 161 -52.41 37.12 -18.37
CA ILE A 161 -53.46 37.08 -19.37
C ILE A 161 -54.29 35.83 -19.19
N ASN A 162 -53.62 34.70 -19.00
CA ASN A 162 -54.30 33.45 -18.68
C ASN A 162 -53.27 32.45 -18.12
N SER A 163 -53.77 31.45 -17.41
CA SER A 163 -52.95 30.39 -16.82
C SER A 163 -53.79 29.16 -16.54
N GLN A 164 -53.12 28.07 -16.18
CA GLN A 164 -53.76 26.79 -15.96
C GLN A 164 -52.93 25.98 -14.97
N ILE A 165 -53.62 25.27 -14.09
CA ILE A 165 -53.02 24.19 -13.34
C ILE A 165 -53.90 22.98 -13.61
N ARG A 166 -53.27 21.85 -13.92
CA ARG A 166 -53.96 20.65 -14.32
C ARG A 166 -53.31 19.41 -13.74
N ILE A 167 -54.03 18.74 -12.86
CA ILE A 167 -53.55 17.51 -12.23
C ILE A 167 -53.85 16.39 -13.21
N LEU A 168 -52.80 15.75 -13.71
CA LEU A 168 -52.92 14.68 -14.70
C LEU A 168 -53.16 13.32 -14.07
N ASN A 169 -52.53 13.07 -12.92
CA ASN A 169 -52.62 11.81 -12.20
C ASN A 169 -52.13 12.03 -10.76
N ASP A 170 -51.96 10.98 -9.96
CA ASP A 170 -51.57 11.20 -8.56
C ASP A 170 -50.11 11.68 -8.36
N HIS A 171 -49.30 11.68 -9.41
CA HIS A 171 -47.92 12.16 -9.30
C HIS A 171 -47.49 13.25 -10.32
N ALA A 172 -48.42 13.80 -11.11
CA ALA A 172 -48.06 14.69 -12.22
C ALA A 172 -49.02 15.87 -12.37
N VAL A 173 -48.46 17.06 -12.52
CA VAL A 173 -49.22 18.29 -12.68
C VAL A 173 -48.59 19.04 -13.84
N GLU A 174 -49.43 19.69 -14.64
CA GLU A 174 -48.95 20.51 -15.75
C GLU A 174 -49.72 21.80 -15.76
N GLY A 175 -49.19 22.79 -16.47
CA GLY A 175 -49.88 24.04 -16.64
C GLY A 175 -49.07 25.07 -17.39
N TYR A 176 -49.49 26.32 -17.29
CA TYR A 176 -48.81 27.41 -17.97
C TYR A 176 -49.30 28.72 -17.43
N ARG A 177 -48.58 29.77 -17.78
CA ARG A 177 -49.00 31.13 -17.50
C ARG A 177 -48.58 31.95 -18.70
N ILE A 178 -49.46 32.83 -19.16
CA ILE A 178 -49.10 33.82 -20.19
C ILE A 178 -49.16 35.17 -19.52
N ILE A 179 -48.07 35.92 -19.65
CA ILE A 179 -47.87 37.10 -18.81
C ILE A 179 -47.14 38.21 -19.55
N THR A 180 -47.47 39.44 -19.21
CA THR A 180 -46.85 40.60 -19.81
C THR A 180 -45.88 41.18 -18.79
N GLY A 181 -45.06 42.12 -19.24
CA GLY A 181 -44.17 42.84 -18.36
C GLY A 181 -43.08 43.52 -19.12
N TRP A 182 -41.88 43.50 -18.55
CA TRP A 182 -40.72 44.16 -19.15
C TRP A 182 -40.45 43.55 -20.52
N ALA A 183 -40.53 42.23 -20.61
CA ALA A 183 -40.78 41.55 -21.89
C ALA A 183 -42.28 41.64 -22.17
N LYS A 184 -42.66 42.02 -23.38
CA LYS A 184 -44.07 42.32 -23.69
C LYS A 184 -45.02 41.16 -23.47
N LEU A 185 -44.63 39.98 -23.91
CA LEU A 185 -45.45 38.79 -23.80
C LEU A 185 -44.58 37.56 -23.64
N ARG A 186 -44.80 36.82 -22.57
CA ARG A 186 -44.08 35.57 -22.34
C ARG A 186 -45.09 34.46 -22.05
N LYS A 187 -44.81 33.28 -22.58
CA LYS A 187 -45.57 32.08 -22.31
C LYS A 187 -44.67 31.07 -21.63
N ILE A 188 -45.05 30.65 -20.43
CA ILE A 188 -44.25 29.72 -19.64
C ILE A 188 -45.08 28.47 -19.34
N TYR A 189 -44.71 27.38 -20.00
CA TYR A 189 -45.37 26.09 -19.82
C TYR A 189 -44.53 25.25 -18.86
N PHE A 190 -45.19 24.47 -18.01
CA PHE A 190 -44.50 23.57 -17.09
C PHE A 190 -45.09 22.17 -17.02
N TYR A 191 -44.24 21.24 -16.60
CA TYR A 191 -44.58 19.86 -16.28
C TYR A 191 -43.84 19.52 -15.00
N MET A 192 -44.57 18.97 -14.03
CA MET A 192 -44.09 18.73 -12.68
C MET A 192 -44.49 17.36 -12.21
N GLU A 193 -43.56 16.66 -11.55
CA GLU A 193 -43.85 15.36 -10.91
C GLU A 193 -43.45 15.34 -9.43
N PHE A 194 -44.18 14.55 -8.65
CA PHE A 194 -43.87 14.34 -7.23
C PHE A 194 -43.43 12.89 -6.97
N SER A 195 -42.63 12.71 -5.92
CA SER A 195 -42.09 11.38 -5.59
C SER A 195 -43.05 10.57 -4.75
N SER A 196 -44.03 11.24 -4.14
CA SER A 196 -45.13 10.61 -3.41
C SER A 196 -46.48 10.97 -4.04
N PRO A 197 -47.46 10.05 -3.97
CA PRO A 197 -48.76 10.33 -4.59
C PRO A 197 -49.56 11.44 -3.88
N ILE A 198 -50.26 12.25 -4.67
CA ILE A 198 -51.14 13.29 -4.16
C ILE A 198 -52.37 12.60 -3.59
N LEU A 199 -52.71 12.88 -2.34
CA LEU A 199 -53.84 12.24 -1.69
C LEU A 199 -55.08 13.10 -1.78
N THR A 200 -54.96 14.38 -1.46
CA THR A 200 -56.01 15.35 -1.76
C THR A 200 -55.36 16.60 -2.29
N SER A 201 -56.21 17.49 -2.79
CA SER A 201 -55.74 18.71 -3.43
C SER A 201 -56.84 19.75 -3.49
N THR A 202 -56.41 20.98 -3.71
CA THR A 202 -57.32 22.11 -3.86
C THR A 202 -56.72 23.00 -4.93
N LEU A 203 -57.58 23.52 -5.79
CA LEU A 203 -57.20 24.49 -6.78
C LEU A 203 -58.07 25.71 -6.59
N ARG A 204 -57.52 26.88 -6.85
CA ARG A 204 -58.31 28.10 -6.79
C ARG A 204 -57.85 29.17 -7.75
N ASP A 205 -58.79 30.06 -8.04
CA ASP A 205 -58.58 31.26 -8.82
C ASP A 205 -59.19 32.35 -8.00
N GLY A 206 -58.37 33.09 -7.26
CA GLY A 206 -58.85 34.14 -6.36
C GLY A 206 -59.70 33.50 -5.29
N GLY A 207 -60.92 34.02 -5.09
CA GLY A 207 -61.90 33.47 -4.14
C GLY A 207 -62.67 32.24 -4.59
N ARG A 208 -62.46 31.80 -5.84
CA ARG A 208 -63.14 30.64 -6.39
C ARG A 208 -62.32 29.39 -6.08
N VAL A 209 -62.86 28.50 -5.26
CA VAL A 209 -62.12 27.36 -4.73
C VAL A 209 -62.79 26.09 -5.18
N HIS A 210 -62.00 25.13 -5.64
CA HIS A 210 -62.49 23.85 -6.11
C HIS A 210 -61.67 22.74 -5.49
N GLU A 211 -62.31 21.95 -4.63
CA GLU A 211 -61.67 20.89 -3.88
C GLU A 211 -61.56 19.67 -4.77
N ASN A 212 -60.42 19.00 -4.73
CA ASN A 212 -60.23 17.74 -5.45
C ASN A 212 -60.79 17.79 -6.89
N THR A 213 -60.32 18.79 -7.62
CA THR A 213 -60.73 19.06 -8.99
C THR A 213 -59.48 18.98 -9.86
N ALA A 214 -59.60 18.35 -11.02
CA ALA A 214 -58.42 18.02 -11.84
C ALA A 214 -57.80 19.19 -12.63
N VAL A 215 -58.54 20.29 -12.78
CA VAL A 215 -58.03 21.40 -13.59
C VAL A 215 -58.68 22.70 -13.20
N ILE A 216 -57.92 23.78 -13.36
CA ILE A 216 -58.45 25.12 -13.21
C ILE A 216 -57.77 26.06 -14.19
N ASN A 217 -58.54 27.02 -14.70
CA ASN A 217 -58.07 28.08 -15.58
C ASN A 217 -58.48 29.44 -15.04
N GLY A 218 -57.65 30.44 -15.28
CA GLY A 218 -57.87 31.79 -14.77
C GLY A 218 -56.59 32.61 -14.70
N THR A 219 -56.69 33.79 -14.10
CA THR A 219 -55.57 34.70 -14.02
C THR A 219 -54.86 34.75 -12.65
N ASN A 220 -55.41 34.10 -11.63
CA ASN A 220 -54.86 34.20 -10.26
C ASN A 220 -54.93 32.84 -9.59
N LEU A 221 -54.13 31.91 -10.09
CA LEU A 221 -54.27 30.50 -9.74
C LEU A 221 -53.30 30.01 -8.66
N HIS A 222 -53.82 29.17 -7.78
CA HIS A 222 -53.04 28.57 -6.70
C HIS A 222 -53.48 27.13 -6.50
N GLY A 223 -52.52 26.25 -6.28
CA GLY A 223 -52.79 24.85 -5.98
C GLY A 223 -52.21 24.49 -4.63
N CYS A 224 -52.86 23.55 -3.94
CA CYS A 224 -52.31 22.94 -2.73
C CYS A 224 -52.41 21.44 -2.91
N PHE A 225 -51.29 20.74 -2.78
CA PHE A 225 -51.26 19.29 -2.92
C PHE A 225 -50.86 18.68 -1.59
N ARG A 226 -51.60 17.66 -1.15
CA ARG A 226 -51.42 17.06 0.18
C ARG A 226 -51.01 15.61 0.05
N PHE A 227 -49.87 15.28 0.66
CA PHE A 227 -49.27 13.95 0.56
C PHE A 227 -49.43 13.12 1.82
N GLY A 228 -50.05 13.69 2.86
CA GLY A 228 -50.23 12.98 4.11
C GLY A 228 -48.95 12.88 4.90
N GLN A 229 -48.90 11.92 5.82
CA GLN A 229 -47.72 11.73 6.65
C GLN A 229 -46.70 10.89 5.89
N LEU A 230 -45.55 11.48 5.63
CA LEU A 230 -44.49 10.80 4.93
C LEU A 230 -43.35 10.46 5.85
N ASN A 231 -43.54 10.68 7.14
CA ASN A 231 -42.44 10.51 8.05
C ASN A 231 -41.75 9.18 7.90
N GLY A 232 -40.44 9.21 7.65
CA GLY A 232 -39.66 10.43 7.46
C GLY A 232 -39.07 10.61 6.06
N LYS A 233 -39.73 10.09 5.04
CA LYS A 233 -39.23 10.14 3.66
C LYS A 233 -39.32 11.57 3.14
N PRO A 234 -38.24 12.06 2.50
CA PRO A 234 -38.33 13.37 1.87
C PRO A 234 -39.23 13.33 0.64
N LEU A 235 -39.87 14.46 0.34
CA LEU A 235 -40.62 14.63 -0.90
C LEU A 235 -39.71 15.27 -1.94
N THR A 236 -39.52 14.59 -3.06
CA THR A 236 -38.78 15.12 -4.18
C THR A 236 -39.74 15.62 -5.26
N CYS A 237 -39.52 16.84 -5.75
CA CYS A 237 -40.30 17.43 -6.85
C CYS A 237 -39.40 17.74 -8.03
N LYS A 238 -39.87 17.45 -9.24
CA LYS A 238 -39.17 17.80 -10.46
C LYS A 238 -40.08 18.70 -11.28
N VAL A 239 -39.51 19.79 -11.81
CA VAL A 239 -40.26 20.79 -12.56
C VAL A 239 -39.46 21.14 -13.79
N ALA A 240 -40.05 20.94 -14.97
CA ALA A 240 -39.47 21.37 -16.24
C ALA A 240 -40.31 22.48 -16.85
N LEU A 241 -39.66 23.35 -17.62
CA LEU A 241 -40.29 24.49 -18.27
C LEU A 241 -40.10 24.45 -19.78
N SER A 242 -40.91 25.23 -20.46
CA SER A 242 -40.76 25.49 -21.90
C SER A 242 -41.40 26.82 -22.24
N SER A 243 -40.86 27.48 -23.26
CA SER A 243 -41.48 28.69 -23.80
C SER A 243 -42.58 28.36 -24.82
N VAL A 244 -42.76 27.07 -25.16
CA VAL A 244 -43.59 26.62 -26.25
C VAL A 244 -44.79 25.75 -25.81
N SER A 245 -44.58 24.68 -25.07
CA SER A 245 -45.68 23.78 -24.72
C SER A 245 -45.43 22.90 -23.52
N MET A 246 -46.51 22.41 -22.91
CA MET A 246 -46.42 21.40 -21.84
C MET A 246 -45.78 20.10 -22.31
N GLU A 247 -46.03 19.71 -23.55
CA GLU A 247 -45.42 18.52 -24.14
C GLU A 247 -43.90 18.65 -24.17
N ASN A 248 -43.44 19.79 -24.66
CA ASN A 248 -42.01 20.07 -24.67
C ASN A 248 -41.38 19.99 -23.28
N ALA A 249 -42.03 20.60 -22.30
CA ALA A 249 -41.56 20.56 -20.92
C ALA A 249 -41.43 19.13 -20.42
N ARG A 250 -42.46 18.31 -20.66
CA ARG A 250 -42.43 16.90 -20.27
C ARG A 250 -41.25 16.19 -20.91
N GLN A 251 -41.07 16.39 -22.21
CA GLN A 251 -39.95 15.82 -22.94
C GLN A 251 -38.60 16.30 -22.40
N ASN A 252 -38.55 17.54 -21.94
CA ASN A 252 -37.36 18.08 -21.28
C ASN A 252 -37.03 17.30 -20.03
N MET A 253 -38.06 16.96 -19.25
CA MET A 253 -37.88 16.12 -18.08
C MET A 253 -37.47 14.69 -18.42
N GLU A 254 -38.11 14.08 -19.42
CA GLU A 254 -37.77 12.71 -19.82
C GLU A 254 -36.29 12.58 -20.20
N GLN A 255 -35.79 13.54 -20.98
CA GLN A 255 -34.41 13.49 -21.43
C GLN A 255 -33.39 13.80 -20.34
N GLU A 256 -33.64 14.83 -19.54
CA GLU A 256 -32.63 15.36 -18.63
C GLU A 256 -32.78 14.88 -17.21
N ALA A 257 -33.99 14.53 -16.79
CA ALA A 257 -34.26 14.25 -15.39
C ALA A 257 -35.26 13.11 -15.19
N PRO A 258 -35.00 11.94 -15.79
CA PRO A 258 -35.95 10.81 -15.64
C PRO A 258 -35.94 10.17 -14.24
N HIS A 259 -34.79 10.19 -13.57
CA HIS A 259 -34.61 9.49 -12.30
C HIS A 259 -35.04 10.32 -11.11
N TRP A 260 -34.93 9.73 -9.92
CA TRP A 260 -35.37 10.33 -8.66
C TRP A 260 -34.28 10.38 -7.57
N ASP A 261 -33.02 10.15 -7.96
CA ASP A 261 -31.87 10.31 -7.08
C ASP A 261 -31.44 11.79 -7.00
N PHE A 262 -31.87 12.47 -5.94
CA PHE A 262 -31.59 13.90 -5.75
C PHE A 262 -30.09 14.19 -5.66
N ASP A 263 -29.39 13.43 -4.83
CA ASP A 263 -27.94 13.59 -4.65
C ASP A 263 -27.15 13.41 -5.94
N ARG A 264 -27.63 12.52 -6.81
CA ARG A 264 -27.04 12.32 -8.11
C ARG A 264 -27.21 13.56 -9.01
N TYR A 265 -28.38 14.21 -8.98
CA TYR A 265 -28.56 15.49 -9.72
C TYR A 265 -27.61 16.54 -9.19
N VAL A 266 -27.52 16.63 -7.86
CA VAL A 266 -26.62 17.56 -7.20
C VAL A 266 -25.19 17.34 -7.69
N ALA A 267 -24.78 16.08 -7.78
CA ALA A 267 -23.39 15.76 -8.11
C ALA A 267 -23.07 16.08 -9.56
N ALA A 268 -24.03 15.83 -10.45
CA ALA A 268 -23.85 16.17 -11.86
C ALA A 268 -23.78 17.69 -12.08
N ALA A 269 -24.55 18.45 -11.31
CA ALA A 269 -24.52 19.90 -11.42
C ALA A 269 -23.16 20.41 -10.98
N ASP A 270 -22.67 19.90 -9.86
CA ASP A 270 -21.35 20.25 -9.34
C ASP A 270 -20.25 19.88 -10.32
N ALA A 271 -20.33 18.69 -10.90
CA ALA A 271 -19.33 18.24 -11.89
C ALA A 271 -19.33 19.15 -13.11
N ASP A 272 -20.52 19.51 -13.57
CA ASP A 272 -20.73 20.42 -14.71
C ASP A 272 -20.10 21.78 -14.41
N TRP A 273 -20.37 22.29 -13.21
CA TRP A 273 -19.75 23.56 -12.80
C TRP A 273 -18.23 23.51 -12.62
N GLU A 274 -17.71 22.36 -12.17
CA GLU A 274 -16.25 22.15 -12.03
C GLU A 274 -15.56 22.22 -13.40
N LYS A 275 -16.15 21.61 -14.43
CA LYS A 275 -15.61 21.72 -15.79
C LYS A 275 -15.67 23.18 -16.32
N GLN A 276 -16.75 23.89 -16.02
CA GLN A 276 -16.94 25.28 -16.48
C GLN A 276 -15.95 26.25 -15.86
N LEU A 277 -15.91 26.21 -14.54
CA LEU A 277 -15.03 27.08 -13.77
C LEU A 277 -13.55 26.70 -13.95
N GLY A 278 -13.29 25.41 -14.22
CA GLY A 278 -11.95 24.92 -14.51
C GLY A 278 -11.29 25.45 -15.79
N LYS A 279 -12.05 26.17 -16.62
CA LYS A 279 -11.51 26.82 -17.81
C LYS A 279 -10.49 27.90 -17.46
N ILE A 280 -10.53 28.40 -16.23
CA ILE A 280 -9.46 29.23 -15.69
C ILE A 280 -9.00 28.72 -14.32
N GLU A 281 -7.79 28.16 -14.27
CA GLU A 281 -7.14 27.75 -13.01
CA GLU A 281 -7.15 27.78 -13.01
C GLU A 281 -6.35 28.96 -12.50
N VAL A 282 -6.61 29.38 -11.27
CA VAL A 282 -5.94 30.55 -10.71
C VAL A 282 -5.25 30.24 -9.40
N LYS A 283 -4.22 31.03 -9.10
CA LYS A 283 -3.49 30.95 -7.84
C LYS A 283 -3.49 32.34 -7.22
N GLY A 284 -3.91 32.41 -5.97
CA GLY A 284 -3.86 33.67 -5.21
C GLY A 284 -4.26 33.38 -3.79
N THR A 285 -4.60 34.41 -3.02
CA THR A 285 -5.10 34.20 -1.66
C THR A 285 -6.45 33.46 -1.72
N GLU A 286 -6.91 33.00 -0.56
CA GLU A 286 -8.18 32.27 -0.52
C GLU A 286 -9.37 33.23 -0.81
N VAL A 287 -9.29 34.46 -0.29
CA VAL A 287 -10.30 35.47 -0.54
C VAL A 287 -10.33 35.82 -2.04
N GLN A 288 -9.16 35.99 -2.66
CA GLN A 288 -9.12 36.27 -4.11
C GLN A 288 -9.75 35.18 -4.96
N LYS A 289 -9.52 33.93 -4.61
CA LYS A 289 -10.09 32.82 -5.36
C LYS A 289 -11.61 32.76 -5.18
N GLU A 290 -12.09 33.07 -3.98
CA GLU A 290 -13.51 33.18 -3.72
C GLU A 290 -14.13 34.30 -4.60
N ILE A 291 -13.54 35.48 -4.57
CA ILE A 291 -14.07 36.59 -5.36
C ILE A 291 -13.96 36.27 -6.84
N PHE A 292 -12.84 35.71 -7.25
CA PHE A 292 -12.62 35.42 -8.68
C PHE A 292 -13.56 34.34 -9.25
N TYR A 293 -13.69 33.19 -8.57
CA TYR A 293 -14.54 32.11 -9.08
C TYR A 293 -16.02 32.43 -8.95
N THR A 294 -16.39 33.22 -7.95
CA THR A 294 -17.76 33.71 -7.87
C THR A 294 -18.08 34.64 -9.04
N ALA A 295 -17.18 35.58 -9.33
CA ALA A 295 -17.36 36.45 -10.48
C ALA A 295 -17.47 35.60 -11.74
N LEU A 296 -16.59 34.61 -11.90
CA LEU A 296 -16.62 33.77 -13.09
C LEU A 296 -17.94 32.99 -13.22
N TYR A 297 -18.45 32.52 -12.10
CA TYR A 297 -19.77 31.87 -12.04
C TYR A 297 -20.88 32.81 -12.54
N HIS A 298 -20.84 34.04 -12.07
CA HIS A 298 -21.80 35.05 -12.48
C HIS A 298 -21.82 35.36 -13.97
N THR A 299 -20.71 35.18 -14.65
CA THR A 299 -20.67 35.34 -16.09
C THR A 299 -21.27 34.16 -16.83
N MET A 300 -21.39 33.01 -16.17
CA MET A 300 -21.76 31.75 -16.84
C MET A 300 -23.19 31.26 -16.57
N ILE A 301 -23.94 32.04 -15.80
CA ILE A 301 -25.33 31.72 -15.50
C ILE A 301 -26.33 32.36 -16.47
N GLN A 302 -25.81 33.09 -17.46
CA GLN A 302 -26.59 33.57 -18.61
C GLN A 302 -25.59 33.95 -19.71
N PRO A 303 -25.96 34.05 -20.99
CA PRO A 303 -27.29 33.89 -21.53
C PRO A 303 -28.00 32.59 -21.23
N ASN A 304 -29.33 32.62 -21.27
CA ASN A 304 -30.14 31.50 -20.85
C ASN A 304 -30.66 30.68 -22.02
N THR A 305 -30.62 29.36 -21.83
CA THR A 305 -31.18 28.41 -22.78
C THR A 305 -32.66 28.68 -22.91
N MET A 306 -33.13 28.85 -24.13
CA MET A 306 -34.56 29.05 -24.38
C MET A 306 -35.20 27.89 -25.16
N SER A 307 -34.46 27.29 -26.09
CA SER A 307 -35.01 26.18 -26.84
C SER A 307 -35.13 24.94 -25.97
N ASP A 308 -36.14 24.13 -26.28
CA ASP A 308 -36.40 22.87 -25.62
C ASP A 308 -35.50 21.78 -26.19
N VAL A 309 -35.50 20.59 -25.59
CA VAL A 309 -34.62 19.49 -26.07
C VAL A 309 -34.94 19.08 -27.51
N ASN A 310 -36.17 19.30 -27.96
CA ASN A 310 -36.53 19.08 -29.38
C ASN A 310 -36.18 20.25 -30.32
N GLY A 311 -35.51 21.28 -29.78
CA GLY A 311 -35.07 22.42 -30.56
C GLY A 311 -36.06 23.55 -30.74
N GLU A 312 -37.29 23.39 -30.21
CA GLU A 312 -38.33 24.39 -30.43
C GLU A 312 -38.18 25.57 -29.47
N TYR A 313 -38.61 26.73 -29.92
CA TYR A 313 -38.55 27.96 -29.12
C TYR A 313 -39.60 28.95 -29.62
N MET A 314 -39.99 29.90 -28.77
CA MET A 314 -40.79 31.03 -29.24
C MET A 314 -39.86 32.09 -29.82
N ALA A 315 -40.08 32.42 -31.09
CA ALA A 315 -39.31 33.41 -31.82
C ALA A 315 -39.85 34.79 -31.57
N ALA A 316 -39.14 35.80 -32.05
CA ALA A 316 -39.44 37.20 -31.80
C ALA A 316 -40.67 37.72 -32.54
N ASP A 317 -41.21 36.93 -33.48
CA ASP A 317 -42.55 37.14 -34.05
C ASP A 317 -43.66 36.35 -33.34
N TYR A 318 -43.34 35.85 -32.14
CA TYR A 318 -44.26 35.09 -31.29
C TYR A 318 -44.73 33.78 -31.88
N THR A 319 -44.01 33.26 -32.89
CA THR A 319 -44.33 31.98 -33.50
C THR A 319 -43.38 30.92 -32.99
N THR A 320 -43.82 29.68 -33.05
CA THR A 320 -43.03 28.55 -32.61
C THR A 320 -42.14 28.15 -33.77
N ARG A 321 -40.83 28.10 -33.52
CA ARG A 321 -39.85 27.68 -34.52
C ARG A 321 -38.92 26.65 -33.91
N LYS A 322 -38.06 26.07 -34.74
CA LYS A 322 -37.14 25.01 -34.35
C LYS A 322 -35.72 25.32 -34.85
N VAL A 323 -34.73 25.19 -33.97
CA VAL A 323 -33.34 25.22 -34.40
C VAL A 323 -32.89 23.84 -34.93
N ALA A 324 -31.76 23.80 -35.62
CA ALA A 324 -31.14 22.51 -36.02
C ALA A 324 -30.66 21.70 -34.82
N ASN A 325 -30.43 20.41 -35.03
CA ASN A 325 -30.23 19.44 -33.92
C ASN A 325 -29.00 19.68 -33.04
N ASN A 326 -27.97 20.29 -33.63
CA ASN A 326 -26.74 20.63 -32.90
C ASN A 326 -26.67 22.11 -32.41
N GLU A 327 -27.81 22.80 -32.44
CA GLU A 327 -27.89 24.21 -32.08
C GLU A 327 -28.77 24.36 -30.85
N THR A 328 -28.57 25.45 -30.13
CA THR A 328 -29.36 25.85 -28.99
C THR A 328 -29.72 27.33 -29.16
N HIS A 329 -30.99 27.68 -28.90
CA HIS A 329 -31.46 29.06 -28.98
C HIS A 329 -31.32 29.65 -27.59
N TYR A 330 -30.70 30.81 -27.50
CA TYR A 330 -30.45 31.48 -26.24
C TYR A 330 -31.15 32.83 -26.22
N THR A 331 -31.37 33.34 -25.01
CA THR A 331 -31.81 34.71 -24.84
C THR A 331 -31.21 35.24 -23.54
N THR A 332 -31.69 36.41 -23.10
CA THR A 332 -31.11 37.15 -21.97
C THR A 332 -29.77 37.77 -22.38
N PHE A 333 -29.86 38.81 -23.21
CA PHE A 333 -28.73 39.55 -23.74
C PHE A 333 -28.80 40.98 -23.22
N SER A 334 -28.11 41.27 -22.11
CA SER A 334 -28.15 42.61 -21.48
C SER A 334 -27.09 43.48 -22.13
N LEU A 335 -27.27 43.73 -23.42
CA LEU A 335 -26.16 44.07 -24.31
C LEU A 335 -25.46 45.39 -24.02
N TRP A 336 -26.18 46.41 -23.56
CA TRP A 336 -25.55 47.69 -23.20
C TRP A 336 -24.43 47.48 -22.19
N ASP A 337 -24.61 46.50 -21.33
CA ASP A 337 -23.59 46.08 -20.37
C ASP A 337 -22.60 45.08 -20.98
N THR A 338 -23.11 43.98 -21.53
CA THR A 338 -22.32 42.80 -21.77
C THR A 338 -21.44 42.87 -23.03
N PHE A 339 -21.71 43.82 -23.92
CA PHE A 339 -20.83 43.97 -25.09
C PHE A 339 -19.42 44.41 -24.68
N ARG A 340 -19.33 45.11 -23.56
CA ARG A 340 -18.05 45.61 -23.06
C ARG A 340 -17.02 44.60 -22.57
N ALA A 341 -17.42 43.65 -21.74
CA ALA A 341 -16.49 42.65 -21.23
C ALA A 341 -16.97 41.21 -21.26
N SER A 342 -18.23 41.00 -20.94
CA SER A 342 -18.79 39.66 -20.88
C SER A 342 -18.74 38.93 -22.20
N HIS A 343 -19.10 39.61 -23.27
CA HIS A 343 -19.03 38.94 -24.57
C HIS A 343 -17.59 38.65 -25.04
N PRO A 344 -16.67 39.58 -24.80
CA PRO A 344 -15.25 39.26 -25.03
C PRO A 344 -14.77 38.05 -24.21
N LEU A 345 -15.15 37.97 -22.95
CA LEU A 345 -14.84 36.78 -22.16
C LEU A 345 -15.37 35.49 -22.76
N TYR A 346 -16.59 35.52 -23.33
CA TYR A 346 -17.15 34.31 -23.95
C TYR A 346 -16.39 33.91 -25.19
N THR A 347 -15.79 34.86 -25.91
CA THR A 347 -14.94 34.51 -27.07
C THR A 347 -13.69 33.71 -26.65
N LEU A 348 -13.20 33.98 -25.45
CA LEU A 348 -12.06 33.26 -24.89
C LEU A 348 -12.47 31.88 -24.38
N LEU A 349 -13.50 31.81 -23.55
CA LEU A 349 -13.86 30.57 -22.84
C LEU A 349 -14.98 29.73 -23.46
N GLU A 350 -15.81 30.30 -24.33
CA GLU A 350 -17.08 29.66 -24.79
C GLU A 350 -17.35 29.85 -26.28
N PRO A 351 -16.31 29.68 -27.13
CA PRO A 351 -16.50 29.90 -28.58
C PRO A 351 -17.67 29.11 -29.20
N GLU A 352 -17.89 27.89 -28.73
CA GLU A 352 -18.96 27.05 -29.27
C GLU A 352 -20.32 27.67 -28.91
N ARG A 353 -20.47 28.11 -27.67
CA ARG A 353 -21.69 28.83 -27.29
C ARG A 353 -21.83 30.18 -28.01
N VAL A 354 -20.73 30.88 -28.26
CA VAL A 354 -20.78 32.18 -28.94
C VAL A 354 -21.45 32.05 -30.33
N THR A 355 -21.19 30.97 -31.03
CA THR A 355 -21.87 30.74 -32.30
C THR A 355 -23.39 30.69 -32.17
N ASP A 356 -23.88 30.02 -31.13
CA ASP A 356 -25.31 30.00 -30.82
C ASP A 356 -25.85 31.35 -30.34
N PHE A 357 -25.07 32.09 -29.55
CA PHE A 357 -25.47 33.44 -29.14
C PHE A 357 -25.68 34.32 -30.38
N VAL A 358 -24.72 34.28 -31.31
CA VAL A 358 -24.78 35.07 -32.54
C VAL A 358 -25.94 34.63 -33.43
N LYS A 359 -26.08 33.32 -33.64
CA LYS A 359 -27.24 32.77 -34.37
C LYS A 359 -28.58 33.21 -33.76
N SER A 360 -28.63 33.22 -32.43
CA SER A 360 -29.82 33.65 -31.70
C SER A 360 -30.13 35.13 -31.93
N MET A 361 -29.09 35.97 -31.87
CA MET A 361 -29.27 37.39 -32.19
C MET A 361 -29.79 37.59 -33.61
N ILE A 362 -29.26 36.81 -34.56
CA ILE A 362 -29.61 36.94 -35.97
C ILE A 362 -31.08 36.53 -36.23
N ARG A 363 -31.57 35.54 -35.47
CA ARG A 363 -32.97 35.17 -35.52
C ARG A 363 -33.90 36.34 -35.20
N GLN A 364 -33.52 37.22 -34.27
CA GLN A 364 -34.35 38.41 -34.04
C GLN A 364 -34.38 39.26 -35.30
N TYR A 365 -33.23 39.47 -35.95
CA TYR A 365 -33.23 40.24 -37.18
C TYR A 365 -34.16 39.59 -38.22
N GLU A 366 -34.05 38.27 -38.35
CA GLU A 366 -34.82 37.55 -39.35
C GLU A 366 -36.34 37.66 -39.14
N TYR A 367 -36.79 37.59 -37.89
CA TYR A 367 -38.22 37.55 -37.60
C TYR A 367 -38.82 38.86 -37.12
N TYR A 368 -37.97 39.81 -36.68
CA TYR A 368 -38.39 41.10 -36.13
C TYR A 368 -38.00 42.32 -36.98
N GLY A 369 -36.88 42.22 -37.74
CA GLY A 369 -36.43 43.32 -38.61
C GLY A 369 -35.12 44.00 -38.24
N TYR A 370 -34.67 43.85 -37.00
CA TYR A 370 -33.34 44.32 -36.59
C TYR A 370 -32.82 43.55 -35.38
N LEU A 371 -31.51 43.65 -35.13
CA LEU A 371 -30.85 42.89 -34.08
C LEU A 371 -31.24 43.36 -32.70
N PRO A 372 -30.99 42.52 -31.66
CA PRO A 372 -31.38 42.90 -30.31
C PRO A 372 -30.66 44.11 -29.74
N ILE A 373 -31.40 44.91 -28.98
CA ILE A 373 -30.88 46.03 -28.21
C ILE A 373 -30.73 45.57 -26.76
N TRP A 374 -31.80 45.03 -26.20
CA TRP A 374 -31.76 44.34 -24.92
C TRP A 374 -32.81 43.25 -24.97
N GLN A 375 -32.39 41.98 -24.90
CA GLN A 375 -33.29 40.86 -25.14
C GLN A 375 -33.60 40.04 -23.90
N LEU A 376 -34.88 39.73 -23.76
CA LEU A 376 -35.48 39.11 -22.60
C LEU A 376 -36.56 38.16 -23.11
N TRP A 377 -36.49 36.90 -22.70
CA TRP A 377 -37.44 35.89 -23.12
C TRP A 377 -37.75 35.94 -24.63
N GLY A 378 -36.69 35.97 -25.42
CA GLY A 378 -36.76 35.87 -26.87
C GLY A 378 -37.22 37.12 -27.62
N GLN A 379 -37.30 38.27 -26.95
CA GLN A 379 -37.81 39.51 -27.58
C GLN A 379 -37.14 40.77 -27.04
N ASP A 380 -37.17 41.81 -27.86
CA ASP A 380 -36.54 43.06 -27.50
C ASP A 380 -37.40 43.87 -26.54
N ASN A 381 -36.78 44.49 -25.54
CA ASN A 381 -37.45 45.50 -24.71
C ASN A 381 -36.81 46.91 -24.81
N TYR A 382 -35.84 47.08 -25.70
CA TYR A 382 -35.25 48.40 -26.01
C TYR A 382 -34.59 49.11 -24.82
N CYS A 383 -34.25 48.36 -23.77
CA CYS A 383 -33.66 48.97 -22.57
C CYS A 383 -32.30 49.56 -22.95
N MET A 384 -32.00 50.75 -22.42
CA MET A 384 -30.73 51.47 -22.62
C MET A 384 -30.60 51.97 -24.06
N ILE A 385 -29.39 51.94 -24.64
CA ILE A 385 -29.11 52.60 -25.92
C ILE A 385 -28.14 51.79 -26.76
N GLY A 386 -27.92 52.25 -27.99
CA GLY A 386 -27.07 51.57 -28.93
C GLY A 386 -27.74 50.40 -29.63
N ASN A 387 -26.99 49.81 -30.57
CA ASN A 387 -27.34 48.57 -31.23
C ASN A 387 -26.18 47.61 -31.03
N HIS A 388 -26.04 47.21 -29.76
CA HIS A 388 -24.83 46.57 -29.28
C HIS A 388 -24.75 45.05 -29.42
N SER A 389 -25.65 44.46 -30.20
CA SER A 389 -25.39 43.18 -30.84
C SER A 389 -24.23 43.33 -31.81
N ILE A 390 -24.12 44.50 -32.41
CA ILE A 390 -23.19 44.69 -33.54
C ILE A 390 -21.72 44.44 -33.16
N PRO A 391 -21.22 45.04 -32.07
CA PRO A 391 -19.87 44.71 -31.60
C PRO A 391 -19.67 43.21 -31.28
N VAL A 392 -20.67 42.59 -30.67
CA VAL A 392 -20.62 41.18 -30.32
C VAL A 392 -20.49 40.33 -31.58
N ILE A 393 -21.33 40.59 -32.57
CA ILE A 393 -21.32 39.81 -33.80
C ILE A 393 -20.06 40.09 -34.62
N THR A 394 -19.65 41.35 -34.67
CA THR A 394 -18.42 41.76 -35.35
C THR A 394 -17.20 41.11 -34.70
N ASP A 395 -17.10 41.20 -33.38
CA ASP A 395 -15.97 40.64 -32.63
C ASP A 395 -15.83 39.12 -32.88
N ALA A 396 -16.94 38.39 -32.88
CA ALA A 396 -16.90 36.95 -33.11
C ALA A 396 -16.40 36.63 -34.51
N ILE A 397 -16.90 37.35 -35.51
CA ILE A 397 -16.49 37.13 -36.90
C ILE A 397 -15.03 37.49 -37.10
N LEU A 398 -14.60 38.67 -36.64
CA LEU A 398 -13.20 39.08 -36.85
C LEU A 398 -12.24 38.09 -36.20
N LYS A 399 -12.59 37.59 -35.01
CA LYS A 399 -11.83 36.59 -34.30
C LYS A 399 -11.84 35.19 -34.92
N GLY A 400 -12.71 34.93 -35.90
CA GLY A 400 -12.82 33.60 -36.50
C GLY A 400 -13.50 32.53 -35.67
N ILE A 401 -14.43 32.95 -34.79
CA ILE A 401 -15.33 32.01 -34.12
C ILE A 401 -16.04 31.20 -35.23
N PRO A 402 -15.90 29.88 -35.21
CA PRO A 402 -16.42 29.10 -36.36
C PRO A 402 -17.93 28.93 -36.40
N GLY A 403 -18.44 28.62 -37.60
CA GLY A 403 -19.84 28.26 -37.79
C GLY A 403 -20.83 29.39 -38.03
N ILE A 404 -20.34 30.61 -38.16
CA ILE A 404 -21.18 31.78 -38.39
C ILE A 404 -21.26 32.09 -39.87
N ASP A 405 -22.47 32.14 -40.41
CA ASP A 405 -22.71 32.61 -41.78
C ASP A 405 -22.44 34.13 -41.85
N MET A 406 -21.35 34.51 -42.49
CA MET A 406 -20.88 35.88 -42.45
C MET A 406 -21.73 36.81 -43.31
N GLU A 407 -22.20 36.33 -44.46
CA GLU A 407 -23.08 37.15 -45.33
C GLU A 407 -24.44 37.42 -44.66
N LYS A 408 -25.04 36.40 -44.05
CA LYS A 408 -26.29 36.57 -43.28
C LYS A 408 -26.05 37.49 -42.07
N ALA A 409 -24.93 37.29 -41.37
CA ALA A 409 -24.58 38.16 -40.25
C ALA A 409 -24.41 39.61 -40.70
N TYR A 410 -23.77 39.81 -41.84
CA TYR A 410 -23.57 41.17 -42.36
C TYR A 410 -24.90 41.82 -42.76
N GLU A 411 -25.75 41.08 -43.45
CA GLU A 411 -27.10 41.55 -43.76
C GLU A 411 -27.84 42.06 -42.50
N ALA A 412 -27.82 41.25 -41.44
CA ALA A 412 -28.44 41.63 -40.17
C ALA A 412 -27.82 42.89 -39.56
N VAL A 413 -26.48 42.97 -39.56
CA VAL A 413 -25.76 44.12 -38.98
C VAL A 413 -26.01 45.38 -39.82
N TYR A 414 -25.86 45.25 -41.13
CA TYR A 414 -26.12 46.35 -42.05
C TYR A 414 -27.55 46.88 -41.94
N ASN A 415 -28.53 46.00 -42.09
CA ASN A 415 -29.93 46.41 -42.04
C ASN A 415 -30.34 47.00 -40.69
N SER A 416 -29.74 46.51 -39.60
CA SER A 416 -29.98 47.09 -38.27
C SER A 416 -29.36 48.47 -38.09
N SER A 417 -28.42 48.82 -38.95
CA SER A 417 -27.71 50.11 -38.91
C SER A 417 -28.27 51.16 -39.88
N VAL A 418 -29.12 50.74 -40.82
CA VAL A 418 -29.76 51.66 -41.76
C VAL A 418 -31.29 51.72 -41.66
N THR A 419 -31.91 50.76 -40.98
CA THR A 419 -33.36 50.72 -40.81
C THR A 419 -33.70 51.40 -39.49
N SER A 420 -34.28 52.59 -39.56
CA SER A 420 -34.56 53.36 -38.36
C SER A 420 -35.57 52.65 -37.46
N HIS A 421 -35.45 52.88 -36.16
CA HIS A 421 -36.23 52.19 -35.16
C HIS A 421 -36.12 52.98 -33.83
N PRO A 422 -36.86 52.59 -32.78
CA PRO A 422 -36.82 53.45 -31.60
C PRO A 422 -35.38 53.70 -31.09
N ASN A 423 -35.09 54.97 -30.79
CA ASN A 423 -33.76 55.47 -30.39
C ASN A 423 -32.64 55.40 -31.46
N SER A 424 -33.00 55.02 -32.68
CA SER A 424 -32.07 54.99 -33.79
C SER A 424 -32.72 55.64 -35.01
N PRO A 425 -32.80 56.97 -35.01
CA PRO A 425 -33.26 57.69 -36.19
C PRO A 425 -32.11 57.90 -37.17
N PHE A 426 -31.91 56.95 -38.08
CA PHE A 426 -30.69 56.95 -38.88
C PHE A 426 -30.64 58.05 -39.92
N GLU A 427 -31.80 58.53 -40.39
CA GLU A 427 -31.85 59.63 -41.36
C GLU A 427 -31.46 60.94 -40.68
N VAL A 428 -31.84 61.10 -39.43
CA VAL A 428 -31.42 62.24 -38.61
C VAL A 428 -29.89 62.17 -38.44
N TRP A 429 -29.44 60.98 -38.04
CA TRP A 429 -28.04 60.66 -37.81
C TRP A 429 -27.16 61.08 -38.98
N GLU A 430 -27.50 60.63 -40.18
CA GLU A 430 -26.68 60.94 -41.37
C GLU A 430 -26.84 62.37 -41.94
N LYS A 431 -27.95 63.03 -41.62
CA LYS A 431 -28.16 64.40 -42.05
C LYS A 431 -27.39 65.39 -41.17
N TYR A 432 -27.43 65.20 -39.85
CA TYR A 432 -26.81 66.12 -38.91
C TYR A 432 -25.34 65.76 -38.58
N GLY A 433 -24.98 64.49 -38.71
CA GLY A 433 -23.70 63.99 -38.19
C GLY A 433 -23.63 63.93 -36.67
N PHE A 434 -24.78 63.86 -36.03
CA PHE A 434 -24.93 63.70 -34.59
C PHE A 434 -26.44 63.57 -34.28
N MET A 435 -26.78 63.23 -33.04
CA MET A 435 -28.16 63.22 -32.61
C MET A 435 -28.42 64.58 -31.97
N PRO A 436 -29.34 65.38 -32.55
CA PRO A 436 -29.70 66.63 -31.89
C PRO A 436 -30.61 66.34 -30.70
N GLU A 437 -30.33 66.96 -29.54
CA GLU A 437 -31.06 66.65 -28.30
C GLU A 437 -32.57 66.93 -28.37
N ASN A 438 -32.93 68.00 -29.04
CA ASN A 438 -34.33 68.36 -29.29
C ASN A 438 -35.08 67.42 -30.25
N ILE A 439 -34.37 66.58 -31.00
CA ILE A 439 -35.00 65.54 -31.82
C ILE A 439 -34.93 64.14 -31.20
N GLN A 440 -33.77 63.80 -30.63
CA GLN A 440 -33.56 62.48 -30.00
C GLN A 440 -32.87 62.71 -28.67
N THR A 441 -33.52 62.33 -27.58
CA THR A 441 -32.97 62.51 -26.27
C THR A 441 -31.91 61.42 -25.96
N GLN A 442 -31.21 61.55 -24.84
CA GLN A 442 -29.96 60.78 -24.61
C GLN A 442 -28.97 60.96 -25.79
N SER A 443 -28.96 62.17 -26.38
CA SER A 443 -28.28 62.43 -27.63
C SER A 443 -26.76 62.25 -27.62
N VAL A 444 -26.09 62.65 -26.52
CA VAL A 444 -24.63 62.60 -26.50
C VAL A 444 -24.18 61.16 -26.27
N SER A 445 -24.76 60.49 -25.28
CA SER A 445 -24.51 59.08 -25.07
C SER A 445 -24.81 58.24 -26.31
N ILE A 446 -25.91 58.52 -27.02
CA ILE A 446 -26.22 57.74 -28.22
C ILE A 446 -25.23 58.04 -29.32
N THR A 447 -24.88 59.30 -29.49
CA THR A 447 -23.95 59.69 -30.53
C THR A 447 -22.61 58.94 -30.37
N LEU A 448 -22.09 58.92 -29.14
CA LEU A 448 -20.84 58.21 -28.86
C LEU A 448 -20.97 56.70 -29.06
N GLU A 449 -21.96 56.07 -28.43
CA GLU A 449 -22.09 54.62 -28.51
C GLU A 449 -22.44 54.14 -29.92
N GLN A 450 -23.29 54.88 -30.62
CA GLN A 450 -23.68 54.51 -31.99
C GLN A 450 -22.51 54.68 -32.95
N ALA A 451 -21.74 55.73 -32.73
CA ALA A 451 -20.49 55.92 -33.49
C ALA A 451 -19.59 54.67 -33.38
N PHE A 452 -19.46 54.15 -32.17
CA PHE A 452 -18.70 52.92 -31.97
C PHE A 452 -19.35 51.73 -32.66
N ASP A 453 -20.67 51.58 -32.57
CA ASP A 453 -21.36 50.52 -33.34
C ASP A 453 -21.01 50.66 -34.80
N ASP A 454 -21.03 51.89 -35.31
CA ASP A 454 -20.70 52.11 -36.73
C ASP A 454 -19.29 51.72 -37.13
N TRP A 455 -18.31 51.96 -36.25
CA TRP A 455 -16.93 51.50 -36.48
C TRP A 455 -16.91 50.00 -36.68
N CYS A 456 -17.63 49.28 -35.81
CA CYS A 456 -17.75 47.83 -35.95
C CYS A 456 -18.31 47.44 -37.31
N VAL A 457 -19.36 48.11 -37.77
CA VAL A 457 -19.93 47.77 -39.10
C VAL A 457 -18.84 47.95 -40.16
N ALA A 458 -18.14 49.09 -40.09
CA ALA A 458 -17.05 49.36 -41.01
C ALA A 458 -15.99 48.24 -41.02
N GLN A 459 -15.60 47.75 -39.85
CA GLN A 459 -14.59 46.69 -39.79
C GLN A 459 -15.08 45.42 -40.48
N LEU A 460 -16.37 45.15 -40.31
CA LEU A 460 -17.01 43.97 -40.90
C LEU A 460 -17.14 44.13 -42.41
N ALA A 461 -17.50 45.34 -42.86
CA ALA A 461 -17.53 45.63 -44.29
C ALA A 461 -16.13 45.47 -44.94
N ALA A 462 -15.11 45.98 -44.28
CA ALA A 462 -13.73 45.83 -44.76
C ALA A 462 -13.32 44.36 -44.89
N LYS A 463 -13.71 43.54 -43.90
CA LYS A 463 -13.41 42.11 -43.90
C LYS A 463 -14.01 41.42 -45.12
N LEU A 464 -15.22 41.83 -45.51
CA LEU A 464 -15.93 41.26 -46.67
C LEU A 464 -15.73 42.02 -47.98
N ASN A 465 -14.82 43.00 -47.99
CA ASN A 465 -14.49 43.76 -49.20
C ASN A 465 -15.67 44.51 -49.77
N LYS A 466 -16.38 45.19 -48.89
CA LYS A 466 -17.50 46.02 -49.28
C LYS A 466 -17.06 47.46 -49.06
N ASP A 467 -16.37 48.00 -50.06
CA ASP A 467 -15.67 49.28 -49.94
C ASP A 467 -16.59 50.48 -49.74
N ALA A 468 -17.69 50.55 -50.47
CA ALA A 468 -18.63 51.68 -50.33
C ALA A 468 -19.22 51.73 -48.91
N ASP A 469 -19.61 50.57 -48.42
CA ASP A 469 -20.10 50.43 -47.07
C ASP A 469 -19.05 50.84 -46.03
N TYR A 470 -17.79 50.45 -46.25
CA TYR A 470 -16.71 50.83 -45.33
C TYR A 470 -16.62 52.35 -45.16
N GLN A 471 -16.63 53.07 -46.27
CA GLN A 471 -16.55 54.53 -46.24
C GLN A 471 -17.73 55.12 -45.47
N ARG A 472 -18.93 54.66 -45.81
CA ARG A 472 -20.15 55.15 -45.20
C ARG A 472 -20.08 55.01 -43.69
N PHE A 473 -19.79 53.82 -43.22
CA PHE A 473 -19.82 53.56 -41.78
C PHE A 473 -18.57 54.08 -41.06
N HIS A 474 -17.44 54.15 -41.76
CA HIS A 474 -16.26 54.81 -41.18
C HIS A 474 -16.56 56.30 -40.93
N LYS A 475 -17.15 56.97 -41.92
CA LYS A 475 -17.54 58.38 -41.77
C LYS A 475 -18.45 58.57 -40.58
N ARG A 476 -19.43 57.67 -40.42
CA ARG A 476 -20.33 57.70 -39.26
C ARG A 476 -19.62 57.43 -37.94
N SER A 477 -18.65 56.52 -37.92
CA SER A 477 -17.81 56.29 -36.71
C SER A 477 -17.12 57.52 -36.22
N GLU A 478 -16.92 58.51 -37.10
CA GLU A 478 -16.25 59.77 -36.75
C GLU A 478 -17.19 60.89 -36.27
N TYR A 479 -18.48 60.60 -36.11
CA TYR A 479 -19.46 61.63 -35.73
C TYR A 479 -19.32 62.13 -34.30
N TYR A 480 -18.58 61.42 -33.45
CA TYR A 480 -18.22 61.97 -32.11
C TYR A 480 -17.59 63.37 -32.23
N ARG A 481 -16.82 63.58 -33.30
CA ARG A 481 -16.18 64.89 -33.57
C ARG A 481 -17.16 66.05 -33.63
N ASN A 482 -18.36 65.78 -34.15
CA ASN A 482 -19.38 66.80 -34.33
C ASN A 482 -20.01 67.24 -33.03
N LEU A 483 -19.81 66.48 -31.94
CA LEU A 483 -20.23 66.93 -30.62
C LEU A 483 -19.10 67.35 -29.67
N PHE A 484 -17.87 67.40 -30.15
CA PHE A 484 -16.72 67.79 -29.30
C PHE A 484 -16.61 69.29 -29.25
N HIS A 485 -16.78 69.87 -28.07
CA HIS A 485 -16.77 71.32 -27.92
C HIS A 485 -15.32 71.84 -27.82
N PRO A 486 -14.89 72.71 -28.73
CA PRO A 486 -13.48 73.14 -28.77
C PRO A 486 -13.01 74.05 -27.63
N LYS A 487 -13.91 74.82 -27.03
CA LYS A 487 -13.61 75.57 -25.80
C LYS A 487 -13.57 74.72 -24.55
N THR A 488 -14.66 74.01 -24.23
CA THR A 488 -14.72 73.25 -22.96
C THR A 488 -14.00 71.90 -22.99
N LYS A 489 -13.80 71.35 -24.19
CA LYS A 489 -13.17 70.03 -24.38
C LYS A 489 -13.96 68.88 -23.74
N PHE A 490 -15.29 69.00 -23.74
CA PHE A 490 -16.18 67.90 -23.45
C PHE A 490 -17.02 67.66 -24.70
N PHE A 491 -17.58 66.45 -24.78
CA PHE A 491 -18.68 66.18 -25.71
C PHE A 491 -19.94 66.77 -25.09
N GLN A 492 -20.64 67.60 -25.84
CA GLN A 492 -21.86 68.27 -25.37
C GLN A 492 -22.97 68.21 -26.41
N SER A 493 -24.19 68.43 -25.94
CA SER A 493 -25.40 68.37 -26.77
C SER A 493 -25.57 69.59 -27.66
N LYS A 494 -26.07 69.35 -28.86
CA LYS A 494 -26.47 70.40 -29.80
C LYS A 494 -27.91 70.22 -30.24
N ASN A 495 -28.50 71.32 -30.71
CA ASN A 495 -29.85 71.28 -31.25
C ASN A 495 -29.83 71.09 -32.76
N ASP A 496 -30.99 71.10 -33.40
CA ASP A 496 -31.03 70.84 -34.84
C ASP A 496 -30.58 72.02 -35.70
N LYS A 497 -30.42 73.19 -35.10
CA LYS A 497 -29.76 74.32 -35.77
C LYS A 497 -28.22 74.29 -35.64
N GLY A 498 -27.68 73.27 -34.94
CA GLY A 498 -26.23 73.13 -34.79
C GLY A 498 -25.65 73.96 -33.67
N GLU A 499 -26.52 74.39 -32.75
CA GLU A 499 -26.15 75.27 -31.65
C GLU A 499 -25.92 74.45 -30.39
N TRP A 500 -24.87 74.77 -29.63
CA TRP A 500 -24.61 74.11 -28.37
C TRP A 500 -25.70 74.50 -27.38
N ILE A 501 -26.34 73.51 -26.76
CA ILE A 501 -27.34 73.79 -25.74
C ILE A 501 -26.61 74.36 -24.54
N GLU A 502 -27.19 75.40 -23.93
CA GLU A 502 -26.58 76.11 -22.81
C GLU A 502 -27.68 76.27 -21.77
N PRO A 503 -27.37 76.28 -20.47
CA PRO A 503 -26.04 76.02 -19.96
C PRO A 503 -25.75 74.51 -19.91
N PHE A 504 -24.47 74.20 -19.80
CA PHE A 504 -23.97 72.85 -19.75
C PHE A 504 -23.15 72.68 -18.48
N ASP A 505 -23.48 71.66 -17.69
CA ASP A 505 -22.77 71.31 -16.47
C ASP A 505 -22.25 69.86 -16.62
N PRO A 506 -20.92 69.68 -16.76
CA PRO A 506 -20.38 68.33 -16.99
C PRO A 506 -20.48 67.34 -15.82
N TYR A 507 -20.86 67.83 -14.64
CA TYR A 507 -21.15 66.97 -13.49
C TYR A 507 -22.60 66.45 -13.43
N GLN A 508 -23.49 67.06 -14.21
CA GLN A 508 -24.94 66.80 -14.06
C GLN A 508 -25.36 65.46 -14.65
N TYR A 509 -26.01 64.63 -13.84
CA TYR A 509 -26.47 63.33 -14.27
C TYR A 509 -27.77 63.41 -15.06
N GLY A 510 -27.83 62.57 -16.11
CA GLY A 510 -29.06 62.24 -16.79
C GLY A 510 -29.56 60.86 -16.41
N GLY A 511 -30.81 60.58 -16.80
CA GLY A 511 -31.49 59.33 -16.49
C GLY A 511 -31.54 58.43 -17.71
N ASN A 512 -32.75 58.10 -18.14
CA ASN A 512 -32.99 57.29 -19.33
C ASN A 512 -33.96 58.04 -20.26
N GLY A 513 -33.61 59.30 -20.54
CA GLY A 513 -34.42 60.21 -21.34
C GLY A 513 -34.65 61.54 -20.63
N GLY A 514 -34.75 62.62 -21.41
CA GLY A 514 -34.93 63.98 -20.87
C GLY A 514 -33.63 64.70 -20.57
N HIS A 515 -32.51 64.12 -21.03
CA HIS A 515 -31.17 64.63 -20.74
C HIS A 515 -30.26 63.97 -21.78
N PRO A 516 -29.19 64.64 -22.20
CA PRO A 516 -28.37 64.07 -23.27
C PRO A 516 -27.41 62.92 -22.86
N PHE A 517 -27.33 62.59 -21.58
CA PHE A 517 -26.47 61.52 -21.08
C PHE A 517 -27.29 60.42 -20.40
N THR A 518 -26.85 59.18 -20.59
CA THR A 518 -27.56 58.01 -20.11
C THR A 518 -26.94 57.49 -18.81
N GLU A 519 -27.64 57.68 -17.70
CA GLU A 519 -27.24 57.25 -16.36
C GLU A 519 -25.81 57.64 -16.02
N GLY A 520 -25.44 58.85 -16.41
CA GLY A 520 -24.14 59.36 -16.12
C GLY A 520 -24.06 60.82 -16.45
N ASN A 521 -22.86 61.37 -16.30
CA ASN A 521 -22.60 62.77 -16.57
C ASN A 521 -21.63 62.87 -17.71
N ALA A 522 -21.33 64.09 -18.11
CA ALA A 522 -20.45 64.31 -19.24
C ALA A 522 -19.00 63.92 -18.94
N TRP A 523 -18.60 64.04 -17.67
CA TRP A 523 -17.28 63.62 -17.21
C TRP A 523 -17.04 62.14 -17.51
N GLN A 524 -18.07 61.32 -17.27
CA GLN A 524 -17.98 59.89 -17.49
C GLN A 524 -18.07 59.50 -18.94
N TYR A 525 -18.97 60.14 -19.68
CA TYR A 525 -19.14 59.79 -21.09
C TYR A 525 -18.05 60.32 -21.98
N PHE A 526 -17.26 61.26 -21.48
CA PHE A 526 -16.17 61.85 -22.26
C PHE A 526 -15.20 60.84 -22.85
N TRP A 527 -14.99 59.75 -22.11
CA TRP A 527 -14.01 58.75 -22.46
C TRP A 527 -14.54 57.76 -23.49
N TYR A 528 -15.81 57.87 -23.91
CA TYR A 528 -16.39 56.85 -24.80
C TYR A 528 -16.10 57.06 -26.28
N VAL A 529 -14.83 56.94 -26.63
CA VAL A 529 -14.38 56.83 -28.03
C VAL A 529 -13.42 55.63 -28.11
N PRO A 530 -13.89 54.44 -27.71
CA PRO A 530 -13.01 53.27 -27.57
C PRO A 530 -12.27 52.85 -28.86
N HIS A 531 -12.80 53.26 -29.99
CA HIS A 531 -12.31 52.91 -31.30
C HIS A 531 -11.35 53.95 -31.88
N ASN A 532 -11.17 55.08 -31.21
CA ASN A 532 -10.20 56.10 -31.66
C ASN A 532 -9.75 56.95 -30.49
N ILE A 533 -9.07 56.30 -29.55
CA ILE A 533 -8.50 56.98 -28.40
C ILE A 533 -7.42 57.98 -28.84
N GLN A 534 -6.69 57.68 -29.91
CA GLN A 534 -5.70 58.62 -30.44
C GLN A 534 -6.37 59.94 -30.82
N ALA A 535 -7.46 59.87 -31.61
CA ALA A 535 -8.23 61.08 -31.98
C ALA A 535 -8.72 61.85 -30.75
N LEU A 536 -9.25 61.12 -29.78
CA LEU A 536 -9.72 61.73 -28.54
C LEU A 536 -8.61 62.43 -27.80
N MET A 537 -7.43 61.81 -27.73
CA MET A 537 -6.28 62.43 -27.04
C MET A 537 -5.88 63.74 -27.75
N GLU A 538 -5.81 63.70 -29.07
CA GLU A 538 -5.51 64.87 -29.87
C GLU A 538 -6.52 66.02 -29.63
N LEU A 539 -7.82 65.73 -29.74
CA LEU A 539 -8.87 66.72 -29.46
C LEU A 539 -8.73 67.33 -28.07
N THR A 540 -8.33 66.52 -27.09
CA THR A 540 -8.14 66.98 -25.71
C THR A 540 -6.93 67.92 -25.53
N GLY A 541 -6.05 67.97 -26.53
CA GLY A 541 -4.82 68.76 -26.51
C GLY A 541 -3.53 67.94 -26.45
N GLY A 542 -3.60 66.63 -26.66
CA GLY A 542 -2.41 65.77 -26.69
C GLY A 542 -2.29 64.93 -25.43
N THR A 543 -1.29 64.04 -25.42
CA THR A 543 -1.18 63.02 -24.38
C THR A 543 -1.08 63.58 -22.97
N LYS A 544 -0.35 64.68 -22.81
CA LYS A 544 -0.21 65.26 -21.47
C LYS A 544 -1.53 65.88 -21.00
N ALA A 545 -2.20 66.59 -21.90
CA ALA A 545 -3.53 67.16 -21.60
C ALA A 545 -4.52 66.04 -21.27
N PHE A 546 -4.52 64.99 -22.09
CA PHE A 546 -5.36 63.81 -21.85
C PHE A 546 -5.07 63.15 -20.48
N GLU A 547 -3.78 62.99 -20.15
CA GLU A 547 -3.39 62.50 -18.82
C GLU A 547 -3.95 63.37 -17.71
N GLN A 548 -3.83 64.69 -17.89
CA GLN A 548 -4.31 65.63 -16.88
C GLN A 548 -5.82 65.56 -16.71
N LYS A 549 -6.55 65.40 -17.79
CA LYS A 549 -8.02 65.29 -17.70
C LYS A 549 -8.41 64.02 -16.95
N LEU A 550 -7.71 62.90 -17.24
CA LEU A 550 -7.92 61.67 -16.46
C LEU A 550 -7.65 61.89 -15.00
N ASP A 551 -6.57 62.58 -14.68
CA ASP A 551 -6.28 62.91 -13.27
C ASP A 551 -7.40 63.67 -12.58
N THR A 552 -7.96 64.67 -13.28
CA THR A 552 -9.08 65.43 -12.72
C THR A 552 -10.27 64.49 -12.52
N PHE A 553 -10.57 63.72 -13.56
CA PHE A 553 -11.63 62.71 -13.51
C PHE A 553 -11.53 61.82 -12.28
N PHE A 554 -10.34 61.29 -12.02
CA PHE A 554 -10.14 60.35 -10.90
C PHE A 554 -9.99 60.97 -9.52
N THR A 555 -9.87 62.29 -9.43
CA THR A 555 -9.72 62.97 -8.14
C THR A 555 -10.81 63.96 -7.76
N SER A 556 -11.61 64.43 -8.72
CA SER A 556 -12.69 65.39 -8.43
C SER A 556 -13.85 64.73 -7.70
N THR A 557 -14.06 65.08 -6.42
CA THR A 557 -15.09 64.43 -5.60
C THR A 557 -16.43 65.19 -5.49
N TYR A 558 -16.74 66.05 -6.45
CA TYR A 558 -18.00 66.80 -6.41
C TYR A 558 -19.22 65.87 -6.54
N LYS A 559 -20.06 65.86 -5.50
CA LYS A 559 -21.37 65.18 -5.52
C LYS A 559 -22.46 66.20 -5.87
N SER A 560 -23.07 66.05 -7.06
CA SER A 560 -24.12 66.98 -7.55
C SER A 560 -25.40 66.92 -6.72
N MET A 563 -27.93 63.74 -9.03
CA MET A 563 -27.36 62.41 -8.84
C MET A 563 -28.29 61.30 -9.36
N ASN A 564 -27.70 60.30 -10.02
CA ASN A 564 -28.41 59.11 -10.48
C ASN A 564 -28.01 57.89 -9.63
N HIS A 565 -29.00 57.13 -9.16
CA HIS A 565 -28.74 55.99 -8.27
C HIS A 565 -28.06 54.76 -8.93
N ASN A 566 -27.94 54.76 -10.27
CA ASN A 566 -27.11 53.79 -10.98
C ASN A 566 -25.61 54.02 -10.77
N ALA A 567 -25.21 55.29 -10.65
CA ALA A 567 -23.82 55.64 -10.36
C ALA A 567 -23.47 55.41 -8.88
N SER A 568 -22.46 54.55 -8.65
CA SER A 568 -21.87 54.32 -7.32
C SER A 568 -20.44 53.73 -7.50
N GLY A 569 -19.77 53.35 -6.41
CA GLY A 569 -18.37 52.87 -6.46
C GLY A 569 -17.39 53.91 -7.01
N PHE A 570 -17.37 55.08 -6.34
CA PHE A 570 -16.70 56.29 -6.86
C PHE A 570 -15.20 56.39 -6.59
N VAL A 571 -14.45 56.74 -7.63
CA VAL A 571 -13.06 57.18 -7.52
C VAL A 571 -13.02 58.56 -8.17
N GLY A 572 -13.28 59.60 -7.39
CA GLY A 572 -13.65 60.89 -7.97
C GLY A 572 -14.97 60.75 -8.73
N GLN A 573 -14.96 61.14 -9.99
CA GLN A 573 -16.11 61.00 -10.86
C GLN A 573 -16.24 59.66 -11.54
N TYR A 574 -15.22 58.81 -11.43
CA TYR A 574 -15.27 57.45 -11.96
C TYR A 574 -16.25 56.72 -11.09
N ALA A 575 -17.20 56.02 -11.69
CA ALA A 575 -18.23 55.32 -10.92
C ALA A 575 -18.26 53.88 -11.39
N HIS A 576 -17.58 53.02 -10.64
CA HIS A 576 -17.46 51.63 -11.03
C HIS A 576 -18.81 50.91 -11.06
N GLY A 577 -19.73 51.38 -10.21
CA GLY A 577 -21.08 50.84 -10.09
C GLY A 577 -21.96 50.85 -11.33
N ASN A 578 -21.57 51.60 -12.36
CA ASN A 578 -22.24 51.53 -13.64
C ASN A 578 -21.21 51.51 -14.75
N GLU A 579 -21.61 51.03 -15.91
CA GLU A 579 -20.66 50.57 -16.91
C GLU A 579 -20.09 51.58 -17.93
N PRO A 580 -20.61 52.83 -17.97
CA PRO A 580 -19.90 53.77 -18.86
C PRO A 580 -18.43 54.01 -18.45
N SER A 581 -18.16 54.00 -17.16
CA SER A 581 -16.80 54.13 -16.63
C SER A 581 -15.81 52.95 -16.87
N HIS A 582 -16.31 51.78 -17.25
CA HIS A 582 -15.57 50.52 -17.03
C HIS A 582 -14.23 50.37 -17.75
N HIS A 583 -14.14 50.94 -18.94
CA HIS A 583 -12.89 50.95 -19.71
C HIS A 583 -11.85 52.03 -19.31
N VAL A 584 -12.22 52.98 -18.44
CA VAL A 584 -11.48 54.24 -18.33
C VAL A 584 -10.10 54.15 -17.61
N ALA A 585 -10.01 53.32 -16.57
CA ALA A 585 -8.74 53.16 -15.86
C ALA A 585 -7.62 52.63 -16.75
N TYR A 586 -7.97 51.95 -17.84
CA TYR A 586 -7.00 51.45 -18.79
C TYR A 586 -6.48 52.51 -19.75
N LEU A 587 -6.97 53.75 -19.65
CA LEU A 587 -6.67 54.76 -20.68
C LEU A 587 -5.34 55.48 -20.40
N TYR A 588 -4.87 55.42 -19.17
CA TYR A 588 -3.53 55.95 -18.86
C TYR A 588 -2.43 55.28 -19.73
N ASN A 589 -2.57 54.00 -20.08
CA ASN A 589 -1.65 53.33 -21.04
C ASN A 589 -1.47 54.14 -22.33
N PHE A 590 -2.59 54.58 -22.87
CA PHE A 590 -2.62 55.31 -24.16
C PHE A 590 -1.97 56.69 -24.02
N ALA A 591 -2.08 57.26 -22.83
CA ALA A 591 -1.46 58.53 -22.45
C ALA A 591 0.03 58.45 -22.07
N GLY A 592 0.68 57.28 -22.13
CA GLY A 592 2.10 57.14 -21.75
C GLY A 592 2.38 57.01 -20.25
N GLN A 593 1.40 56.62 -19.46
CA GLN A 593 1.57 56.42 -18.02
C GLN A 593 0.97 55.10 -17.54
N PRO A 594 1.49 53.97 -18.05
CA PRO A 594 0.93 52.66 -17.64
C PRO A 594 0.84 52.40 -16.14
N TRP A 595 1.77 52.96 -15.39
CA TRP A 595 1.73 52.84 -13.94
C TRP A 595 0.45 53.39 -13.31
N LYS A 596 -0.15 54.41 -13.94
CA LYS A 596 -1.39 54.99 -13.39
C LYS A 596 -2.60 54.09 -13.64
N THR A 597 -2.67 53.48 -14.82
CA THR A 597 -3.63 52.39 -15.03
C THR A 597 -3.48 51.34 -13.94
N GLN A 598 -2.23 50.90 -13.71
CA GLN A 598 -1.94 49.84 -12.74
C GLN A 598 -2.36 50.26 -11.35
N LYS A 599 -2.03 51.49 -10.96
CA LYS A 599 -2.47 52.04 -9.69
C LYS A 599 -3.99 52.00 -9.50
N TYR A 600 -4.73 52.44 -10.51
CA TYR A 600 -6.18 52.61 -10.41
C TYR A 600 -6.91 51.27 -10.57
N VAL A 601 -6.46 50.45 -11.52
CA VAL A 601 -7.03 49.12 -11.62
C VAL A 601 -6.90 48.36 -10.29
N SER A 602 -5.70 48.35 -9.73
CA SER A 602 -5.43 47.66 -8.46
C SER A 602 -6.33 48.17 -7.34
N HIS A 603 -6.45 49.49 -7.23
CA HIS A 603 -7.37 50.13 -6.29
C HIS A 603 -8.83 49.64 -6.46
N ILE A 604 -9.31 49.58 -7.69
CA ILE A 604 -10.69 49.13 -7.93
C ILE A 604 -10.85 47.66 -7.54
N LEU A 605 -9.94 46.81 -8.00
CA LEU A 605 -9.97 45.37 -7.66
C LEU A 605 -9.97 45.07 -6.17
N ASN A 606 -9.15 45.80 -5.43
CA ASN A 606 -8.96 45.53 -4.00
C ASN A 606 -9.98 46.21 -3.11
N THR A 607 -10.57 47.28 -3.61
CA THR A 607 -11.36 48.22 -2.81
C THR A 607 -12.88 48.27 -3.16
N LEU A 608 -13.23 48.04 -4.41
CA LEU A 608 -14.62 48.06 -4.85
C LEU A 608 -15.24 46.67 -5.10
N TYR A 609 -14.48 45.61 -4.81
CA TYR A 609 -14.96 44.24 -4.78
C TYR A 609 -14.63 43.64 -3.43
N ASN A 610 -15.50 42.79 -2.94
CA ASN A 610 -15.27 42.02 -1.74
C ASN A 610 -16.07 40.72 -1.74
N ASN A 611 -15.89 39.92 -0.70
CA ASN A 611 -16.51 38.60 -0.63
C ASN A 611 -17.74 38.51 0.31
N THR A 612 -18.35 39.66 0.59
CA THR A 612 -19.59 39.73 1.35
C THR A 612 -20.78 39.90 0.41
N SER A 613 -21.97 39.95 1.01
CA SER A 613 -23.23 40.11 0.29
C SER A 613 -23.26 41.39 -0.52
N SER A 614 -22.57 42.41 -0.03
CA SER A 614 -22.49 43.71 -0.70
C SER A 614 -21.23 43.82 -1.52
N GLY A 615 -20.88 42.76 -2.24
CA GLY A 615 -19.55 42.59 -2.85
C GLY A 615 -19.33 43.21 -4.20
N TYR A 616 -20.36 43.83 -4.77
CA TYR A 616 -20.21 44.58 -6.01
C TYR A 616 -20.61 46.01 -5.76
N ALA A 617 -20.07 46.90 -6.59
CA ALA A 617 -20.23 48.32 -6.42
C ALA A 617 -21.58 48.81 -6.95
N GLY A 618 -22.22 47.99 -7.77
CA GLY A 618 -23.57 48.22 -8.26
C GLY A 618 -24.12 46.93 -8.86
N ASN A 619 -25.22 47.06 -9.61
CA ASN A 619 -25.86 45.95 -10.30
C ASN A 619 -24.83 45.16 -11.11
N ASP A 620 -24.80 43.85 -10.94
CA ASP A 620 -23.87 43.00 -11.68
C ASP A 620 -24.15 43.00 -13.20
N ASP A 621 -25.42 43.23 -13.57
CA ASP A 621 -25.86 43.33 -14.97
C ASP A 621 -25.48 42.15 -15.83
N CYS A 622 -26.06 41.01 -15.50
CA CYS A 622 -25.84 39.76 -16.22
C CYS A 622 -24.36 39.43 -16.33
N GLY A 623 -23.65 39.64 -15.21
CA GLY A 623 -22.25 39.28 -15.10
C GLY A 623 -21.23 40.25 -15.67
N GLN A 624 -21.64 41.45 -16.08
CA GLN A 624 -20.68 42.44 -16.61
C GLN A 624 -19.71 42.95 -15.53
N MET A 625 -20.21 43.22 -14.32
CA MET A 625 -19.38 43.66 -13.21
C MET A 625 -18.38 42.58 -12.82
N SER A 626 -18.86 41.34 -12.84
CA SER A 626 -18.05 40.16 -12.60
C SER A 626 -17.01 39.94 -13.70
N ALA A 627 -17.42 40.09 -14.94
CA ALA A 627 -16.51 39.94 -16.06
C ALA A 627 -15.35 40.94 -15.99
N TRP A 628 -15.63 42.12 -15.44
CA TRP A 628 -14.63 43.14 -15.27
C TRP A 628 -13.57 42.63 -14.31
N TYR A 629 -14.01 42.02 -13.22
CA TYR A 629 -13.09 41.45 -12.25
C TYR A 629 -12.29 40.30 -12.85
N VAL A 630 -12.95 39.41 -13.60
CA VAL A 630 -12.28 38.28 -14.19
C VAL A 630 -11.15 38.75 -15.08
N PHE A 631 -11.45 39.65 -16.01
CA PHE A 631 -10.46 40.21 -16.92
C PHE A 631 -9.35 40.95 -16.17
N SER A 632 -9.73 41.87 -15.30
CA SER A 632 -8.75 42.74 -14.67
C SER A 632 -7.84 41.98 -13.71
N ALA A 633 -8.38 40.98 -13.00
CA ALA A 633 -7.59 40.15 -12.09
C ALA A 633 -6.52 39.35 -12.83
N MET A 634 -6.85 38.88 -14.03
CA MET A 634 -5.84 38.25 -14.90
C MET A 634 -4.80 39.23 -15.43
N GLY A 635 -5.19 40.50 -15.59
CA GLY A 635 -4.29 41.59 -15.92
C GLY A 635 -4.45 42.26 -17.27
N PHE A 636 -5.59 42.07 -17.93
CA PHE A 636 -5.87 42.83 -19.15
C PHE A 636 -7.39 42.98 -19.41
N TYR A 637 -7.78 43.91 -20.29
CA TYR A 637 -9.19 44.29 -20.48
C TYR A 637 -9.51 44.77 -21.90
N PRO A 638 -10.67 44.32 -22.44
CA PRO A 638 -11.04 44.70 -23.80
C PRO A 638 -11.64 46.12 -23.90
N VAL A 639 -10.77 47.13 -23.84
CA VAL A 639 -11.16 48.54 -23.94
C VAL A 639 -11.99 48.80 -25.19
N ASN A 640 -11.50 48.36 -26.35
CA ASN A 640 -12.31 48.27 -27.56
C ASN A 640 -12.70 46.82 -27.70
N PRO A 641 -13.96 46.48 -27.33
CA PRO A 641 -14.35 45.07 -27.31
C PRO A 641 -14.56 44.43 -28.68
N ALA A 642 -14.19 45.11 -29.76
CA ALA A 642 -14.24 44.49 -31.09
C ALA A 642 -12.92 44.54 -31.89
N ASP A 643 -11.83 45.08 -31.32
CA ASP A 643 -10.54 45.09 -32.07
C ASP A 643 -9.61 43.90 -31.81
N GLY A 644 -10.03 42.97 -30.96
CA GLY A 644 -9.25 41.80 -30.62
C GLY A 644 -7.93 42.09 -29.94
N ARG A 645 -7.91 43.14 -29.13
CA ARG A 645 -6.78 43.47 -28.27
C ARG A 645 -7.26 43.59 -26.85
N TYR A 646 -6.43 43.17 -25.92
CA TYR A 646 -6.72 43.35 -24.51
C TYR A 646 -5.63 44.21 -23.93
N ILE A 647 -6.02 45.28 -23.25
CA ILE A 647 -5.11 46.30 -22.78
C ILE A 647 -4.63 45.90 -21.40
N ILE A 648 -3.31 45.88 -21.21
CA ILE A 648 -2.70 45.39 -19.98
C ILE A 648 -2.99 46.35 -18.84
N GLY A 649 -3.46 45.83 -17.71
CA GLY A 649 -3.64 46.58 -16.50
C GLY A 649 -2.62 46.14 -15.48
N SER A 650 -3.09 45.48 -14.43
CA SER A 650 -2.23 44.98 -13.38
C SER A 650 -2.76 43.64 -12.89
N PRO A 651 -2.02 42.55 -13.15
CA PRO A 651 -2.47 41.24 -12.70
C PRO A 651 -2.54 41.17 -11.18
N LEU A 652 -3.67 40.72 -10.66
CA LEU A 652 -3.92 40.62 -9.24
C LEU A 652 -3.45 39.26 -8.71
N LEU A 653 -3.70 38.22 -9.48
CA LEU A 653 -3.43 36.86 -9.07
C LEU A 653 -1.98 36.54 -9.39
N ASP A 654 -1.45 35.53 -8.72
CA ASP A 654 -0.06 35.12 -8.92
C ASP A 654 0.06 34.40 -10.25
N GLU A 655 -0.93 33.56 -10.55
CA GLU A 655 -0.95 32.83 -11.81
C GLU A 655 -2.38 32.62 -12.30
N CYS A 656 -2.54 32.47 -13.61
CA CYS A 656 -3.81 32.11 -14.25
C CYS A 656 -3.50 31.25 -15.42
N THR A 657 -4.35 30.26 -15.68
CA THR A 657 -4.19 29.41 -16.85
C THR A 657 -5.53 29.21 -17.57
N LEU A 658 -5.64 29.77 -18.78
CA LEU A 658 -6.84 29.59 -19.60
C LEU A 658 -6.70 28.28 -20.34
N LYS A 659 -7.66 27.38 -20.16
CA LYS A 659 -7.72 26.13 -20.94
C LYS A 659 -8.48 26.36 -22.22
N LEU A 660 -7.86 26.04 -23.35
CA LEU A 660 -8.42 26.32 -24.65
C LEU A 660 -8.59 25.06 -25.50
N ALA A 661 -9.20 25.23 -26.67
CA ALA A 661 -9.42 24.14 -27.63
C ALA A 661 -8.11 23.71 -28.24
N GLY A 662 -8.07 22.43 -28.61
CA GLY A 662 -6.83 21.69 -28.73
C GLY A 662 -6.54 21.31 -27.30
N ASN A 663 -5.30 20.94 -27.02
CA ASN A 663 -4.85 20.82 -25.65
C ASN A 663 -4.01 22.05 -25.27
N LYS A 664 -4.44 23.24 -25.73
CA LYS A 664 -3.69 24.49 -25.59
C LYS A 664 -3.96 25.17 -24.23
N GLU A 665 -3.00 25.91 -23.74
CA GLU A 665 -3.15 26.71 -22.53
C GLU A 665 -2.52 28.07 -22.74
N PHE A 666 -3.15 29.12 -22.21
CA PHE A 666 -2.51 30.40 -22.10
C PHE A 666 -2.17 30.61 -20.66
N ARG A 667 -0.88 30.72 -20.38
CA ARG A 667 -0.34 30.62 -19.04
C ARG A 667 0.13 32.00 -18.64
N ILE A 668 -0.50 32.60 -17.64
CA ILE A 668 -0.10 33.90 -17.15
C ILE A 668 0.60 33.70 -15.82
N ARG A 669 1.80 34.26 -15.69
CA ARG A 669 2.65 34.04 -14.50
C ARG A 669 3.17 35.39 -14.01
N THR A 670 3.43 35.48 -12.70
CA THR A 670 3.98 36.69 -12.10
C THR A 670 5.23 36.37 -11.29
N ILE A 671 6.22 37.26 -11.38
CA ILE A 671 7.38 37.29 -10.51
C ILE A 671 7.10 38.42 -9.54
N ARG A 672 6.83 38.11 -8.28
CA ARG A 672 6.67 39.16 -7.28
C ARG A 672 7.17 38.73 -5.91
N LYS A 673 7.55 39.72 -5.09
CA LYS A 673 8.01 39.48 -3.71
C LYS A 673 6.83 39.56 -2.72
N SER A 674 5.84 40.43 -2.99
CA SER A 674 4.67 40.59 -2.11
C SER A 674 3.44 41.12 -2.84
N PRO A 675 2.27 41.16 -2.16
CA PRO A 675 1.07 41.79 -2.74
C PRO A 675 1.17 43.31 -2.97
N GLU A 676 2.12 44.00 -2.34
CA GLU A 676 2.39 45.41 -2.68
C GLU A 676 2.91 45.57 -4.12
N ASP A 677 3.41 44.50 -4.73
CA ASP A 677 4.01 44.61 -6.06
C ASP A 677 2.96 44.70 -7.15
N ILE A 678 2.36 45.89 -7.27
CA ILE A 678 1.29 46.13 -8.24
C ILE A 678 1.76 46.75 -9.54
N TYR A 679 2.98 47.30 -9.58
CA TYR A 679 3.48 47.96 -10.79
C TYR A 679 4.28 47.00 -11.68
N ILE A 680 4.07 47.07 -12.99
CA ILE A 680 4.71 46.17 -13.95
C ILE A 680 6.10 46.73 -14.25
N GLN A 681 7.13 45.93 -14.01
CA GLN A 681 8.52 46.31 -14.32
C GLN A 681 8.85 45.88 -15.75
N SER A 682 8.40 44.69 -16.14
CA SER A 682 8.53 44.23 -17.51
C SER A 682 7.59 43.06 -17.76
N VAL A 683 7.44 42.71 -19.03
CA VAL A 683 6.55 41.66 -19.49
C VAL A 683 7.24 40.83 -20.58
N THR A 684 7.03 39.52 -20.57
CA THR A 684 7.55 38.62 -21.59
C THR A 684 6.40 37.77 -22.12
N LEU A 685 6.39 37.54 -23.42
CA LEU A 685 5.40 36.69 -24.05
C LEU A 685 6.12 35.64 -24.88
N ASN A 686 5.88 34.37 -24.58
CA ASN A 686 6.58 33.27 -25.24
C ASN A 686 8.10 33.43 -25.30
N GLY A 687 8.67 33.92 -24.19
CA GLY A 687 10.10 34.09 -24.06
C GLY A 687 10.74 35.32 -24.69
N LYS A 688 9.97 36.10 -25.46
CA LYS A 688 10.46 37.35 -26.06
C LYS A 688 9.95 38.50 -25.20
N LYS A 689 10.77 39.54 -25.05
CA LYS A 689 10.37 40.74 -24.29
C LYS A 689 9.18 41.38 -25.02
N HIS A 690 8.15 41.78 -24.27
CA HIS A 690 6.88 42.26 -24.86
C HIS A 690 6.81 43.77 -24.71
N LYS A 691 6.79 44.46 -25.84
CA LYS A 691 6.98 45.93 -25.89
C LYS A 691 5.69 46.76 -26.00
N ASP A 692 4.53 46.10 -26.08
CA ASP A 692 3.25 46.78 -26.25
C ASP A 692 2.46 46.70 -24.96
N PHE A 693 1.57 47.68 -24.78
CA PHE A 693 0.67 47.68 -23.62
C PHE A 693 -0.62 46.87 -23.83
N PHE A 694 -0.64 46.00 -24.84
CA PHE A 694 -1.75 45.09 -25.10
C PHE A 694 -1.27 43.71 -25.56
N ILE A 695 -2.12 42.70 -25.37
CA ILE A 695 -1.92 41.35 -25.92
C ILE A 695 -3.08 41.12 -26.88
N THR A 696 -2.85 40.36 -27.94
CA THR A 696 -3.92 40.12 -28.90
C THR A 696 -4.68 38.83 -28.59
N HIS A 697 -5.88 38.74 -29.15
CA HIS A 697 -6.74 37.58 -28.98
C HIS A 697 -6.07 36.35 -29.54
N GLN A 698 -5.47 36.50 -30.71
CA GLN A 698 -4.75 35.41 -31.37
C GLN A 698 -3.53 34.97 -30.54
N ASP A 699 -2.80 35.91 -29.92
CA ASP A 699 -1.74 35.54 -28.97
C ASP A 699 -2.26 34.64 -27.86
N ILE A 700 -3.47 34.89 -27.35
CA ILE A 700 -4.04 34.05 -26.29
C ILE A 700 -4.51 32.69 -26.82
N MET A 701 -5.26 32.69 -27.93
CA MET A 701 -5.85 31.46 -28.47
C MET A 701 -4.83 30.50 -29.12
N ASN A 702 -3.66 31.01 -29.49
CA ASN A 702 -2.54 30.16 -29.90
C ASN A 702 -1.97 29.29 -28.77
N GLY A 703 -2.25 29.67 -27.52
CA GLY A 703 -1.59 29.11 -26.37
C GLY A 703 -0.22 29.71 -26.28
N GLY A 704 0.34 29.70 -25.08
CA GLY A 704 1.64 30.31 -24.86
C GLY A 704 1.74 30.70 -23.42
N THR A 705 2.77 31.46 -23.07
CA THR A 705 2.93 31.88 -21.68
C THR A 705 3.44 33.30 -21.61
N MET A 706 2.90 34.04 -20.64
CA MET A 706 3.11 35.45 -20.48
C MET A 706 3.56 35.66 -19.05
N VAL A 707 4.68 36.34 -18.86
CA VAL A 707 5.22 36.55 -17.51
C VAL A 707 5.32 38.02 -17.22
N PHE A 708 4.79 38.45 -16.06
CA PHE A 708 4.91 39.82 -15.58
C PHE A 708 5.95 39.91 -14.44
N LYS A 709 6.99 40.74 -14.60
CA LYS A 709 7.88 41.05 -13.48
C LYS A 709 7.24 42.24 -12.77
N MET A 710 6.79 42.04 -11.53
CA MET A 710 6.14 43.10 -10.77
C MET A 710 7.09 43.74 -9.76
N GLY A 711 6.71 44.91 -9.26
CA GLY A 711 7.47 45.65 -8.26
C GLY A 711 6.61 46.63 -7.48
N LYS A 712 7.11 47.08 -6.33
CA LYS A 712 6.38 47.98 -5.41
C LYS A 712 6.28 49.42 -5.89
N LYS A 713 7.11 49.80 -6.87
CA LYS A 713 7.24 51.18 -7.33
C LYS A 713 7.07 51.22 -8.84
N PRO A 714 6.54 52.34 -9.36
CA PRO A 714 6.46 52.50 -10.80
C PRO A 714 7.83 52.39 -11.47
N SER A 715 7.90 51.63 -12.55
CA SER A 715 9.03 51.68 -13.46
C SER A 715 8.70 52.68 -14.55
N GLY A 716 9.59 52.78 -15.53
CA GLY A 716 9.30 53.48 -16.78
C GLY A 716 8.79 52.58 -17.90
N TRP A 717 8.11 51.47 -17.54
CA TRP A 717 7.66 50.49 -18.54
C TRP A 717 6.53 51.07 -19.38
N GLY A 718 6.70 51.07 -20.71
CA GLY A 718 5.78 51.70 -21.65
C GLY A 718 5.60 53.21 -21.47
N LYS A 719 6.52 53.87 -20.75
CA LYS A 719 6.32 55.25 -20.25
C LYS A 719 6.95 56.32 -21.15
N ALA B 4 -10.57 11.92 -13.40
CA ALA B 4 -10.11 10.52 -13.14
C ALA B 4 -9.17 10.04 -14.24
N GLY B 5 -7.93 9.71 -13.87
CA GLY B 5 -6.90 9.32 -14.82
C GLY B 5 -6.26 10.46 -15.61
N GLU B 6 -6.24 11.67 -15.05
CA GLU B 6 -5.58 12.80 -15.70
C GLU B 6 -4.06 12.57 -15.72
N ILE B 7 -3.50 12.23 -14.56
CA ILE B 7 -2.07 11.93 -14.43
C ILE B 7 -1.74 10.44 -14.70
N THR B 8 -2.46 9.52 -14.07
CA THR B 8 -2.14 8.07 -14.18
C THR B 8 -2.16 7.52 -15.61
N LYS B 9 -2.86 8.17 -16.53
CA LYS B 9 -2.80 7.77 -17.94
C LYS B 9 -1.41 7.94 -18.57
N TYR B 10 -0.56 8.79 -17.99
CA TYR B 10 0.82 8.94 -18.49
C TYR B 10 1.76 7.80 -18.12
N VAL B 11 1.50 7.09 -17.03
CA VAL B 11 2.39 6.01 -16.62
C VAL B 11 2.33 4.86 -17.66
N ASN B 12 3.50 4.39 -18.07
CA ASN B 12 3.61 3.25 -18.96
C ASN B 12 4.52 2.20 -18.30
N PRO B 13 3.92 1.29 -17.52
CA PRO B 13 4.71 0.29 -16.79
C PRO B 13 5.63 -0.61 -17.64
N PHE B 14 5.44 -0.64 -18.95
CA PHE B 14 6.35 -1.34 -19.87
C PHE B 14 7.69 -0.66 -20.10
N ILE B 15 7.83 0.60 -19.68
CA ILE B 15 9.12 1.27 -19.73
C ILE B 15 10.06 0.60 -18.73
N GLY B 16 11.20 0.12 -19.21
CA GLY B 16 12.19 -0.55 -18.37
C GLY B 16 12.12 -2.07 -18.35
N THR B 17 11.15 -2.64 -19.07
CA THR B 17 10.91 -4.09 -19.07
C THR B 17 11.80 -4.87 -20.07
N GLY B 18 12.24 -4.22 -21.15
CA GLY B 18 13.05 -4.84 -22.19
C GLY B 18 14.46 -4.27 -22.33
N ALA B 19 15.08 -4.55 -23.48
CA ALA B 19 16.42 -4.04 -23.80
C ALA B 19 16.72 -4.19 -25.30
N LEU B 24 21.49 -3.62 -21.37
CA LEU B 24 20.93 -4.17 -20.11
C LEU B 24 19.57 -3.54 -19.80
N SER B 25 18.64 -4.35 -19.28
CA SER B 25 17.27 -3.88 -19.04
C SER B 25 17.16 -3.03 -17.80
N GLY B 26 16.12 -2.19 -17.78
CA GLY B 26 15.66 -1.56 -16.55
C GLY B 26 15.41 -2.58 -15.46
N ASN B 27 14.84 -3.73 -15.84
CA ASN B 27 14.37 -4.80 -14.93
C ASN B 27 13.15 -4.35 -14.12
N ASN B 28 12.26 -3.61 -14.78
CA ASN B 28 10.99 -3.19 -14.17
C ASN B 28 9.93 -4.20 -14.60
N TYR B 29 8.75 -4.11 -13.98
CA TYR B 29 7.65 -5.02 -14.29
C TYR B 29 6.36 -4.28 -14.62
N PRO B 30 5.56 -4.80 -15.56
CA PRO B 30 4.31 -4.16 -15.95
C PRO B 30 3.10 -4.48 -15.07
N GLY B 31 3.24 -5.43 -14.14
CA GLY B 31 2.10 -5.92 -13.36
C GLY B 31 1.62 -4.96 -12.29
N ALA B 32 0.43 -5.24 -11.79
CA ALA B 32 -0.25 -4.34 -10.88
C ALA B 32 0.42 -4.31 -9.51
N THR B 33 0.56 -3.11 -8.95
CA THR B 33 0.96 -2.95 -7.56
C THR B 33 0.42 -1.64 -7.02
N SER B 34 0.65 -1.41 -5.74
CA SER B 34 0.18 -0.25 -5.02
C SER B 34 1.36 0.50 -4.39
N PRO B 35 1.16 1.80 -4.07
CA PRO B 35 2.27 2.62 -3.55
C PRO B 35 2.91 1.98 -2.34
N PHE B 36 4.22 1.74 -2.44
CA PHE B 36 5.00 1.18 -1.34
C PHE B 36 4.36 -0.10 -0.75
N GLY B 37 3.74 -0.91 -1.60
CA GLY B 37 2.95 -2.06 -1.18
C GLY B 37 3.71 -3.36 -0.94
N MET B 38 2.97 -4.37 -0.50
CA MET B 38 3.49 -5.72 -0.24
C MET B 38 3.32 -6.64 -1.45
N ILE B 39 2.39 -6.31 -2.33
CA ILE B 39 1.99 -7.22 -3.40
C ILE B 39 2.31 -6.63 -4.76
N GLN B 40 3.13 -7.37 -5.51
CA GLN B 40 3.47 -7.04 -6.88
C GLN B 40 2.95 -8.16 -7.78
N LEU B 41 1.69 -8.04 -8.18
CA LEU B 41 0.98 -9.09 -8.91
C LEU B 41 1.21 -8.94 -10.41
N SER B 42 2.09 -9.77 -10.97
CA SER B 42 2.62 -9.56 -12.32
C SER B 42 2.89 -10.90 -13.00
N PRO B 43 2.76 -10.95 -14.34
CA PRO B 43 3.14 -12.18 -15.02
C PRO B 43 4.64 -12.38 -15.02
N ASP B 44 5.04 -13.65 -14.99
CA ASP B 44 6.42 -14.05 -15.22
C ASP B 44 6.52 -14.67 -16.59
N THR B 45 7.52 -14.24 -17.35
CA THR B 45 7.78 -14.76 -18.68
C THR B 45 8.95 -15.75 -18.69
N SER B 46 9.43 -16.10 -17.50
CA SER B 46 10.46 -17.10 -17.29
C SER B 46 9.94 -18.07 -16.21
N GLU B 47 10.31 -19.34 -16.34
CA GLU B 47 10.01 -20.33 -15.30
C GLU B 47 10.87 -20.09 -14.05
N ALA B 48 12.08 -19.55 -14.24
CA ALA B 48 13.01 -19.27 -13.16
C ALA B 48 13.74 -17.93 -13.36
N PRO B 49 13.06 -16.80 -13.07
CA PRO B 49 13.65 -15.45 -13.14
C PRO B 49 15.06 -15.35 -12.56
N ASN B 50 15.95 -14.70 -13.29
CA ASN B 50 17.37 -14.57 -12.95
C ASN B 50 17.82 -13.12 -13.15
N TRP B 51 19.11 -12.84 -12.94
CA TRP B 51 19.71 -11.49 -13.15
C TRP B 51 19.23 -10.68 -14.37
N GLY B 52 19.06 -11.34 -15.52
CA GLY B 52 18.65 -10.68 -16.76
C GLY B 52 17.18 -10.36 -16.90
N ASP B 53 16.35 -10.93 -16.02
CA ASP B 53 14.91 -10.66 -15.95
C ASP B 53 14.44 -10.72 -14.48
N ALA B 54 15.17 -10.00 -13.63
CA ALA B 54 15.04 -10.12 -12.17
C ALA B 54 13.64 -9.84 -11.57
N SER B 55 12.83 -9.03 -12.24
CA SER B 55 11.45 -8.78 -11.82
C SER B 55 10.48 -9.87 -12.30
N GLY B 56 10.95 -10.72 -13.21
CA GLY B 56 10.17 -11.82 -13.76
C GLY B 56 9.67 -11.58 -15.18
N TYR B 57 9.55 -10.31 -15.56
CA TYR B 57 9.07 -9.95 -16.89
C TYR B 57 10.22 -9.52 -17.79
N ASP B 58 10.10 -9.88 -19.07
CA ASP B 58 11.00 -9.45 -20.13
C ASP B 58 10.12 -9.19 -21.35
N TYR B 59 10.26 -8.00 -21.95
CA TYR B 59 9.42 -7.59 -23.07
C TYR B 59 9.66 -8.45 -24.32
N ASN B 60 10.85 -9.05 -24.43
CA ASN B 60 11.24 -9.89 -25.58
C ASN B 60 10.60 -11.29 -25.58
N ARG B 61 10.36 -11.85 -24.40
CA ARG B 61 9.75 -13.18 -24.27
C ARG B 61 8.28 -13.16 -24.68
N ASN B 62 7.80 -14.26 -25.26
CA ASN B 62 6.45 -14.38 -25.81
C ASN B 62 5.52 -15.32 -25.02
N THR B 63 5.95 -15.75 -23.82
CA THR B 63 5.25 -16.78 -23.04
C THR B 63 5.15 -16.37 -21.57
N ILE B 64 3.94 -16.43 -20.98
CA ILE B 64 3.73 -16.22 -19.54
C ILE B 64 3.58 -17.58 -18.83
N PHE B 65 4.28 -17.75 -17.71
CA PHE B 65 4.31 -19.02 -16.97
C PHE B 65 3.64 -18.91 -15.58
N GLY B 66 2.62 -18.07 -15.46
CA GLY B 66 1.91 -17.84 -14.20
C GLY B 66 1.99 -16.41 -13.70
N PHE B 67 1.14 -16.10 -12.72
CA PHE B 67 1.05 -14.79 -12.13
C PHE B 67 1.43 -14.86 -10.65
N SER B 68 2.68 -14.53 -10.33
CA SER B 68 3.15 -14.49 -8.93
C SER B 68 2.79 -13.16 -8.26
N HIS B 69 3.06 -13.06 -6.96
CA HIS B 69 2.60 -11.97 -6.08
C HIS B 69 3.66 -11.07 -5.49
N THR B 70 4.94 -11.42 -5.66
CA THR B 70 6.03 -10.60 -5.16
C THR B 70 7.19 -10.55 -6.16
N ARG B 71 8.01 -9.49 -6.03
CA ARG B 71 9.17 -9.23 -6.91
C ARG B 71 9.83 -7.89 -6.59
N LEU B 72 11.08 -7.75 -7.01
CA LEU B 72 11.82 -6.49 -6.92
C LEU B 72 11.75 -5.77 -8.25
N SER B 73 11.92 -4.45 -8.20
CA SER B 73 11.91 -3.58 -9.38
C SER B 73 13.30 -3.03 -9.67
N GLY B 74 13.82 -3.45 -10.83
CA GLY B 74 15.06 -2.93 -11.35
C GLY B 74 16.31 -3.39 -10.67
N THR B 75 16.26 -4.51 -9.93
CA THR B 75 17.49 -5.07 -9.35
C THR B 75 18.24 -5.89 -10.40
N GLY B 76 19.54 -6.05 -10.18
CA GLY B 76 20.36 -6.94 -10.99
C GLY B 76 20.44 -8.39 -10.51
N ALA B 77 19.80 -8.69 -9.37
CA ALA B 77 19.65 -10.04 -8.83
C ALA B 77 18.19 -10.30 -8.50
N SER B 78 17.70 -11.52 -8.75
CA SER B 78 16.29 -11.87 -8.59
C SER B 78 16.01 -12.58 -7.28
N ASP B 79 14.87 -12.24 -6.67
CA ASP B 79 14.34 -12.95 -5.49
C ASP B 79 12.81 -12.83 -5.48
N LEU B 80 12.18 -13.32 -4.40
CA LEU B 80 10.73 -13.26 -4.19
C LEU B 80 10.00 -14.22 -5.14
N ILE B 81 9.20 -13.73 -6.09
CA ILE B 81 8.46 -14.56 -7.06
C ILE B 81 7.52 -15.59 -6.40
N ASP B 82 6.80 -15.16 -5.36
CA ASP B 82 6.01 -16.07 -4.50
C ASP B 82 4.55 -16.17 -4.85
N ILE B 83 4.00 -17.36 -4.65
CA ILE B 83 2.57 -17.65 -4.73
C ILE B 83 2.04 -17.39 -6.14
N THR B 84 2.06 -18.42 -6.98
CA THR B 84 1.80 -18.26 -8.41
C THR B 84 0.51 -18.94 -8.86
N LEU B 85 -0.42 -18.18 -9.43
CA LEU B 85 -1.64 -18.73 -10.05
C LEU B 85 -1.50 -18.84 -11.56
N MET B 86 -2.34 -19.69 -12.17
CA MET B 86 -2.43 -19.77 -13.62
C MET B 86 -3.79 -20.33 -14.06
N PRO B 87 -4.58 -19.54 -14.82
CA PRO B 87 -5.87 -20.03 -15.30
C PRO B 87 -5.72 -21.01 -16.48
N THR B 88 -6.65 -21.96 -16.58
CA THR B 88 -6.64 -22.94 -17.67
C THR B 88 -7.98 -23.69 -17.79
N SER B 89 -8.18 -24.34 -18.93
CA SER B 89 -9.31 -25.25 -19.17
C SER B 89 -8.90 -26.73 -19.31
N SER B 90 -7.60 -26.99 -19.46
CA SER B 90 -7.07 -28.32 -19.77
C SER B 90 -5.78 -28.64 -18.99
N GLY B 91 -5.71 -28.18 -17.73
CA GLY B 91 -4.55 -28.42 -16.85
C GLY B 91 -3.19 -27.91 -17.29
N ARG B 92 -3.16 -26.94 -18.23
CA ARG B 92 -1.92 -26.40 -18.78
C ARG B 92 -1.31 -25.37 -17.82
N THR B 93 0.02 -25.29 -17.79
CA THR B 93 0.76 -24.43 -16.84
C THR B 93 1.42 -23.20 -17.46
N SER B 94 1.13 -22.91 -18.74
CA SER B 94 1.73 -21.78 -19.45
C SER B 94 0.87 -21.36 -20.63
N SER B 95 1.02 -20.10 -21.04
CA SER B 95 0.40 -19.62 -22.27
C SER B 95 1.32 -18.67 -23.02
N ALA B 96 1.05 -18.50 -24.32
CA ALA B 96 1.72 -17.48 -25.13
C ALA B 96 0.79 -16.29 -25.26
N PHE B 97 1.38 -15.10 -25.45
CA PHE B 97 0.63 -13.84 -25.56
C PHE B 97 1.36 -12.84 -26.48
N THR B 98 0.58 -11.95 -27.08
CA THR B 98 1.10 -10.79 -27.82
C THR B 98 0.92 -9.51 -27.01
N HIS B 99 1.90 -8.60 -27.13
CA HIS B 99 1.75 -7.24 -26.57
C HIS B 99 0.58 -6.51 -27.25
N ASP B 100 0.30 -6.85 -28.51
CA ASP B 100 -0.86 -6.34 -29.27
C ASP B 100 -2.22 -6.56 -28.57
N GLU B 101 -2.32 -7.61 -27.74
CA GLU B 101 -3.46 -7.80 -26.83
C GLU B 101 -2.94 -7.90 -25.39
N GLU B 102 -2.49 -6.76 -24.89
CA GLU B 102 -1.99 -6.60 -23.52
C GLU B 102 -2.20 -5.13 -23.14
N LYS B 103 -2.31 -4.85 -21.83
CA LYS B 103 -2.51 -3.48 -21.35
C LYS B 103 -2.05 -3.35 -19.91
N ALA B 104 -1.60 -2.14 -19.55
CA ALA B 104 -1.20 -1.86 -18.16
C ALA B 104 -1.28 -0.36 -17.82
N ARG B 105 -1.75 -0.08 -16.60
CA ARG B 105 -1.88 1.26 -16.05
C ARG B 105 -1.67 1.13 -14.54
N PRO B 106 -1.39 2.24 -13.82
CA PRO B 106 -1.09 2.10 -12.40
C PRO B 106 -2.15 1.34 -11.62
N GLY B 107 -1.73 0.25 -10.99
CA GLY B 107 -2.62 -0.64 -10.24
C GLY B 107 -3.44 -1.61 -11.06
N TYR B 108 -3.16 -1.76 -12.36
CA TYR B 108 -3.94 -2.64 -13.26
C TYR B 108 -3.12 -3.26 -14.38
N TYR B 109 -3.30 -4.57 -14.59
CA TYR B 109 -2.67 -5.29 -15.69
C TYR B 109 -3.71 -6.17 -16.37
N GLN B 110 -3.62 -6.29 -17.70
CA GLN B 110 -4.48 -7.17 -18.49
C GLN B 110 -3.67 -7.86 -19.59
N VAL B 111 -4.01 -9.12 -19.86
CA VAL B 111 -3.40 -9.89 -20.95
C VAL B 111 -4.32 -11.00 -21.42
N MET B 112 -4.34 -11.21 -22.73
CA MET B 112 -5.04 -12.34 -23.33
C MET B 112 -4.05 -13.50 -23.36
N LEU B 113 -4.44 -14.62 -22.76
CA LEU B 113 -3.65 -15.85 -22.79
C LEU B 113 -4.13 -16.62 -24.01
N LYS B 114 -3.31 -16.61 -25.07
CA LYS B 114 -3.75 -16.99 -26.42
C LYS B 114 -3.97 -18.49 -26.63
N ASP B 115 -3.25 -19.31 -25.87
CA ASP B 115 -3.38 -20.78 -25.95
C ASP B 115 -4.83 -21.27 -25.81
N GLU B 116 -5.55 -20.71 -24.86
CA GLU B 116 -6.91 -21.18 -24.49
C GLU B 116 -8.00 -20.10 -24.57
N ASN B 117 -7.69 -18.95 -25.19
CA ASN B 117 -8.60 -17.78 -25.23
C ASN B 117 -9.13 -17.37 -23.85
N ILE B 118 -8.25 -17.35 -22.85
CA ILE B 118 -8.55 -16.88 -21.49
C ILE B 118 -8.00 -15.45 -21.31
N ASN B 119 -8.81 -14.58 -20.70
CA ASN B 119 -8.47 -13.17 -20.51
C ASN B 119 -8.19 -12.86 -19.03
N ALA B 120 -6.90 -12.69 -18.70
CA ALA B 120 -6.46 -12.39 -17.33
C ALA B 120 -6.50 -10.88 -17.05
N GLU B 121 -6.81 -10.54 -15.79
CA GLU B 121 -6.89 -9.16 -15.32
C GLU B 121 -6.48 -9.11 -13.86
N LEU B 122 -5.64 -8.13 -13.52
CA LEU B 122 -5.00 -8.06 -12.21
C LEU B 122 -5.10 -6.66 -11.63
N THR B 123 -5.32 -6.57 -10.32
CA THR B 123 -5.14 -5.34 -9.55
C THR B 123 -4.70 -5.71 -8.14
N THR B 124 -4.50 -4.72 -7.27
CA THR B 124 -4.01 -4.96 -5.92
C THR B 124 -4.55 -3.94 -4.92
N THR B 125 -4.34 -4.26 -3.65
CA THR B 125 -4.39 -3.28 -2.57
C THR B 125 -3.02 -3.37 -1.89
N GLN B 126 -2.84 -2.66 -0.78
CA GLN B 126 -1.56 -2.63 -0.10
C GLN B 126 -1.01 -4.02 0.23
N ARG B 127 -1.87 -4.97 0.62
CA ARG B 127 -1.46 -6.33 1.00
C ARG B 127 -2.24 -7.47 0.33
N ASN B 128 -2.95 -7.18 -0.75
CA ASN B 128 -3.76 -8.19 -1.45
C ASN B 128 -3.59 -8.11 -2.96
N GLY B 129 -3.62 -9.27 -3.62
CA GLY B 129 -3.70 -9.35 -5.08
C GLY B 129 -5.12 -9.79 -5.46
N ILE B 130 -5.69 -9.17 -6.49
CA ILE B 130 -7.04 -9.49 -6.97
C ILE B 130 -6.99 -9.86 -8.45
N HIS B 131 -7.42 -11.08 -8.79
CA HIS B 131 -7.35 -11.57 -10.17
C HIS B 131 -8.76 -11.60 -10.71
N ARG B 132 -8.88 -11.68 -12.04
CA ARG B 132 -10.18 -11.90 -12.68
C ARG B 132 -10.00 -12.55 -14.05
N TYR B 133 -10.45 -13.80 -14.13
CA TYR B 133 -10.26 -14.64 -15.31
C TYR B 133 -11.58 -14.90 -16.03
N GLN B 134 -11.55 -14.78 -17.36
CA GLN B 134 -12.73 -14.95 -18.22
C GLN B 134 -12.44 -16.05 -19.23
N TYR B 135 -13.10 -17.19 -19.03
CA TYR B 135 -12.88 -18.39 -19.86
C TYR B 135 -13.94 -18.39 -20.95
N PRO B 136 -13.62 -18.95 -22.15
CA PRO B 136 -14.65 -19.00 -23.20
C PRO B 136 -15.83 -19.88 -22.80
N ALA B 137 -17.04 -19.48 -23.20
CA ALA B 137 -18.26 -20.24 -22.90
C ALA B 137 -18.23 -21.57 -23.65
N GLY B 138 -18.59 -22.65 -22.96
CA GLY B 138 -18.40 -24.00 -23.49
C GLY B 138 -16.97 -24.48 -23.32
N LYS B 139 -16.38 -24.16 -22.16
CA LYS B 139 -15.03 -24.62 -21.81
C LYS B 139 -14.87 -24.65 -20.29
N ASP B 140 -13.96 -25.49 -19.82
CA ASP B 140 -13.74 -25.68 -18.37
C ASP B 140 -13.06 -24.47 -17.75
N ALA B 141 -13.30 -24.27 -16.45
CA ALA B 141 -12.65 -23.19 -15.67
C ALA B 141 -11.80 -23.81 -14.55
N GLU B 142 -10.47 -23.69 -14.68
CA GLU B 142 -9.51 -24.21 -13.68
C GLU B 142 -8.53 -23.12 -13.22
N ILE B 143 -7.94 -23.33 -12.04
CA ILE B 143 -6.87 -22.50 -11.51
C ILE B 143 -5.77 -23.42 -11.00
N ILE B 144 -4.55 -23.25 -11.52
CA ILE B 144 -3.38 -23.96 -11.02
C ILE B 144 -2.61 -23.05 -10.06
N LEU B 145 -2.34 -23.56 -8.86
CA LEU B 145 -1.46 -22.91 -7.89
C LEU B 145 -0.13 -23.61 -7.96
N ASP B 146 0.94 -22.87 -8.17
CA ASP B 146 2.30 -23.39 -8.20
C ASP B 146 3.05 -22.74 -7.03
N MET B 147 3.37 -23.54 -6.02
CA MET B 147 4.13 -23.08 -4.85
C MET B 147 5.64 -23.36 -4.98
N ASP B 148 6.04 -24.02 -6.07
CA ASP B 148 7.45 -24.26 -6.36
C ASP B 148 8.05 -23.04 -7.04
N HIS B 149 7.29 -22.53 -8.01
CA HIS B 149 7.72 -21.42 -8.88
C HIS B 149 8.37 -20.31 -8.10
N SER B 150 9.60 -20.00 -8.50
CA SER B 150 10.42 -19.03 -7.78
C SER B 150 11.52 -18.49 -8.72
N ALA B 151 12.50 -17.79 -8.15
CA ALA B 151 13.71 -17.43 -8.87
C ALA B 151 14.57 -18.68 -9.10
N ASP B 152 15.61 -18.53 -9.93
CA ASP B 152 16.57 -19.60 -10.23
C ASP B 152 17.14 -20.22 -8.94
N LYS B 153 16.96 -21.53 -8.79
CA LYS B 153 17.38 -22.26 -7.59
C LYS B 153 18.91 -22.50 -7.52
N GLY B 154 19.60 -22.39 -8.66
CA GLY B 154 21.05 -22.49 -8.71
C GLY B 154 21.85 -21.30 -8.19
N SER B 155 21.20 -20.15 -7.94
CA SER B 155 21.91 -18.88 -7.73
C SER B 155 22.46 -18.60 -6.30
N TRP B 156 21.71 -18.97 -5.26
CA TRP B 156 22.00 -18.56 -3.87
C TRP B 156 21.73 -19.67 -2.82
N GLY B 157 21.80 -20.94 -3.24
CA GLY B 157 21.34 -22.04 -2.39
C GLY B 157 19.83 -22.05 -2.20
N ARG B 158 19.12 -21.50 -3.19
CA ARG B 158 17.67 -21.37 -3.10
C ARG B 158 17.00 -22.74 -3.12
N ARG B 159 16.48 -23.11 -1.95
CA ARG B 159 15.65 -24.32 -1.77
C ARG B 159 14.43 -23.96 -0.92
N ILE B 160 13.26 -24.41 -1.36
CA ILE B 160 12.05 -24.39 -0.56
C ILE B 160 12.21 -25.40 0.59
N ILE B 161 12.23 -24.91 1.83
CA ILE B 161 12.42 -25.78 3.01
C ILE B 161 11.15 -26.58 3.30
N ASN B 162 10.03 -25.87 3.41
CA ASN B 162 8.73 -26.49 3.63
C ASN B 162 7.63 -25.60 3.03
N SER B 163 6.45 -26.18 2.82
CA SER B 163 5.31 -25.46 2.25
C SER B 163 4.02 -26.24 2.50
N GLN B 164 2.89 -25.58 2.24
CA GLN B 164 1.57 -26.17 2.38
C GLN B 164 0.60 -25.62 1.34
N ILE B 165 -0.35 -26.45 0.93
CA ILE B 165 -1.60 -25.98 0.30
C ILE B 165 -2.70 -26.69 1.10
N ARG B 166 -3.56 -25.91 1.75
CA ARG B 166 -4.65 -26.47 2.58
C ARG B 166 -6.00 -25.92 2.15
N ILE B 167 -6.89 -26.80 1.68
CA ILE B 167 -8.20 -26.36 1.23
C ILE B 167 -9.21 -26.30 2.37
N LEU B 168 -9.48 -25.09 2.82
CA LEU B 168 -10.40 -24.82 3.91
C LEU B 168 -11.86 -25.13 3.63
N ASN B 169 -12.28 -24.86 2.41
CA ASN B 169 -13.66 -25.06 2.01
C ASN B 169 -13.82 -24.93 0.51
N ASP B 170 -15.05 -24.86 0.08
CA ASP B 170 -15.35 -24.74 -1.34
C ASP B 170 -14.77 -23.47 -1.95
N HIS B 171 -14.81 -22.37 -1.20
CA HIS B 171 -14.31 -21.08 -1.68
C HIS B 171 -12.97 -20.55 -1.12
N ALA B 172 -12.38 -21.20 -0.13
CA ALA B 172 -11.13 -20.69 0.47
C ALA B 172 -9.98 -21.70 0.51
N VAL B 173 -8.75 -21.22 0.26
CA VAL B 173 -7.51 -22.00 0.35
C VAL B 173 -6.49 -21.20 1.15
N GLU B 174 -5.66 -21.87 1.95
CA GLU B 174 -4.57 -21.22 2.68
C GLU B 174 -3.27 -21.98 2.45
N GLY B 175 -2.18 -21.48 3.02
CA GLY B 175 -0.88 -22.15 2.90
C GLY B 175 0.33 -21.24 3.12
N TYR B 176 1.51 -21.77 2.82
CA TYR B 176 2.76 -21.04 3.00
C TYR B 176 3.90 -21.64 2.18
N ARG B 177 5.05 -20.97 2.21
CA ARG B 177 6.30 -21.48 1.65
C ARG B 177 7.44 -20.84 2.40
N ILE B 178 8.30 -21.64 3.01
CA ILE B 178 9.55 -21.13 3.57
C ILE B 178 10.61 -21.45 2.53
N ILE B 179 11.46 -20.46 2.25
CA ILE B 179 12.40 -20.53 1.13
C ILE B 179 13.66 -19.69 1.38
N THR B 180 14.80 -20.23 0.94
CA THR B 180 16.09 -19.56 1.04
C THR B 180 16.43 -18.87 -0.29
N GLY B 181 17.46 -18.03 -0.27
CA GLY B 181 17.94 -17.35 -1.48
C GLY B 181 18.87 -16.20 -1.18
N TRP B 182 18.71 -15.11 -1.95
CA TRP B 182 19.52 -13.89 -1.80
C TRP B 182 19.29 -13.29 -0.42
N ALA B 183 18.02 -13.18 -0.03
CA ALA B 183 17.65 -13.09 1.37
C ALA B 183 17.80 -14.52 1.93
N LYS B 184 18.56 -14.68 3.01
CA LYS B 184 18.85 -16.01 3.59
C LYS B 184 17.61 -16.88 3.85
N LEU B 185 16.64 -16.36 4.62
CA LEU B 185 15.42 -17.10 4.99
C LEU B 185 14.18 -16.21 4.97
N ARG B 186 13.15 -16.68 4.27
CA ARG B 186 11.91 -15.94 4.10
C ARG B 186 10.71 -16.89 4.24
N LYS B 187 9.69 -16.44 4.96
CA LYS B 187 8.49 -17.22 5.24
C LYS B 187 7.33 -16.44 4.64
N ILE B 188 6.62 -17.04 3.69
CA ILE B 188 5.57 -16.36 2.95
C ILE B 188 4.24 -17.10 3.13
N TYR B 189 3.37 -16.56 3.98
CA TYR B 189 2.08 -17.15 4.27
C TYR B 189 1.01 -16.52 3.38
N PHE B 190 0.05 -17.32 2.91
CA PHE B 190 -1.05 -16.81 2.10
C PHE B 190 -2.44 -17.33 2.48
N TYR B 191 -3.43 -16.47 2.28
CA TYR B 191 -4.84 -16.82 2.37
C TYR B 191 -5.46 -16.46 1.01
N MET B 192 -6.21 -17.38 0.42
CA MET B 192 -6.84 -17.16 -0.89
C MET B 192 -8.35 -17.46 -0.82
N GLU B 193 -9.14 -16.77 -1.64
CA GLU B 193 -10.57 -17.06 -1.82
C GLU B 193 -10.97 -17.02 -3.29
N PHE B 194 -12.07 -17.70 -3.62
CA PHE B 194 -12.61 -17.73 -5.00
C PHE B 194 -14.06 -17.25 -5.05
N SER B 195 -14.43 -16.64 -6.17
CA SER B 195 -15.80 -16.12 -6.37
C SER B 195 -16.82 -17.25 -6.60
N SER B 196 -16.39 -18.32 -7.26
CA SER B 196 -17.17 -19.56 -7.42
C SER B 196 -16.59 -20.69 -6.55
N PRO B 197 -17.39 -21.74 -6.27
CA PRO B 197 -16.94 -22.84 -5.43
C PRO B 197 -16.19 -23.93 -6.18
N ILE B 198 -15.25 -24.59 -5.49
CA ILE B 198 -14.52 -25.72 -6.03
C ILE B 198 -15.49 -26.91 -6.23
N LEU B 199 -15.44 -27.53 -7.41
CA LEU B 199 -16.25 -28.73 -7.68
C LEU B 199 -15.39 -29.97 -7.47
N THR B 200 -14.28 -30.08 -8.22
CA THR B 200 -13.26 -31.11 -7.97
C THR B 200 -11.88 -30.47 -7.81
N SER B 201 -10.95 -31.20 -7.20
CA SER B 201 -9.60 -30.68 -6.97
C SER B 201 -8.53 -31.77 -7.02
N THR B 202 -7.27 -31.32 -7.05
CA THR B 202 -6.10 -32.20 -7.05
C THR B 202 -4.92 -31.47 -6.41
N LEU B 203 -4.29 -32.07 -5.41
CA LEU B 203 -3.01 -31.61 -4.89
C LEU B 203 -1.93 -32.57 -5.35
N ARG B 204 -0.68 -32.10 -5.35
CA ARG B 204 0.47 -32.97 -5.63
C ARG B 204 1.77 -32.44 -5.04
N ASP B 205 2.82 -33.27 -5.09
CA ASP B 205 4.15 -32.93 -4.61
C ASP B 205 5.15 -33.78 -5.40
N GLY B 206 5.52 -33.28 -6.58
CA GLY B 206 6.28 -34.06 -7.54
C GLY B 206 5.35 -35.10 -8.14
N GLY B 207 5.75 -36.37 -8.09
CA GLY B 207 4.93 -37.49 -8.58
C GLY B 207 3.78 -37.94 -7.69
N ARG B 208 3.82 -37.54 -6.42
CA ARG B 208 2.79 -37.91 -5.43
C ARG B 208 1.49 -37.10 -5.58
N VAL B 209 0.51 -37.66 -6.28
CA VAL B 209 -0.79 -37.00 -6.53
C VAL B 209 -1.82 -37.43 -5.48
N HIS B 210 -2.70 -36.49 -5.12
CA HIS B 210 -3.76 -36.70 -4.12
C HIS B 210 -5.07 -36.08 -4.59
N GLU B 211 -5.91 -36.88 -5.25
CA GLU B 211 -7.17 -36.38 -5.82
C GLU B 211 -8.18 -36.05 -4.70
N ASN B 212 -8.89 -34.93 -4.87
CA ASN B 212 -9.90 -34.42 -3.93
C ASN B 212 -9.53 -34.51 -2.44
N THR B 213 -8.27 -34.19 -2.15
CA THR B 213 -7.69 -34.30 -0.82
C THR B 213 -7.54 -32.89 -0.21
N ALA B 214 -7.87 -32.76 1.08
CA ALA B 214 -8.04 -31.45 1.72
C ALA B 214 -6.74 -30.73 2.17
N VAL B 215 -5.62 -31.42 2.20
CA VAL B 215 -4.35 -30.80 2.58
C VAL B 215 -3.16 -31.55 1.97
N ILE B 216 -2.06 -30.82 1.76
CA ILE B 216 -0.80 -31.41 1.30
C ILE B 216 0.37 -30.62 1.88
N ASN B 217 1.49 -31.30 2.11
CA ASN B 217 2.71 -30.69 2.63
C ASN B 217 3.93 -31.28 1.93
N GLY B 218 4.97 -30.46 1.76
CA GLY B 218 6.16 -30.86 0.99
C GLY B 218 7.03 -29.68 0.57
N THR B 219 7.87 -29.91 -0.43
CA THR B 219 8.77 -28.88 -0.98
C THR B 219 8.60 -28.64 -2.49
N ASN B 220 7.50 -29.13 -3.07
CA ASN B 220 7.24 -28.94 -4.49
C ASN B 220 5.74 -29.09 -4.77
N LEU B 221 4.95 -28.20 -4.18
CA LEU B 221 3.50 -28.35 -4.15
C LEU B 221 2.83 -27.67 -5.32
N HIS B 222 1.80 -28.32 -5.85
CA HIS B 222 1.01 -27.80 -6.96
C HIS B 222 -0.45 -28.16 -6.76
N GLY B 223 -1.34 -27.22 -7.07
CA GLY B 223 -2.78 -27.43 -6.95
C GLY B 223 -3.46 -27.31 -8.30
N CYS B 224 -4.66 -27.86 -8.41
CA CYS B 224 -5.52 -27.65 -9.58
C CYS B 224 -6.96 -27.59 -9.09
N PHE B 225 -7.54 -26.39 -9.12
CA PHE B 225 -8.86 -26.16 -8.57
C PHE B 225 -9.85 -25.97 -9.72
N ARG B 226 -10.80 -26.89 -9.84
CA ARG B 226 -11.74 -26.91 -10.97
C ARG B 226 -13.11 -26.38 -10.52
N PHE B 227 -13.74 -25.62 -11.41
CA PHE B 227 -15.00 -24.93 -11.13
C PHE B 227 -16.13 -25.27 -12.13
N GLY B 228 -15.83 -26.10 -13.13
CA GLY B 228 -16.82 -26.48 -14.15
C GLY B 228 -17.18 -25.37 -15.13
N GLN B 229 -18.31 -25.55 -15.81
CA GLN B 229 -18.82 -24.58 -16.79
C GLN B 229 -19.36 -23.33 -16.10
N LEU B 230 -18.53 -22.30 -16.01
CA LEU B 230 -18.98 -20.99 -15.50
C LEU B 230 -19.52 -20.06 -16.60
N ASN B 231 -19.56 -20.55 -17.84
CA ASN B 231 -20.10 -19.81 -19.01
C ASN B 231 -21.38 -18.99 -18.71
N GLY B 232 -21.35 -17.65 -18.75
CA GLY B 232 -20.18 -16.80 -19.08
C GLY B 232 -19.83 -15.80 -17.99
N LYS B 233 -19.83 -16.25 -16.73
CA LYS B 233 -19.47 -15.42 -15.58
C LYS B 233 -17.95 -15.46 -15.32
N PRO B 234 -17.33 -14.33 -14.93
CA PRO B 234 -15.89 -14.35 -14.67
C PRO B 234 -15.52 -14.89 -13.28
N LEU B 235 -14.39 -15.60 -13.21
CA LEU B 235 -13.84 -16.12 -11.96
C LEU B 235 -12.88 -15.12 -11.32
N THR B 236 -13.30 -14.56 -10.19
CA THR B 236 -12.45 -13.67 -9.37
C THR B 236 -11.71 -14.49 -8.30
N CYS B 237 -10.42 -14.22 -8.16
CA CYS B 237 -9.62 -14.75 -7.06
C CYS B 237 -9.11 -13.57 -6.24
N LYS B 238 -8.89 -13.82 -4.94
CA LYS B 238 -8.29 -12.82 -4.04
C LYS B 238 -7.25 -13.54 -3.20
N VAL B 239 -6.03 -12.99 -3.16
CA VAL B 239 -4.91 -13.60 -2.44
C VAL B 239 -4.26 -12.51 -1.58
N ALA B 240 -4.10 -12.80 -0.29
CA ALA B 240 -3.35 -11.92 0.61
C ALA B 240 -2.13 -12.65 1.06
N LEU B 241 -1.14 -11.90 1.56
CA LEU B 241 0.15 -12.43 2.00
C LEU B 241 0.55 -11.87 3.35
N SER B 242 1.56 -12.49 3.94
CA SER B 242 2.09 -12.09 5.25
C SER B 242 3.43 -12.75 5.39
N SER B 243 4.31 -12.10 6.16
CA SER B 243 5.61 -12.66 6.50
C SER B 243 5.59 -13.40 7.84
N VAL B 244 4.40 -13.51 8.45
CA VAL B 244 4.26 -13.99 9.83
C VAL B 244 3.30 -15.19 9.98
N SER B 245 2.09 -15.14 9.39
CA SER B 245 1.09 -16.21 9.55
C SER B 245 -0.02 -16.20 8.49
N MET B 246 -0.69 -17.35 8.36
CA MET B 246 -1.96 -17.41 7.60
C MET B 246 -3.10 -16.66 8.29
N GLU B 247 -3.08 -16.61 9.63
CA GLU B 247 -4.00 -15.78 10.42
C GLU B 247 -3.98 -14.33 9.94
N ASN B 248 -2.78 -13.77 9.88
CA ASN B 248 -2.54 -12.42 9.36
C ASN B 248 -2.96 -12.27 7.91
N ALA B 249 -2.61 -13.25 7.08
CA ALA B 249 -3.01 -13.22 5.67
C ALA B 249 -4.52 -13.03 5.52
N ARG B 250 -5.31 -13.86 6.22
CA ARG B 250 -6.77 -13.75 6.21
C ARG B 250 -7.21 -12.37 6.75
N GLN B 251 -6.64 -11.97 7.88
CA GLN B 251 -6.97 -10.68 8.49
C GLN B 251 -6.75 -9.51 7.50
N ASN B 252 -5.61 -9.52 6.82
CA ASN B 252 -5.29 -8.53 5.78
C ASN B 252 -6.34 -8.51 4.67
N MET B 253 -6.85 -9.67 4.26
CA MET B 253 -7.96 -9.72 3.31
C MET B 253 -9.25 -9.18 3.92
N GLU B 254 -9.50 -9.53 5.18
CA GLU B 254 -10.67 -9.05 5.93
C GLU B 254 -10.72 -7.52 5.94
N GLN B 255 -9.60 -6.90 6.30
CA GLN B 255 -9.50 -5.45 6.41
C GLN B 255 -9.47 -4.72 5.07
N GLU B 256 -8.70 -5.23 4.12
CA GLU B 256 -8.45 -4.51 2.86
C GLU B 256 -9.33 -4.94 1.69
N ALA B 257 -9.64 -6.23 1.58
CA ALA B 257 -10.38 -6.75 0.41
C ALA B 257 -11.48 -7.77 0.76
N PRO B 258 -12.55 -7.31 1.45
CA PRO B 258 -13.71 -8.16 1.74
C PRO B 258 -14.69 -8.34 0.58
N HIS B 259 -14.87 -7.29 -0.24
CA HIS B 259 -15.82 -7.33 -1.34
C HIS B 259 -15.30 -8.09 -2.57
N TRP B 260 -16.20 -8.30 -3.54
CA TRP B 260 -15.91 -9.03 -4.77
C TRP B 260 -16.10 -8.20 -6.05
N ASP B 261 -16.39 -6.90 -5.92
CA ASP B 261 -16.43 -5.98 -7.05
C ASP B 261 -15.00 -5.72 -7.54
N PHE B 262 -14.63 -6.36 -8.66
CA PHE B 262 -13.28 -6.26 -9.23
C PHE B 262 -12.99 -4.86 -9.76
N ASP B 263 -13.94 -4.30 -10.50
CA ASP B 263 -13.81 -2.95 -11.04
C ASP B 263 -13.66 -1.91 -9.93
N ARG B 264 -14.25 -2.17 -8.77
CA ARG B 264 -14.10 -1.28 -7.61
C ARG B 264 -12.65 -1.24 -7.11
N TYR B 265 -11.95 -2.37 -7.14
CA TYR B 265 -10.52 -2.43 -6.74
C TYR B 265 -9.63 -1.70 -7.76
N VAL B 266 -9.91 -1.87 -9.05
CA VAL B 266 -9.15 -1.22 -10.12
C VAL B 266 -9.21 0.31 -9.98
N ALA B 267 -10.40 0.82 -9.67
CA ALA B 267 -10.62 2.25 -9.49
C ALA B 267 -10.01 2.75 -8.18
N ALA B 268 -10.13 1.96 -7.11
CA ALA B 268 -9.50 2.31 -5.83
C ALA B 268 -7.97 2.46 -5.93
N ALA B 269 -7.35 1.58 -6.72
CA ALA B 269 -5.91 1.61 -6.93
C ALA B 269 -5.52 2.80 -7.78
N ASP B 270 -6.28 3.04 -8.86
CA ASP B 270 -6.04 4.17 -9.76
C ASP B 270 -6.11 5.50 -9.01
N ALA B 271 -7.12 5.65 -8.16
CA ALA B 271 -7.31 6.86 -7.36
C ALA B 271 -6.21 7.05 -6.32
N ASP B 272 -5.65 5.95 -5.83
CA ASP B 272 -4.54 5.99 -4.89
C ASP B 272 -3.25 6.46 -5.61
N TRP B 273 -3.04 5.95 -6.81
CA TRP B 273 -1.93 6.37 -7.65
C TRP B 273 -2.05 7.83 -8.09
N GLU B 274 -3.27 8.28 -8.36
CA GLU B 274 -3.53 9.66 -8.76
C GLU B 274 -3.11 10.62 -7.64
N LYS B 275 -3.48 10.32 -6.40
CA LYS B 275 -3.05 11.14 -5.26
C LYS B 275 -1.53 11.15 -5.11
N GLN B 276 -0.88 10.00 -5.33
CA GLN B 276 0.58 9.86 -5.22
C GLN B 276 1.38 10.60 -6.31
N LEU B 277 1.04 10.33 -7.56
CA LEU B 277 1.71 10.95 -8.69
C LEU B 277 1.37 12.45 -8.79
N GLY B 278 0.20 12.82 -8.28
CA GLY B 278 -0.21 14.21 -8.20
C GLY B 278 0.60 15.09 -7.27
N LYS B 279 1.51 14.51 -6.51
CA LYS B 279 2.41 15.30 -5.66
C LYS B 279 3.39 16.15 -6.45
N ILE B 280 3.60 15.80 -7.72
CA ILE B 280 4.27 16.71 -8.64
C ILE B 280 3.44 16.85 -9.91
N GLU B 281 3.03 18.09 -10.15
CA GLU B 281 2.25 18.45 -11.32
C GLU B 281 3.24 19.07 -12.29
N VAL B 282 3.28 18.60 -13.53
CA VAL B 282 4.27 19.05 -14.51
C VAL B 282 3.62 19.42 -15.84
N LYS B 283 4.23 20.38 -16.54
CA LYS B 283 3.87 20.76 -17.90
C LYS B 283 5.08 20.50 -18.82
N GLY B 284 4.81 19.91 -19.97
CA GLY B 284 5.83 19.63 -20.97
C GLY B 284 5.22 18.86 -22.12
N THR B 285 6.05 18.27 -22.98
CA THR B 285 5.53 17.44 -24.08
C THR B 285 4.85 16.21 -23.52
N GLU B 286 4.08 15.54 -24.36
CA GLU B 286 3.35 14.34 -23.96
C GLU B 286 4.33 13.22 -23.65
N VAL B 287 5.33 13.01 -24.51
CA VAL B 287 6.41 12.05 -24.25
C VAL B 287 7.12 12.34 -22.92
N GLN B 288 7.43 13.61 -22.68
CA GLN B 288 8.10 13.99 -21.44
C GLN B 288 7.28 13.65 -20.21
N LYS B 289 5.96 13.84 -20.29
CA LYS B 289 5.09 13.54 -19.16
C LYS B 289 4.97 12.03 -18.89
N GLU B 290 4.95 11.25 -19.97
CA GLU B 290 4.98 9.79 -19.91
C GLU B 290 6.24 9.33 -19.17
N ILE B 291 7.40 9.81 -19.60
CA ILE B 291 8.67 9.45 -18.99
C ILE B 291 8.74 9.93 -17.54
N PHE B 292 8.26 11.14 -17.28
CA PHE B 292 8.38 11.73 -15.94
C PHE B 292 7.52 10.99 -14.91
N TYR B 293 6.28 10.69 -15.27
CA TYR B 293 5.37 10.06 -14.33
C TYR B 293 5.66 8.57 -14.18
N THR B 294 6.03 7.90 -15.27
CA THR B 294 6.55 6.52 -15.18
C THR B 294 7.77 6.42 -14.23
N ALA B 295 8.68 7.38 -14.34
CA ALA B 295 9.80 7.47 -13.40
C ALA B 295 9.31 7.71 -11.98
N LEU B 296 8.36 8.63 -11.80
CA LEU B 296 7.87 8.92 -10.44
C LEU B 296 7.19 7.68 -9.83
N TYR B 297 6.40 7.00 -10.67
CA TYR B 297 5.82 5.69 -10.35
C TYR B 297 6.89 4.69 -9.90
N HIS B 298 7.94 4.50 -10.68
CA HIS B 298 9.05 3.60 -10.30
C HIS B 298 9.75 3.94 -8.96
N THR B 299 9.75 5.21 -8.56
CA THR B 299 10.28 5.58 -7.24
C THR B 299 9.32 5.25 -6.12
N MET B 300 8.06 5.01 -6.44
CA MET B 300 7.00 4.88 -5.45
C MET B 300 6.52 3.44 -5.20
N ILE B 301 7.00 2.48 -5.99
CA ILE B 301 6.65 1.05 -5.83
C ILE B 301 7.52 0.27 -4.81
N GLN B 302 8.46 0.94 -4.18
CA GLN B 302 9.20 0.43 -3.02
C GLN B 302 9.82 1.65 -2.33
N PRO B 303 10.28 1.60 -1.08
CA PRO B 303 10.33 0.43 -0.17
C PRO B 303 8.99 -0.24 0.04
N ASN B 304 9.01 -1.55 0.32
CA ASN B 304 7.79 -2.36 0.34
C ASN B 304 7.24 -2.53 1.75
N THR B 305 5.91 -2.52 1.85
CA THR B 305 5.22 -2.80 3.11
C THR B 305 5.47 -4.26 3.51
N MET B 306 6.03 -4.43 4.70
CA MET B 306 6.25 -5.75 5.27
C MET B 306 5.23 -6.12 6.35
N SER B 307 4.97 -5.22 7.30
CA SER B 307 4.06 -5.51 8.42
C SER B 307 2.62 -5.69 7.97
N ASP B 308 1.89 -6.58 8.65
CA ASP B 308 0.47 -6.85 8.35
C ASP B 308 -0.39 -5.83 9.04
N VAL B 309 -1.68 -5.79 8.69
CA VAL B 309 -2.60 -4.76 9.23
C VAL B 309 -2.60 -4.71 10.76
N ASN B 310 -2.40 -5.84 11.41
CA ASN B 310 -2.25 -5.91 12.88
C ASN B 310 -0.88 -5.47 13.45
N GLY B 311 0.00 -4.95 12.58
CA GLY B 311 1.30 -4.40 13.00
C GLY B 311 2.45 -5.38 13.09
N GLU B 312 2.24 -6.61 12.61
CA GLU B 312 3.17 -7.72 12.86
C GLU B 312 4.12 -7.96 11.68
N TYR B 313 5.40 -8.15 11.99
CA TYR B 313 6.44 -8.39 10.99
C TYR B 313 7.45 -9.43 11.47
N MET B 314 8.11 -10.10 10.53
CA MET B 314 9.32 -10.86 10.85
C MET B 314 10.50 -9.89 10.95
N ALA B 315 11.07 -9.76 12.13
CA ALA B 315 12.25 -8.91 12.35
C ALA B 315 13.53 -9.56 11.81
N ALA B 316 14.67 -8.89 12.02
CA ALA B 316 15.97 -9.29 11.47
C ALA B 316 16.63 -10.44 12.22
N ASP B 317 16.04 -10.84 13.36
CA ASP B 317 16.40 -12.06 14.08
C ASP B 317 15.37 -13.17 13.84
N TYR B 318 14.48 -12.98 12.89
CA TYR B 318 13.50 -13.99 12.48
C TYR B 318 12.40 -14.29 13.54
N THR B 319 12.37 -13.49 14.61
CA THR B 319 11.26 -13.50 15.57
C THR B 319 10.13 -12.63 15.05
N THR B 320 8.91 -13.00 15.38
CA THR B 320 7.75 -12.17 15.12
C THR B 320 7.71 -11.01 16.13
N ARG B 321 7.40 -9.81 15.64
CA ARG B 321 7.29 -8.59 16.46
C ARG B 321 6.17 -7.71 15.93
N LYS B 322 5.79 -6.70 16.72
CA LYS B 322 4.75 -5.75 16.36
C LYS B 322 5.27 -4.30 16.48
N VAL B 323 4.90 -3.46 15.51
CA VAL B 323 5.15 -2.02 15.59
C VAL B 323 4.01 -1.33 16.32
N ALA B 324 4.13 -0.03 16.56
CA ALA B 324 3.02 0.77 17.14
C ALA B 324 1.83 0.85 16.18
N ASN B 325 0.66 1.20 16.72
CA ASN B 325 -0.60 1.16 15.96
C ASN B 325 -0.57 2.07 14.71
N ASN B 326 0.02 3.25 14.88
CA ASN B 326 0.19 4.25 13.81
C ASN B 326 1.45 4.11 12.90
N GLU B 327 2.10 2.94 12.93
CA GLU B 327 3.36 2.70 12.20
C GLU B 327 3.20 1.61 11.15
N THR B 328 4.12 1.62 10.19
CA THR B 328 4.24 0.57 9.19
C THR B 328 5.72 0.17 9.10
N HIS B 329 5.98 -1.14 9.04
CA HIS B 329 7.35 -1.69 8.89
C HIS B 329 7.61 -1.92 7.42
N TYR B 330 8.71 -1.34 6.92
CA TYR B 330 9.07 -1.45 5.50
C TYR B 330 10.40 -2.17 5.28
N THR B 331 10.51 -2.87 4.15
CA THR B 331 11.78 -3.45 3.70
C THR B 331 12.01 -3.15 2.19
N THR B 332 13.00 -3.81 1.58
CA THR B 332 13.48 -3.50 0.23
C THR B 332 14.20 -2.13 0.21
N PHE B 333 15.40 -2.11 0.79
CA PHE B 333 16.25 -0.93 0.81
C PHE B 333 17.53 -1.15 -0.01
N SER B 334 17.47 -0.86 -1.31
CA SER B 334 18.61 -1.00 -2.25
C SER B 334 19.62 0.13 -2.09
N LEU B 335 20.19 0.24 -0.90
CA LEU B 335 20.77 1.48 -0.42
C LEU B 335 21.95 2.05 -1.18
N TRP B 336 22.81 1.22 -1.76
CA TRP B 336 23.96 1.73 -2.50
C TRP B 336 23.52 2.65 -3.65
N ASP B 337 22.38 2.33 -4.25
CA ASP B 337 21.76 3.19 -5.24
C ASP B 337 20.95 4.30 -4.57
N THR B 338 19.99 3.88 -3.75
CA THR B 338 18.87 4.74 -3.37
C THR B 338 19.23 5.89 -2.44
N PHE B 339 20.36 5.80 -1.74
CA PHE B 339 20.80 6.92 -0.88
C PHE B 339 21.13 8.18 -1.68
N ARG B 340 21.46 8.01 -2.95
CA ARG B 340 21.92 9.09 -3.80
C ARG B 340 20.82 10.08 -4.20
N ALA B 341 19.67 9.57 -4.68
CA ALA B 341 18.57 10.42 -5.15
C ALA B 341 17.19 10.02 -4.62
N SER B 342 16.85 8.74 -4.78
CA SER B 342 15.58 8.19 -4.27
C SER B 342 15.23 8.70 -2.86
N HIS B 343 16.10 8.50 -1.89
CA HIS B 343 15.79 8.91 -0.52
C HIS B 343 15.69 10.42 -0.32
N PRO B 344 16.56 11.21 -0.97
CA PRO B 344 16.30 12.65 -1.01
C PRO B 344 14.92 13.00 -1.56
N LEU B 345 14.51 12.33 -2.64
CA LEU B 345 13.19 12.55 -3.19
C LEU B 345 12.06 12.22 -2.18
N TYR B 346 12.23 11.18 -1.37
CA TYR B 346 11.22 10.83 -0.36
C TYR B 346 11.14 11.85 0.75
N THR B 347 12.24 12.56 1.05
CA THR B 347 12.17 13.64 2.05
C THR B 347 11.31 14.83 1.57
N LEU B 348 11.21 14.98 0.24
CA LEU B 348 10.40 16.01 -0.37
C LEU B 348 8.95 15.59 -0.46
N LEU B 349 8.70 14.39 -0.98
CA LEU B 349 7.36 13.94 -1.30
C LEU B 349 6.68 13.07 -0.22
N GLU B 350 7.46 12.42 0.65
CA GLU B 350 6.92 11.36 1.50
C GLU B 350 7.46 11.43 2.91
N PRO B 351 7.49 12.64 3.51
CA PRO B 351 8.10 12.77 4.83
C PRO B 351 7.51 11.89 5.94
N GLU B 352 6.21 11.58 5.86
CA GLU B 352 5.58 10.65 6.82
C GLU B 352 6.16 9.25 6.67
N ARG B 353 6.21 8.75 5.43
CA ARG B 353 6.81 7.42 5.16
C ARG B 353 8.30 7.34 5.50
N VAL B 354 9.02 8.43 5.28
CA VAL B 354 10.45 8.48 5.62
C VAL B 354 10.69 8.14 7.09
N THR B 355 9.84 8.64 7.98
CA THR B 355 9.92 8.30 9.41
C THR B 355 9.78 6.79 9.63
N ASP B 356 8.88 6.14 8.91
CA ASP B 356 8.78 4.68 8.97
C ASP B 356 9.97 3.96 8.30
N PHE B 357 10.51 4.53 7.22
CA PHE B 357 11.71 3.99 6.58
C PHE B 357 12.87 4.00 7.56
N VAL B 358 13.11 5.15 8.17
CA VAL B 358 14.16 5.29 9.17
C VAL B 358 13.92 4.35 10.36
N LYS B 359 12.67 4.27 10.82
CA LYS B 359 12.33 3.38 11.94
C LYS B 359 12.63 1.90 11.59
N SER B 360 12.19 1.48 10.41
CA SER B 360 12.47 0.15 9.90
C SER B 360 13.98 -0.18 9.81
N MET B 361 14.79 0.80 9.41
CA MET B 361 16.25 0.61 9.33
C MET B 361 16.86 0.41 10.71
N ILE B 362 16.49 1.27 11.65
CA ILE B 362 16.97 1.16 13.03
C ILE B 362 16.54 -0.17 13.68
N ARG B 363 15.38 -0.71 13.30
CA ARG B 363 14.93 -2.05 13.72
C ARG B 363 15.89 -3.17 13.31
N GLN B 364 16.59 -3.02 12.18
CA GLN B 364 17.66 -3.96 11.88
C GLN B 364 18.80 -3.78 12.86
N TYR B 365 19.20 -2.55 13.19
CA TYR B 365 20.24 -2.37 14.20
C TYR B 365 19.85 -3.03 15.53
N GLU B 366 18.61 -2.82 15.95
CA GLU B 366 18.10 -3.33 17.24
C GLU B 366 18.25 -4.85 17.38
N TYR B 367 17.82 -5.60 16.36
CA TYR B 367 17.74 -7.06 16.43
C TYR B 367 18.82 -7.83 15.65
N TYR B 368 19.72 -7.11 14.99
CA TYR B 368 20.80 -7.71 14.19
C TYR B 368 22.18 -7.07 14.42
N GLY B 369 22.27 -5.97 15.16
CA GLY B 369 23.58 -5.39 15.57
C GLY B 369 24.10 -4.20 14.79
N TYR B 370 23.64 -4.00 13.56
CA TYR B 370 24.05 -2.83 12.74
C TYR B 370 23.06 -2.51 11.60
N LEU B 371 23.11 -1.26 11.14
CA LEU B 371 22.15 -0.74 10.14
C LEU B 371 22.22 -1.48 8.80
N PRO B 372 21.12 -1.45 8.02
CA PRO B 372 21.09 -2.19 6.74
C PRO B 372 22.06 -1.68 5.69
N ILE B 373 22.69 -2.60 4.97
CA ILE B 373 23.60 -2.27 3.87
C ILE B 373 22.80 -2.37 2.60
N TRP B 374 22.15 -3.50 2.41
CA TRP B 374 21.21 -3.67 1.33
C TRP B 374 20.20 -4.65 1.91
N GLN B 375 18.93 -4.25 2.05
CA GLN B 375 17.95 -5.05 2.77
C GLN B 375 16.85 -5.60 1.92
N LEU B 376 16.50 -6.86 2.20
CA LEU B 376 15.54 -7.62 1.43
C LEU B 376 14.72 -8.44 2.44
N TRP B 377 13.41 -8.51 2.23
CA TRP B 377 12.48 -9.26 3.09
C TRP B 377 12.94 -9.30 4.57
N GLY B 378 13.16 -8.12 5.13
CA GLY B 378 13.43 -7.96 6.55
C GLY B 378 14.87 -8.09 6.97
N GLN B 379 15.73 -8.62 6.10
CA GLN B 379 17.10 -9.00 6.49
C GLN B 379 18.14 -8.47 5.52
N ASP B 380 19.36 -8.28 6.03
CA ASP B 380 20.50 -7.86 5.21
C ASP B 380 21.00 -8.97 4.28
N ASN B 381 21.43 -8.57 3.08
CA ASN B 381 22.23 -9.44 2.19
C ASN B 381 23.63 -8.91 1.80
N TYR B 382 24.03 -7.76 2.35
CA TYR B 382 25.38 -7.18 2.18
C TYR B 382 25.81 -6.72 0.74
N CYS B 383 24.87 -6.69 -0.21
CA CYS B 383 25.18 -6.37 -1.61
C CYS B 383 25.75 -4.96 -1.74
N MET B 384 26.73 -4.81 -2.63
CA MET B 384 27.49 -3.56 -2.83
C MET B 384 28.34 -3.20 -1.60
N ILE B 385 28.53 -1.91 -1.33
CA ILE B 385 29.52 -1.44 -0.35
C ILE B 385 28.96 -0.27 0.45
N GLY B 386 29.73 0.20 1.43
CA GLY B 386 29.31 1.29 2.29
C GLY B 386 28.28 0.87 3.32
N ASN B 387 28.01 1.79 4.26
CA ASN B 387 26.89 1.70 5.20
C ASN B 387 25.88 2.83 4.91
N HIS B 388 25.21 2.69 3.77
CA HIS B 388 24.45 3.79 3.18
C HIS B 388 23.02 4.01 3.72
N SER B 389 22.67 3.32 4.82
CA SER B 389 21.61 3.78 5.71
C SER B 389 21.96 5.12 6.33
N ILE B 390 23.25 5.38 6.52
CA ILE B 390 23.69 6.49 7.37
C ILE B 390 23.42 7.86 6.74
N PRO B 391 23.70 8.03 5.44
CA PRO B 391 23.25 9.29 4.83
C PRO B 391 21.72 9.47 4.89
N VAL B 392 20.96 8.40 4.68
CA VAL B 392 19.48 8.46 4.66
C VAL B 392 18.93 8.93 6.01
N ILE B 393 19.41 8.32 7.08
CA ILE B 393 18.99 8.67 8.42
C ILE B 393 19.50 10.04 8.80
N THR B 394 20.73 10.36 8.41
CA THR B 394 21.32 11.66 8.73
C THR B 394 20.56 12.78 8.01
N ASP B 395 20.30 12.57 6.73
CA ASP B 395 19.57 13.54 5.91
C ASP B 395 18.19 13.83 6.50
N ALA B 396 17.48 12.77 6.89
CA ALA B 396 16.13 12.91 7.43
C ALA B 396 16.12 13.69 8.74
N ILE B 397 17.10 13.42 9.58
CA ILE B 397 17.21 14.10 10.86
C ILE B 397 17.57 15.56 10.66
N LEU B 398 18.59 15.84 9.85
CA LEU B 398 19.05 17.23 9.65
C LEU B 398 17.99 18.15 9.01
N LYS B 399 17.13 17.55 8.19
CA LYS B 399 16.02 18.25 7.56
C LYS B 399 14.82 18.48 8.49
N GLY B 400 14.85 17.89 9.70
CA GLY B 400 13.76 18.01 10.65
C GLY B 400 12.52 17.20 10.32
N ILE B 401 12.69 16.05 9.67
CA ILE B 401 11.59 15.11 9.45
C ILE B 401 11.13 14.66 10.84
N PRO B 402 9.83 14.86 11.17
CA PRO B 402 9.36 14.59 12.54
C PRO B 402 9.15 13.10 12.86
N GLY B 403 9.17 12.79 14.15
CA GLY B 403 8.84 11.44 14.66
C GLY B 403 10.01 10.50 14.88
N ILE B 404 11.23 11.04 14.80
CA ILE B 404 12.44 10.23 14.85
C ILE B 404 13.12 10.46 16.20
N ASP B 405 13.36 9.36 16.93
CA ASP B 405 14.17 9.37 18.14
C ASP B 405 15.61 9.58 17.72
N MET B 406 16.15 10.75 18.00
CA MET B 406 17.49 11.12 17.53
C MET B 406 18.58 10.38 18.29
N GLU B 407 18.36 10.09 19.57
CA GLU B 407 19.32 9.32 20.37
C GLU B 407 19.38 7.86 19.91
N LYS B 408 18.22 7.22 19.75
CA LYS B 408 18.16 5.83 19.22
C LYS B 408 18.76 5.75 17.81
N ALA B 409 18.52 6.78 17.00
CA ALA B 409 19.06 6.86 15.63
C ALA B 409 20.59 7.04 15.65
N TYR B 410 21.07 7.94 16.51
CA TYR B 410 22.51 8.15 16.61
C TYR B 410 23.22 6.91 17.12
N GLU B 411 22.67 6.30 18.19
CA GLU B 411 23.20 5.06 18.73
C GLU B 411 23.38 4.03 17.62
N ALA B 412 22.37 3.86 16.77
CA ALA B 412 22.44 2.92 15.64
C ALA B 412 23.48 3.34 14.61
N VAL B 413 23.58 4.65 14.38
CA VAL B 413 24.50 5.23 13.42
C VAL B 413 25.96 5.00 13.85
N TYR B 414 26.29 5.48 15.04
CA TYR B 414 27.62 5.30 15.65
C TYR B 414 28.04 3.82 15.69
N ASN B 415 27.21 2.97 16.30
CA ASN B 415 27.55 1.57 16.48
C ASN B 415 27.75 0.84 15.15
N SER B 416 27.00 1.22 14.12
CA SER B 416 27.20 0.66 12.77
C SER B 416 28.50 1.12 12.11
N SER B 417 29.07 2.22 12.61
CA SER B 417 30.30 2.80 12.08
C SER B 417 31.56 2.48 12.91
N VAL B 418 31.39 1.77 14.03
CA VAL B 418 32.52 1.31 14.88
C VAL B 418 32.58 -0.22 15.08
N THR B 419 31.41 -0.86 15.15
CA THR B 419 31.33 -2.31 15.17
C THR B 419 31.65 -2.89 13.79
N SER B 420 32.85 -3.45 13.65
CA SER B 420 33.27 -4.05 12.39
C SER B 420 32.38 -5.23 11.97
N HIS B 421 32.33 -5.48 10.66
CA HIS B 421 31.40 -6.44 10.03
C HIS B 421 31.80 -6.63 8.57
N PRO B 422 31.18 -7.57 7.83
CA PRO B 422 31.64 -7.84 6.45
C PRO B 422 31.75 -6.60 5.55
N ASN B 423 32.89 -6.47 4.88
CA ASN B 423 33.27 -5.34 4.03
C ASN B 423 33.46 -4.04 4.78
N SER B 424 33.40 -4.07 6.11
CA SER B 424 33.60 -2.84 6.91
C SER B 424 34.50 -3.23 8.09
N PRO B 425 35.83 -3.29 7.86
CA PRO B 425 36.80 -3.46 8.93
C PRO B 425 37.26 -2.13 9.50
N PHE B 426 36.51 -1.62 10.47
CA PHE B 426 36.78 -0.28 11.03
C PHE B 426 38.11 -0.14 11.78
N GLU B 427 38.69 -1.25 12.25
CA GLU B 427 39.99 -1.18 12.95
C GLU B 427 41.10 -0.95 11.93
N VAL B 428 41.07 -1.73 10.85
CA VAL B 428 41.95 -1.51 9.70
C VAL B 428 41.82 -0.07 9.19
N TRP B 429 40.56 0.35 9.01
CA TRP B 429 40.17 1.71 8.55
C TRP B 429 40.81 2.83 9.37
N GLU B 430 40.61 2.82 10.68
CA GLU B 430 41.24 3.82 11.55
C GLU B 430 42.77 3.63 11.65
N LYS B 431 43.27 2.42 11.42
CA LYS B 431 44.71 2.14 11.45
C LYS B 431 45.49 2.88 10.36
N TYR B 432 45.22 2.56 9.11
CA TYR B 432 45.96 3.13 7.96
C TYR B 432 45.41 4.45 7.41
N GLY B 433 44.14 4.77 7.67
CA GLY B 433 43.47 5.91 7.04
C GLY B 433 43.09 5.65 5.59
N PHE B 434 42.82 4.38 5.26
CA PHE B 434 42.26 3.96 3.98
C PHE B 434 42.03 2.45 4.02
N MET B 435 41.40 1.88 3.00
CA MET B 435 41.33 0.43 2.87
C MET B 435 42.52 0.00 2.01
N PRO B 436 43.45 -0.81 2.57
CA PRO B 436 44.50 -1.38 1.73
C PRO B 436 43.92 -2.46 0.83
N GLU B 437 44.24 -2.42 -0.47
CA GLU B 437 43.61 -3.33 -1.44
C GLU B 437 43.86 -4.81 -1.09
N ASN B 438 45.07 -5.12 -0.62
CA ASN B 438 45.41 -6.48 -0.22
C ASN B 438 44.64 -7.02 1.01
N ILE B 439 44.24 -6.14 1.94
CA ILE B 439 43.41 -6.52 3.10
C ILE B 439 41.91 -6.53 2.75
N GLN B 440 41.37 -5.37 2.39
CA GLN B 440 39.97 -5.22 2.00
C GLN B 440 39.93 -4.89 0.50
N THR B 441 39.40 -5.80 -0.31
CA THR B 441 39.22 -5.51 -1.72
C THR B 441 38.09 -4.48 -1.95
N GLN B 442 37.94 -4.01 -3.20
CA GLN B 442 37.11 -2.84 -3.55
C GLN B 442 37.54 -1.63 -2.71
N SER B 443 38.84 -1.54 -2.45
CA SER B 443 39.37 -0.64 -1.45
C SER B 443 39.14 0.84 -1.72
N VAL B 444 39.19 1.26 -2.99
CA VAL B 444 39.15 2.71 -3.30
C VAL B 444 37.70 3.22 -3.27
N SER B 445 36.81 2.56 -4.00
CA SER B 445 35.37 2.75 -3.90
C SER B 445 34.90 2.78 -2.44
N ILE B 446 35.26 1.74 -1.67
CA ILE B 446 34.91 1.68 -0.25
C ILE B 446 35.47 2.87 0.51
N THR B 447 36.73 3.21 0.26
CA THR B 447 37.35 4.34 0.94
C THR B 447 36.60 5.66 0.69
N LEU B 448 36.16 5.86 -0.55
CA LEU B 448 35.52 7.12 -0.93
C LEU B 448 34.09 7.17 -0.37
N GLU B 449 33.34 6.11 -0.62
CA GLU B 449 31.97 6.01 -0.12
C GLU B 449 31.88 5.96 1.41
N GLN B 450 32.78 5.23 2.06
CA GLN B 450 32.79 5.16 3.54
C GLN B 450 33.22 6.48 4.19
N ALA B 451 34.10 7.23 3.53
CA ALA B 451 34.48 8.55 4.02
C ALA B 451 33.28 9.52 4.01
N PHE B 452 32.40 9.35 3.00
CA PHE B 452 31.18 10.13 2.95
C PHE B 452 30.24 9.74 4.10
N ASP B 453 29.95 8.44 4.21
CA ASP B 453 29.17 7.91 5.36
C ASP B 453 29.63 8.52 6.67
N ASP B 454 30.95 8.61 6.86
CA ASP B 454 31.51 9.18 8.10
C ASP B 454 31.33 10.69 8.22
N TRP B 455 31.35 11.41 7.09
CA TRP B 455 30.94 12.83 7.08
C TRP B 455 29.51 13.01 7.62
N CYS B 456 28.59 12.14 7.22
CA CYS B 456 27.22 12.17 7.72
C CYS B 456 27.18 11.92 9.23
N VAL B 457 27.90 10.90 9.69
CA VAL B 457 28.02 10.63 11.12
C VAL B 457 28.53 11.86 11.87
N ALA B 458 29.52 12.55 11.30
CA ALA B 458 30.03 13.78 11.91
C ALA B 458 28.97 14.88 12.01
N GLN B 459 28.15 15.06 10.97
CA GLN B 459 27.11 16.11 10.97
C GLN B 459 26.09 15.84 12.07
N LEU B 460 25.67 14.57 12.15
CA LEU B 460 24.76 14.12 13.19
C LEU B 460 25.35 14.33 14.59
N ALA B 461 26.63 14.02 14.76
CA ALA B 461 27.33 14.24 16.02
C ALA B 461 27.39 15.72 16.43
N ALA B 462 27.67 16.60 15.47
CA ALA B 462 27.68 18.05 15.72
C ALA B 462 26.31 18.59 16.14
N LYS B 463 25.25 17.99 15.59
CA LYS B 463 23.87 18.38 15.87
C LYS B 463 23.48 17.99 17.30
N LEU B 464 24.03 16.88 17.80
CA LEU B 464 23.83 16.46 19.19
C LEU B 464 24.94 16.96 20.15
N ASN B 465 25.75 17.92 19.70
CA ASN B 465 26.88 18.48 20.47
C ASN B 465 27.84 17.43 21.09
N LYS B 466 28.11 16.39 20.32
CA LYS B 466 29.04 15.32 20.72
C LYS B 466 30.42 15.60 20.11
N ASP B 467 31.18 16.46 20.78
CA ASP B 467 32.44 17.01 20.22
C ASP B 467 33.53 15.97 19.98
N ALA B 468 33.65 15.00 20.87
CA ALA B 468 34.62 13.92 20.70
C ALA B 468 34.30 13.10 19.46
N ASP B 469 33.04 12.68 19.35
CA ASP B 469 32.56 11.95 18.18
C ASP B 469 32.73 12.72 16.87
N TYR B 470 32.53 14.04 16.90
CA TYR B 470 32.67 14.87 15.71
C TYR B 470 34.08 14.77 15.16
N GLN B 471 35.06 14.96 16.03
CA GLN B 471 36.47 14.96 15.62
C GLN B 471 36.86 13.60 15.02
N ARG B 472 36.48 12.53 15.69
CA ARG B 472 36.78 11.17 15.22
C ARG B 472 36.24 10.92 13.81
N PHE B 473 35.00 11.33 13.57
CA PHE B 473 34.37 11.06 12.29
C PHE B 473 34.69 12.09 11.19
N HIS B 474 34.93 13.34 11.58
CA HIS B 474 35.43 14.34 10.64
C HIS B 474 36.77 13.89 10.04
N LYS B 475 37.67 13.40 10.90
CA LYS B 475 38.98 12.89 10.47
C LYS B 475 38.80 11.70 9.52
N ARG B 476 37.93 10.77 9.89
CA ARG B 476 37.58 9.65 9.00
C ARG B 476 37.02 10.11 7.65
N SER B 477 36.23 11.19 7.64
CA SER B 477 35.66 11.74 6.39
C SER B 477 36.71 12.31 5.43
N GLU B 478 37.86 12.73 5.98
CA GLU B 478 38.97 13.22 5.16
C GLU B 478 39.94 12.13 4.64
N TYR B 479 39.70 10.84 4.94
CA TYR B 479 40.59 9.75 4.49
C TYR B 479 40.73 9.60 2.97
N TYR B 480 39.80 10.13 2.17
CA TYR B 480 39.97 10.16 0.70
C TYR B 480 41.32 10.76 0.31
N ARG B 481 41.81 11.74 1.08
CA ARG B 481 43.12 12.35 0.81
C ARG B 481 44.27 11.33 0.74
N ASN B 482 44.27 10.37 1.66
CA ASN B 482 45.29 9.31 1.70
C ASN B 482 45.31 8.33 0.49
N LEU B 483 44.36 8.44 -0.44
CA LEU B 483 44.44 7.70 -1.70
C LEU B 483 44.60 8.60 -2.95
N PHE B 484 44.90 9.88 -2.72
CA PHE B 484 45.07 10.83 -3.82
C PHE B 484 46.55 10.89 -4.25
N HIS B 485 46.81 10.45 -5.48
CA HIS B 485 48.16 10.41 -6.04
C HIS B 485 48.62 11.82 -6.49
N PRO B 486 49.71 12.37 -5.90
CA PRO B 486 50.09 13.76 -6.23
C PRO B 486 50.64 14.02 -7.64
N LYS B 487 50.89 12.98 -8.43
CA LYS B 487 51.39 13.08 -9.80
C LYS B 487 50.31 12.72 -10.84
N THR B 488 49.63 11.58 -10.68
CA THR B 488 48.55 11.21 -11.63
C THR B 488 47.24 11.95 -11.39
N LYS B 489 47.04 12.50 -10.19
CA LYS B 489 45.82 13.22 -9.82
C LYS B 489 44.55 12.35 -9.97
N PHE B 490 44.65 11.06 -9.64
CA PHE B 490 43.51 10.16 -9.53
C PHE B 490 43.53 9.61 -8.11
N PHE B 491 42.44 8.96 -7.69
CA PHE B 491 42.45 8.17 -6.45
C PHE B 491 42.89 6.78 -6.83
N GLN B 492 43.96 6.30 -6.21
CA GLN B 492 44.59 5.01 -6.58
C GLN B 492 44.69 4.07 -5.39
N SER B 493 44.69 2.77 -5.68
CA SER B 493 44.82 1.75 -4.63
C SER B 493 46.18 1.74 -3.96
N LYS B 494 46.21 1.43 -2.67
CA LYS B 494 47.43 1.21 -1.90
C LYS B 494 47.35 -0.08 -1.09
N ASN B 495 48.53 -0.57 -0.70
CA ASN B 495 48.66 -1.77 0.12
C ASN B 495 49.04 -1.40 1.54
N ASP B 496 49.04 -2.40 2.43
CA ASP B 496 49.25 -2.17 3.87
C ASP B 496 50.61 -1.59 4.25
N LYS B 497 51.62 -1.77 3.39
CA LYS B 497 52.88 -1.05 3.51
C LYS B 497 52.73 0.46 3.26
N GLY B 498 51.76 0.81 2.42
CA GLY B 498 51.45 2.21 2.07
C GLY B 498 51.98 2.61 0.71
N GLU B 499 51.96 1.68 -0.24
CA GLU B 499 52.62 1.82 -1.53
C GLU B 499 51.61 1.73 -2.66
N TRP B 500 51.77 2.59 -3.67
CA TRP B 500 50.83 2.65 -4.80
C TRP B 500 50.97 1.39 -5.63
N ILE B 501 49.94 0.55 -5.63
CA ILE B 501 49.91 -0.65 -6.46
C ILE B 501 50.13 -0.22 -7.92
N GLU B 502 51.27 -0.58 -8.50
CA GLU B 502 51.51 -0.41 -9.92
C GLU B 502 51.40 -1.75 -10.66
N PRO B 503 51.12 -1.76 -11.97
CA PRO B 503 50.76 -0.56 -12.75
C PRO B 503 49.32 -0.08 -12.45
N PHE B 504 49.03 1.17 -12.85
CA PHE B 504 47.70 1.77 -12.64
C PHE B 504 47.08 2.24 -13.96
N ASP B 505 45.94 1.68 -14.32
CA ASP B 505 45.18 2.11 -15.51
C ASP B 505 43.81 2.69 -15.09
N PRO B 506 43.65 4.02 -15.21
CA PRO B 506 42.40 4.63 -14.76
C PRO B 506 41.14 4.28 -15.58
N TYR B 507 41.31 3.63 -16.74
CA TYR B 507 40.18 3.20 -17.55
C TYR B 507 39.72 1.78 -17.23
N GLN B 508 40.44 1.08 -16.34
CA GLN B 508 40.18 -0.34 -16.11
C GLN B 508 39.06 -0.58 -15.09
N TYR B 509 38.04 -1.31 -15.51
CA TYR B 509 36.89 -1.61 -14.65
C TYR B 509 37.21 -2.69 -13.61
N GLY B 510 36.66 -2.49 -12.40
CA GLY B 510 36.54 -3.54 -11.41
C GLY B 510 35.12 -4.09 -11.39
N GLY B 511 34.95 -5.20 -10.67
CA GLY B 511 33.65 -5.85 -10.49
C GLY B 511 33.15 -5.64 -9.07
N ASN B 512 33.02 -6.73 -8.32
CA ASN B 512 32.51 -6.69 -6.95
C ASN B 512 33.45 -7.41 -6.01
N GLY B 513 34.71 -6.97 -6.06
CA GLY B 513 35.82 -7.62 -5.35
C GLY B 513 36.85 -8.11 -6.34
N GLY B 514 38.10 -8.21 -5.88
CA GLY B 514 39.24 -8.56 -6.73
C GLY B 514 39.83 -7.40 -7.52
N HIS B 515 39.44 -6.17 -7.17
CA HIS B 515 39.83 -4.96 -7.88
C HIS B 515 39.40 -3.81 -6.97
N PRO B 516 40.16 -2.71 -6.94
CA PRO B 516 39.87 -1.64 -5.97
C PRO B 516 38.67 -0.69 -6.26
N PHE B 517 37.93 -0.94 -7.34
CA PHE B 517 36.86 -0.07 -7.79
C PHE B 517 35.63 -0.94 -8.03
N THR B 518 34.47 -0.48 -7.57
CA THR B 518 33.24 -1.28 -7.61
C THR B 518 32.45 -0.94 -8.87
N GLU B 519 32.27 -1.94 -9.74
CA GLU B 519 31.51 -1.80 -10.97
C GLU B 519 31.80 -0.51 -11.77
N GLY B 520 33.06 -0.11 -11.77
CA GLY B 520 33.48 1.12 -12.42
C GLY B 520 34.99 1.22 -12.49
N ASN B 521 35.47 2.34 -13.05
CA ASN B 521 36.92 2.58 -13.15
C ASN B 521 37.31 3.79 -12.32
N ALA B 522 38.60 4.08 -12.29
CA ALA B 522 39.09 5.19 -11.49
C ALA B 522 38.66 6.54 -12.04
N TRP B 523 38.33 6.60 -13.33
CA TRP B 523 37.81 7.83 -13.94
C TRP B 523 36.48 8.23 -13.30
N GLN B 524 35.58 7.25 -13.22
CA GLN B 524 34.26 7.45 -12.66
C GLN B 524 34.24 7.66 -11.14
N TYR B 525 35.09 6.93 -10.41
CA TYR B 525 35.15 7.11 -8.94
C TYR B 525 35.98 8.30 -8.54
N PHE B 526 36.66 8.93 -9.48
CA PHE B 526 37.42 10.15 -9.16
C PHE B 526 36.57 11.22 -8.49
N TRP B 527 35.31 11.29 -8.88
CA TRP B 527 34.43 12.38 -8.51
C TRP B 527 33.75 12.20 -7.17
N TYR B 528 33.84 11.00 -6.56
CA TYR B 528 33.13 10.74 -5.31
C TYR B 528 33.77 11.33 -4.07
N VAL B 529 33.69 12.66 -3.95
CA VAL B 529 33.93 13.35 -2.68
C VAL B 529 32.82 14.41 -2.51
N PRO B 530 31.53 13.98 -2.53
CA PRO B 530 30.40 14.92 -2.57
C PRO B 530 30.35 15.86 -1.39
N HIS B 531 30.86 15.39 -0.26
CA HIS B 531 30.97 16.20 0.96
C HIS B 531 32.10 17.22 0.99
N ASN B 532 33.01 17.19 0.00
CA ASN B 532 34.08 18.19 -0.07
C ASN B 532 34.64 18.33 -1.48
N ILE B 533 33.76 18.73 -2.39
CA ILE B 533 34.11 19.05 -3.76
C ILE B 533 35.15 20.19 -3.80
N GLN B 534 35.10 21.10 -2.84
CA GLN B 534 36.10 22.17 -2.74
C GLN B 534 37.52 21.62 -2.60
N ALA B 535 37.69 20.60 -1.76
CA ALA B 535 38.98 19.91 -1.59
C ALA B 535 39.37 19.12 -2.82
N LEU B 536 38.43 18.43 -3.46
CA LEU B 536 38.73 17.67 -4.66
C LEU B 536 39.24 18.57 -5.78
N MET B 537 38.72 19.79 -5.85
CA MET B 537 39.14 20.75 -6.86
C MET B 537 40.55 21.27 -6.55
N GLU B 538 40.82 21.60 -5.28
CA GLU B 538 42.18 22.00 -4.85
C GLU B 538 43.23 20.94 -5.22
N LEU B 539 42.99 19.69 -4.82
CA LEU B 539 43.89 18.57 -5.12
C LEU B 539 44.11 18.33 -6.62
N THR B 540 43.08 18.59 -7.43
CA THR B 540 43.18 18.56 -8.88
C THR B 540 44.03 19.71 -9.47
N GLY B 541 44.24 20.79 -8.70
CA GLY B 541 44.90 22.01 -9.20
C GLY B 541 44.02 23.25 -9.36
N GLY B 542 42.81 23.24 -8.77
CA GLY B 542 41.89 24.38 -8.81
C GLY B 542 40.76 24.20 -9.82
N THR B 543 39.95 25.24 -9.96
CA THR B 543 38.68 25.15 -10.70
C THR B 543 38.85 24.92 -12.20
N LYS B 544 39.86 25.53 -12.80
CA LYS B 544 40.11 25.37 -14.24
C LYS B 544 40.66 23.98 -14.58
N ALA B 545 41.57 23.50 -13.74
CA ALA B 545 42.12 22.16 -13.93
C ALA B 545 40.99 21.15 -13.83
N PHE B 546 40.24 21.28 -12.74
CA PHE B 546 39.05 20.45 -12.47
C PHE B 546 38.08 20.44 -13.64
N GLU B 547 37.78 21.63 -14.17
CA GLU B 547 36.97 21.76 -15.39
C GLU B 547 37.53 20.96 -16.56
N GLN B 548 38.84 21.10 -16.78
CA GLN B 548 39.52 20.39 -17.86
C GLN B 548 39.52 18.87 -17.65
N LYS B 549 39.65 18.44 -16.40
CA LYS B 549 39.52 17.01 -16.08
C LYS B 549 38.12 16.46 -16.41
N LEU B 550 37.08 17.23 -16.08
CA LEU B 550 35.69 16.85 -16.49
C LEU B 550 35.50 16.79 -18.00
N ASP B 551 36.11 17.74 -18.72
CA ASP B 551 36.02 17.73 -20.20
C ASP B 551 36.57 16.43 -20.74
N THR B 552 37.76 16.03 -20.26
CA THR B 552 38.34 14.75 -20.66
C THR B 552 37.38 13.62 -20.32
N PHE B 553 36.92 13.60 -19.07
CA PHE B 553 35.94 12.59 -18.60
C PHE B 553 34.70 12.46 -19.47
N PHE B 554 34.10 13.59 -19.85
CA PHE B 554 32.89 13.59 -20.69
C PHE B 554 33.13 13.39 -22.19
N THR B 555 34.39 13.41 -22.64
CA THR B 555 34.74 13.33 -24.07
C THR B 555 35.57 12.11 -24.52
N SER B 556 36.37 11.55 -23.60
CA SER B 556 37.22 10.39 -23.90
C SER B 556 36.42 9.10 -24.14
N THR B 557 36.40 8.63 -25.39
CA THR B 557 35.65 7.42 -25.77
C THR B 557 36.50 6.12 -25.83
N TYR B 558 37.57 6.05 -25.06
CA TYR B 558 38.41 4.86 -24.97
C TYR B 558 37.70 3.71 -24.20
N LYS B 559 37.24 2.71 -24.95
CA LYS B 559 36.52 1.55 -24.39
C LYS B 559 37.47 0.36 -24.16
N MET B 563 36.30 -3.67 -19.12
CA MET B 563 34.89 -3.24 -19.16
C MET B 563 34.02 -4.05 -18.20
N ASN B 564 33.00 -3.38 -17.64
CA ASN B 564 32.09 -4.01 -16.67
C ASN B 564 30.66 -4.14 -17.19
N HIS B 565 30.05 -5.26 -16.81
CA HIS B 565 28.65 -5.63 -17.06
C HIS B 565 27.64 -4.46 -16.87
N ASN B 566 27.71 -3.84 -15.70
CA ASN B 566 26.77 -2.79 -15.26
C ASN B 566 26.93 -1.42 -15.90
N ALA B 567 28.17 -1.07 -16.26
CA ALA B 567 28.46 0.22 -16.89
C ALA B 567 27.90 0.28 -18.32
N SER B 568 27.07 1.30 -18.56
CA SER B 568 26.44 1.56 -19.85
C SER B 568 25.96 3.02 -19.89
N GLY B 569 25.36 3.44 -21.01
CA GLY B 569 24.88 4.83 -21.18
C GLY B 569 26.03 5.82 -21.15
N PHE B 570 26.92 5.70 -22.14
CA PHE B 570 28.19 6.40 -22.11
C PHE B 570 28.09 7.80 -22.71
N VAL B 571 28.59 8.78 -21.96
CA VAL B 571 29.00 10.06 -22.51
C VAL B 571 30.49 10.18 -22.19
N GLY B 572 31.33 9.76 -23.14
CA GLY B 572 32.76 9.54 -22.88
C GLY B 572 32.91 8.44 -21.84
N GLN B 573 33.65 8.72 -20.77
CA GLN B 573 33.76 7.82 -19.62
C GLN B 573 32.58 7.85 -18.64
N TYR B 574 31.73 8.88 -18.71
CA TYR B 574 30.52 8.95 -17.87
C TYR B 574 29.61 7.80 -18.26
N ALA B 575 29.16 7.02 -17.27
CA ALA B 575 28.28 5.89 -17.54
C ALA B 575 26.98 6.03 -16.77
N HIS B 576 25.96 6.56 -17.44
CA HIS B 576 24.69 6.81 -16.76
C HIS B 576 24.01 5.54 -16.24
N GLY B 577 24.25 4.42 -16.93
CA GLY B 577 23.68 3.13 -16.58
C GLY B 577 24.09 2.54 -15.24
N ASN B 578 24.99 3.19 -14.52
CA ASN B 578 25.29 2.79 -13.16
C ASN B 578 25.60 4.01 -12.31
N GLU B 579 25.41 3.86 -11.00
CA GLU B 579 25.21 5.01 -10.12
C GLU B 579 26.44 5.79 -9.64
N PRO B 580 27.68 5.25 -9.79
CA PRO B 580 28.79 6.06 -9.25
C PRO B 580 28.97 7.42 -9.97
N SER B 581 28.61 7.49 -11.24
CA SER B 581 28.72 8.75 -11.99
C SER B 581 27.46 9.67 -11.92
N HIS B 582 26.39 9.26 -11.21
CA HIS B 582 25.10 9.96 -11.25
C HIS B 582 25.10 11.43 -10.84
N HIS B 583 26.03 11.82 -9.99
CA HIS B 583 26.17 13.20 -9.53
C HIS B 583 27.13 14.09 -10.36
N VAL B 584 27.77 13.53 -11.39
CA VAL B 584 29.00 14.13 -11.95
C VAL B 584 28.73 15.33 -12.89
N ALA B 585 27.73 15.21 -13.76
CA ALA B 585 27.34 16.31 -14.65
C ALA B 585 27.04 17.62 -13.91
N TYR B 586 26.59 17.52 -12.66
CA TYR B 586 26.33 18.69 -11.82
C TYR B 586 27.60 19.34 -11.27
N LEU B 587 28.76 18.72 -11.45
CA LEU B 587 30.02 19.25 -10.87
C LEU B 587 30.62 20.44 -11.61
N TYR B 588 30.26 20.63 -12.88
CA TYR B 588 30.66 21.85 -13.59
C TYR B 588 30.27 23.17 -12.88
N ASN B 589 29.12 23.19 -12.16
CA ASN B 589 28.73 24.37 -11.36
C ASN B 589 29.80 24.76 -10.37
N PHE B 590 30.32 23.76 -9.66
CA PHE B 590 31.42 23.94 -8.69
C PHE B 590 32.69 24.44 -9.39
N ALA B 591 32.92 23.96 -10.63
CA ALA B 591 34.05 24.38 -11.47
C ALA B 591 33.97 25.79 -12.06
N GLY B 592 32.80 26.44 -11.97
CA GLY B 592 32.61 27.78 -12.55
C GLY B 592 32.18 27.80 -14.01
N GLN B 593 31.59 26.70 -14.50
CA GLN B 593 31.00 26.66 -15.84
C GLN B 593 29.63 25.96 -15.84
N PRO B 594 28.61 26.56 -15.16
CA PRO B 594 27.25 26.01 -15.12
C PRO B 594 26.65 25.59 -16.44
N TRP B 595 27.00 26.29 -17.52
CA TRP B 595 26.50 25.95 -18.83
C TRP B 595 26.90 24.55 -19.27
N LYS B 596 28.05 24.08 -18.82
CA LYS B 596 28.45 22.69 -19.15
C LYS B 596 27.60 21.66 -18.39
N THR B 597 27.34 21.92 -17.10
CA THR B 597 26.32 21.15 -16.37
C THR B 597 25.01 21.11 -17.14
N GLN B 598 24.58 22.27 -17.62
CA GLN B 598 23.29 22.38 -18.31
C GLN B 598 23.30 21.63 -19.62
N LYS B 599 24.39 21.76 -20.37
CA LYS B 599 24.58 21.00 -21.62
C LYS B 599 24.51 19.48 -21.38
N TYR B 600 25.28 18.96 -20.42
CA TYR B 600 25.35 17.50 -20.19
C TYR B 600 24.09 16.90 -19.54
N VAL B 601 23.54 17.58 -18.53
CA VAL B 601 22.26 17.12 -17.95
C VAL B 601 21.19 17.06 -19.03
N SER B 602 21.13 18.10 -19.88
CA SER B 602 20.15 18.14 -20.94
C SER B 602 20.38 17.00 -21.92
N HIS B 603 21.63 16.79 -22.30
CA HIS B 603 21.99 15.66 -23.17
C HIS B 603 21.55 14.29 -22.58
N ILE B 604 21.85 14.06 -21.31
CA ILE B 604 21.48 12.81 -20.64
C ILE B 604 19.96 12.62 -20.62
N LEU B 605 19.22 13.65 -20.15
CA LEU B 605 17.74 13.61 -20.12
C LEU B 605 17.09 13.31 -21.46
N ASN B 606 17.62 13.92 -22.52
CA ASN B 606 17.01 13.78 -23.85
C ASN B 606 17.46 12.52 -24.60
N THR B 607 18.67 12.05 -24.32
CA THR B 607 19.32 10.99 -25.09
C THR B 607 19.31 9.62 -24.41
N LEU B 608 19.48 9.60 -23.10
CA LEU B 608 19.65 8.36 -22.34
C LEU B 608 18.39 7.89 -21.60
N TYR B 609 17.26 8.57 -21.83
CA TYR B 609 15.95 8.09 -21.40
C TYR B 609 14.99 8.13 -22.59
N ASN B 610 14.03 7.23 -22.59
CA ASN B 610 12.99 7.23 -23.59
C ASN B 610 11.73 6.50 -23.10
N ASN B 611 10.68 6.51 -23.91
CA ASN B 611 9.39 5.94 -23.53
C ASN B 611 9.13 4.54 -24.09
N THR B 612 10.21 3.81 -24.41
CA THR B 612 10.13 2.44 -24.92
C THR B 612 10.48 1.45 -23.81
N SER B 613 10.38 0.16 -24.13
CA SER B 613 10.74 -0.92 -23.22
C SER B 613 12.22 -0.90 -22.82
N SER B 614 13.08 -0.37 -23.69
CA SER B 614 14.50 -0.16 -23.39
C SER B 614 14.76 1.23 -22.81
N GLY B 615 13.84 1.73 -21.98
CA GLY B 615 13.77 3.14 -21.62
C GLY B 615 14.81 3.70 -20.65
N TYR B 616 15.59 2.83 -20.03
CA TYR B 616 16.64 3.26 -19.12
C TYR B 616 18.02 2.85 -19.63
N ALA B 617 19.05 3.56 -19.20
CA ALA B 617 20.43 3.25 -19.58
C ALA B 617 20.99 2.01 -18.88
N GLY B 618 20.31 1.52 -17.85
CA GLY B 618 20.70 0.31 -17.13
C GLY B 618 19.61 -0.11 -16.17
N ASN B 619 19.98 -0.95 -15.20
CA ASN B 619 19.10 -1.34 -14.09
C ASN B 619 18.52 -0.12 -13.38
N ASP B 620 17.20 -0.07 -13.24
CA ASP B 620 16.52 1.04 -12.57
C ASP B 620 16.90 1.15 -11.07
N ASP B 621 17.20 0.00 -10.46
CA ASP B 621 17.69 -0.09 -9.07
C ASP B 621 16.74 0.46 -8.02
N CYS B 622 15.54 -0.12 -7.98
CA CYS B 622 14.49 0.32 -7.07
C CYS B 622 14.21 1.81 -7.27
N GLY B 623 14.08 2.21 -8.54
CA GLY B 623 13.77 3.59 -8.89
C GLY B 623 14.85 4.66 -8.79
N GLN B 624 16.10 4.30 -8.52
CA GLN B 624 17.17 5.32 -8.49
C GLN B 624 17.40 5.96 -9.86
N MET B 625 17.40 5.17 -10.93
CA MET B 625 17.51 5.73 -12.28
C MET B 625 16.37 6.67 -12.56
N SER B 626 15.17 6.22 -12.21
CA SER B 626 13.97 6.99 -12.32
C SER B 626 14.01 8.28 -11.48
N ALA B 627 14.51 8.18 -10.26
CA ALA B 627 14.68 9.32 -9.39
C ALA B 627 15.63 10.38 -9.93
N TRP B 628 16.63 9.96 -10.72
CA TRP B 628 17.56 10.88 -11.33
C TRP B 628 16.80 11.73 -12.36
N TYR B 629 15.96 11.09 -13.17
CA TYR B 629 15.12 11.82 -14.13
C TYR B 629 14.16 12.82 -13.46
N VAL B 630 13.42 12.38 -12.44
CA VAL B 630 12.46 13.22 -11.74
C VAL B 630 13.14 14.52 -11.28
N PHE B 631 14.21 14.36 -10.51
CA PHE B 631 15.01 15.50 -10.03
C PHE B 631 15.58 16.38 -11.16
N SER B 632 16.21 15.74 -12.14
CA SER B 632 16.94 16.49 -13.15
C SER B 632 16.00 17.20 -14.12
N ALA B 633 14.85 16.57 -14.38
CA ALA B 633 13.80 17.16 -15.19
C ALA B 633 13.19 18.39 -14.54
N MET B 634 13.06 18.38 -13.21
CA MET B 634 12.62 19.56 -12.46
C MET B 634 13.68 20.67 -12.49
N GLY B 635 14.95 20.28 -12.50
CA GLY B 635 16.07 21.22 -12.68
C GLY B 635 17.08 21.30 -11.55
N PHE B 636 17.12 20.31 -10.66
CA PHE B 636 18.12 20.29 -9.60
C PHE B 636 18.34 18.86 -9.05
N TYR B 637 19.41 18.66 -8.27
CA TYR B 637 19.86 17.29 -7.89
C TYR B 637 20.67 17.27 -6.60
N PRO B 638 20.43 16.28 -5.72
CA PRO B 638 21.18 16.24 -4.47
C PRO B 638 22.61 15.64 -4.64
N VAL B 639 23.60 16.48 -4.94
CA VAL B 639 24.98 16.05 -5.18
C VAL B 639 25.56 15.41 -3.91
N ASN B 640 25.54 16.17 -2.83
CA ASN B 640 25.70 15.63 -1.48
C ASN B 640 24.31 15.34 -0.91
N PRO B 641 23.89 14.06 -0.88
CA PRO B 641 22.51 13.77 -0.48
C PRO B 641 22.20 13.88 1.03
N ALA B 642 23.07 14.53 1.80
CA ALA B 642 22.79 14.81 3.18
C ALA B 642 23.15 16.22 3.63
N ASP B 643 23.45 17.13 2.70
CA ASP B 643 23.65 18.54 3.09
C ASP B 643 22.41 19.42 2.85
N GLY B 644 21.32 18.83 2.37
CA GLY B 644 20.09 19.59 2.11
C GLY B 644 20.21 20.72 1.10
N ARG B 645 20.99 20.47 0.04
CA ARG B 645 21.14 21.40 -1.07
C ARG B 645 20.89 20.62 -2.32
N TYR B 646 20.30 21.27 -3.30
CA TYR B 646 20.05 20.67 -4.59
C TYR B 646 20.76 21.57 -5.59
N ILE B 647 21.64 20.96 -6.37
CA ILE B 647 22.50 21.68 -7.29
C ILE B 647 21.68 21.81 -8.53
N ILE B 648 21.65 23.02 -9.08
CA ILE B 648 20.80 23.35 -10.21
C ILE B 648 21.45 22.83 -11.49
N GLY B 649 20.68 22.11 -12.29
CA GLY B 649 21.10 21.65 -13.59
C GLY B 649 20.47 22.51 -14.66
N SER B 650 19.57 21.90 -15.43
CA SER B 650 18.80 22.61 -16.44
C SER B 650 17.39 22.03 -16.45
N PRO B 651 16.37 22.85 -16.12
CA PRO B 651 15.00 22.31 -16.08
C PRO B 651 14.53 21.89 -17.45
N LEU B 652 14.07 20.65 -17.57
CA LEU B 652 13.61 20.10 -18.84
C LEU B 652 12.15 20.45 -19.09
N LEU B 653 11.36 20.35 -18.04
CA LEU B 653 9.94 20.63 -18.11
C LEU B 653 9.73 22.15 -18.16
N ASP B 654 8.65 22.58 -18.82
CA ASP B 654 8.31 24.02 -18.85
C ASP B 654 7.92 24.48 -17.48
N GLU B 655 7.17 23.66 -16.74
CA GLU B 655 6.75 24.00 -15.39
C GLU B 655 6.59 22.77 -14.54
N CYS B 656 6.80 22.91 -13.23
CA CYS B 656 6.23 21.97 -12.30
C CYS B 656 5.99 22.55 -10.95
N THR B 657 5.13 21.85 -10.22
CA THR B 657 4.65 22.29 -8.94
C THR B 657 4.69 21.09 -8.01
N LEU B 658 5.43 21.23 -6.91
CA LEU B 658 5.45 20.24 -5.85
C LEU B 658 4.37 20.60 -4.83
N LYS B 659 3.43 19.68 -4.63
CA LYS B 659 2.34 19.85 -3.67
C LYS B 659 2.80 19.39 -2.30
N LEU B 660 2.97 20.32 -1.37
CA LEU B 660 3.55 20.03 -0.07
C LEU B 660 2.54 20.11 1.09
N ALA B 661 3.01 19.75 2.30
CA ALA B 661 2.18 19.75 3.50
C ALA B 661 1.56 21.11 3.83
N GLY B 662 0.23 21.14 3.94
CA GLY B 662 -0.51 22.31 4.44
C GLY B 662 -0.96 23.28 3.36
N ASN B 663 -1.33 22.74 2.20
CA ASN B 663 -1.61 23.54 1.00
C ASN B 663 -0.43 24.48 0.61
N LYS B 664 0.81 24.04 0.85
CA LYS B 664 2.00 24.73 0.37
C LYS B 664 2.33 24.20 -1.02
N GLU B 665 2.92 25.05 -1.85
CA GLU B 665 3.38 24.65 -3.16
C GLU B 665 4.77 25.18 -3.40
N PHE B 666 5.63 24.39 -4.05
CA PHE B 666 6.86 24.91 -4.61
C PHE B 666 6.71 24.92 -6.11
N ARG B 667 6.79 26.11 -6.69
CA ARG B 667 6.38 26.33 -8.07
C ARG B 667 7.60 26.64 -8.90
N ILE B 668 7.87 25.79 -9.88
CA ILE B 668 9.01 25.96 -10.76
C ILE B 668 8.45 26.35 -12.10
N ARG B 669 8.93 27.46 -12.63
CA ARG B 669 8.46 28.02 -13.90
C ARG B 669 9.63 28.41 -14.79
N THR B 670 9.39 28.40 -16.09
CA THR B 670 10.43 28.75 -17.05
C THR B 670 9.98 29.84 -18.01
N ILE B 671 10.93 30.70 -18.39
CA ILE B 671 10.75 31.64 -19.48
C ILE B 671 11.61 31.14 -20.63
N ARG B 672 10.98 30.68 -21.70
CA ARG B 672 11.73 30.18 -22.85
C ARG B 672 10.98 30.31 -24.19
N LYS B 673 11.72 30.45 -25.28
CA LYS B 673 11.17 30.52 -26.64
C LYS B 673 10.94 29.14 -27.27
N SER B 674 11.81 28.17 -26.98
CA SER B 674 11.75 26.85 -27.62
C SER B 674 12.39 25.77 -26.72
N PRO B 675 12.24 24.48 -27.10
CA PRO B 675 12.98 23.41 -26.40
C PRO B 675 14.51 23.48 -26.52
N GLU B 676 15.02 24.18 -27.53
CA GLU B 676 16.46 24.41 -27.68
C GLU B 676 17.05 25.37 -26.63
N ASP B 677 16.20 26.05 -25.84
CA ASP B 677 16.67 26.97 -24.80
C ASP B 677 16.98 26.21 -23.54
N ILE B 678 18.19 25.65 -23.48
CA ILE B 678 18.59 24.78 -22.35
C ILE B 678 19.55 25.43 -21.39
N TYR B 679 20.04 26.64 -21.71
CA TYR B 679 21.00 27.35 -20.86
C TYR B 679 20.28 28.38 -19.99
N ILE B 680 20.71 28.48 -18.74
CA ILE B 680 20.12 29.40 -17.78
C ILE B 680 20.75 30.78 -17.90
N GLN B 681 19.90 31.77 -18.15
CA GLN B 681 20.32 33.16 -18.24
C GLN B 681 20.26 33.81 -16.86
N SER B 682 19.21 33.48 -16.10
CA SER B 682 19.08 33.92 -14.69
C SER B 682 18.01 33.14 -13.94
N VAL B 683 17.98 33.32 -12.64
CA VAL B 683 17.04 32.61 -11.77
C VAL B 683 16.54 33.58 -10.70
N THR B 684 15.24 33.51 -10.44
CA THR B 684 14.60 34.30 -9.39
C THR B 684 13.94 33.31 -8.45
N LEU B 685 14.04 33.58 -7.16
CA LEU B 685 13.36 32.79 -6.15
C LEU B 685 12.55 33.74 -5.28
N ASN B 686 11.22 33.55 -5.27
CA ASN B 686 10.33 34.42 -4.52
C ASN B 686 10.56 35.89 -4.82
N GLY B 687 10.69 36.18 -6.10
CA GLY B 687 10.88 37.54 -6.58
C GLY B 687 12.23 38.21 -6.42
N LYS B 688 13.17 37.62 -5.67
CA LYS B 688 14.53 38.15 -5.52
C LYS B 688 15.48 37.39 -6.46
N LYS B 689 16.45 38.09 -7.04
CA LYS B 689 17.44 37.47 -7.94
C LYS B 689 18.19 36.40 -7.13
N HIS B 690 18.31 35.21 -7.72
CA HIS B 690 18.92 34.06 -7.04
C HIS B 690 20.36 33.87 -7.52
N LYS B 691 21.31 34.17 -6.65
CA LYS B 691 22.74 34.22 -7.03
C LYS B 691 23.59 32.99 -6.59
N ASP B 692 22.95 31.86 -6.30
CA ASP B 692 23.65 30.62 -5.96
C ASP B 692 23.25 29.58 -6.98
N PHE B 693 24.11 28.57 -7.17
CA PHE B 693 23.81 27.46 -8.09
C PHE B 693 23.11 26.28 -7.41
N PHE B 694 22.61 26.51 -6.21
CA PHE B 694 21.78 25.54 -5.50
C PHE B 694 20.55 26.20 -4.86
N ILE B 695 19.52 25.40 -4.59
CA ILE B 695 18.46 25.79 -3.67
C ILE B 695 18.38 24.80 -2.53
N THR B 696 18.13 25.32 -1.33
CA THR B 696 18.13 24.53 -0.12
C THR B 696 16.81 23.80 -0.02
N HIS B 697 16.77 22.84 0.90
CA HIS B 697 15.60 22.01 1.12
C HIS B 697 14.52 22.82 1.83
N GLN B 698 14.96 23.66 2.77
CA GLN B 698 14.06 24.58 3.46
C GLN B 698 13.35 25.55 2.49
N ASP B 699 14.08 26.02 1.46
CA ASP B 699 13.49 26.85 0.41
C ASP B 699 12.35 26.15 -0.32
N ILE B 700 12.52 24.86 -0.59
CA ILE B 700 11.48 24.11 -1.28
C ILE B 700 10.28 23.85 -0.36
N MET B 701 10.55 23.42 0.87
CA MET B 701 9.50 23.00 1.80
C MET B 701 8.71 24.18 2.38
N ASN B 702 9.35 25.34 2.54
CA ASN B 702 8.66 26.61 2.85
C ASN B 702 7.55 26.99 1.87
N GLY B 703 7.62 26.45 0.65
CA GLY B 703 6.71 26.86 -0.41
C GLY B 703 7.22 28.15 -1.02
N GLY B 704 6.94 28.33 -2.30
CA GLY B 704 7.43 29.48 -3.02
C GLY B 704 7.42 29.25 -4.51
N THR B 705 8.01 30.18 -5.24
CA THR B 705 8.09 30.06 -6.70
C THR B 705 9.48 30.43 -7.19
N MET B 706 9.95 29.64 -8.14
CA MET B 706 11.30 29.75 -8.67
C MET B 706 11.14 29.88 -10.18
N VAL B 707 11.73 30.91 -10.77
CA VAL B 707 11.63 31.13 -12.21
C VAL B 707 13.01 31.11 -12.89
N PHE B 708 13.15 30.27 -13.92
CA PHE B 708 14.34 30.23 -14.75
C PHE B 708 14.10 31.01 -16.06
N LYS B 709 14.89 32.05 -16.35
CA LYS B 709 14.99 32.58 -17.72
C LYS B 709 15.98 31.72 -18.48
N MET B 710 15.53 31.08 -19.55
CA MET B 710 16.35 30.19 -20.36
C MET B 710 16.73 30.87 -21.66
N GLY B 711 17.79 30.39 -22.31
CA GLY B 711 18.25 30.91 -23.60
C GLY B 711 18.91 29.83 -24.44
N LYS B 712 19.05 30.08 -25.74
CA LYS B 712 19.75 29.15 -26.66
C LYS B 712 21.27 29.13 -26.50
N LYS B 713 21.85 30.13 -25.81
CA LYS B 713 23.31 30.32 -25.74
C LYS B 713 23.78 30.37 -24.29
N PRO B 714 24.97 29.82 -24.00
CA PRO B 714 25.53 29.96 -22.67
C PRO B 714 25.53 31.39 -22.18
N SER B 715 25.38 31.56 -20.87
CA SER B 715 25.45 32.87 -20.24
C SER B 715 26.45 32.81 -19.10
N GLY B 716 26.95 33.98 -18.70
CA GLY B 716 27.87 34.06 -17.56
C GLY B 716 27.15 33.99 -16.21
N TRP B 717 26.11 33.16 -16.12
CA TRP B 717 25.29 33.09 -14.92
C TRP B 717 26.06 32.33 -13.83
N GLY B 718 26.03 32.85 -12.59
CA GLY B 718 26.70 32.21 -11.46
C GLY B 718 25.92 31.02 -10.95
N GLU C 6 18.38 -40.96 47.90
CA GLU C 6 17.32 -41.87 48.44
C GLU C 6 16.89 -42.92 47.40
N ILE C 7 16.08 -42.51 46.42
CA ILE C 7 15.75 -43.34 45.25
C ILE C 7 16.70 -43.04 44.07
N THR C 8 17.08 -41.77 43.95
CA THR C 8 17.89 -41.27 42.82
C THR C 8 19.34 -41.77 42.83
N LYS C 9 19.83 -42.21 44.01
CA LYS C 9 21.12 -42.87 44.14
C LYS C 9 21.25 -44.11 43.23
N TYR C 10 20.14 -44.84 43.06
CA TYR C 10 20.11 -46.05 42.24
C TYR C 10 20.24 -45.82 40.73
N VAL C 11 19.73 -44.70 40.22
CA VAL C 11 19.76 -44.42 38.77
C VAL C 11 21.20 -44.25 38.28
N ASN C 12 21.51 -44.89 37.16
CA ASN C 12 22.83 -44.79 36.52
C ASN C 12 22.66 -44.34 35.06
N PRO C 13 22.94 -43.04 34.77
CA PRO C 13 22.85 -42.49 33.39
C PRO C 13 23.76 -43.13 32.33
N PHE C 14 24.83 -43.79 32.74
CA PHE C 14 25.75 -44.46 31.81
C PHE C 14 25.19 -45.74 31.19
N ILE C 15 24.06 -46.24 31.72
CA ILE C 15 23.30 -47.35 31.10
C ILE C 15 22.76 -46.97 29.72
N GLY C 16 23.25 -47.65 28.69
CA GLY C 16 22.81 -47.46 27.30
C GLY C 16 23.69 -46.53 26.46
N THR C 17 24.81 -46.06 27.02
CA THR C 17 25.72 -45.16 26.31
C THR C 17 26.76 -45.99 25.54
N GLY C 18 26.29 -46.69 24.52
CA GLY C 18 27.14 -47.59 23.72
C GLY C 18 26.40 -48.86 23.32
N GLY C 26 22.55 -48.58 22.15
CA GLY C 26 21.70 -47.99 23.18
C GLY C 26 21.32 -46.55 22.88
N ASN C 27 22.36 -45.72 22.72
CA ASN C 27 22.26 -44.29 22.36
C ASN C 27 21.61 -43.37 23.40
N ASN C 28 22.01 -43.58 24.65
CA ASN C 28 21.57 -42.75 25.77
C ASN C 28 22.71 -41.77 26.14
N TYR C 29 22.39 -40.82 27.02
CA TYR C 29 23.32 -39.74 27.39
C TYR C 29 23.40 -39.55 28.92
N PRO C 30 24.63 -39.28 29.42
CA PRO C 30 24.82 -39.09 30.85
C PRO C 30 24.44 -37.70 31.38
N GLY C 31 24.40 -36.71 30.48
CA GLY C 31 24.23 -35.31 30.85
C GLY C 31 22.97 -34.96 31.61
N ALA C 32 23.04 -33.86 32.37
CA ALA C 32 21.95 -33.38 33.21
C ALA C 32 20.69 -33.05 32.41
N THR C 33 19.53 -33.32 33.00
CA THR C 33 18.25 -32.93 32.45
C THR C 33 17.23 -32.88 33.59
N SER C 34 16.06 -32.31 33.33
CA SER C 34 14.95 -32.33 34.27
C SER C 34 13.81 -33.12 33.63
N PRO C 35 12.83 -33.57 34.46
CA PRO C 35 11.78 -34.43 33.89
C PRO C 35 11.02 -33.75 32.75
N PHE C 36 10.98 -34.39 31.59
CA PHE C 36 10.28 -33.89 30.40
C PHE C 36 10.78 -32.49 29.95
N GLY C 37 12.09 -32.31 30.00
CA GLY C 37 12.69 -30.98 29.90
C GLY C 37 12.89 -30.42 28.51
N MET C 38 13.21 -29.13 28.45
CA MET C 38 13.71 -28.47 27.25
C MET C 38 15.23 -28.71 27.09
N ILE C 39 15.96 -28.61 28.21
CA ILE C 39 17.44 -28.65 28.20
C ILE C 39 17.97 -30.06 28.50
N GLN C 40 18.83 -30.54 27.60
CA GLN C 40 19.54 -31.79 27.77
C GLN C 40 21.04 -31.45 27.78
N LEU C 41 21.52 -30.91 28.89
CA LEU C 41 22.91 -30.45 28.97
C LEU C 41 23.89 -31.62 29.14
N SER C 42 24.56 -31.98 28.05
CA SER C 42 25.38 -33.18 27.99
C SER C 42 26.60 -32.97 27.09
N PRO C 43 27.76 -33.56 27.49
CA PRO C 43 28.90 -33.56 26.57
C PRO C 43 28.65 -34.44 25.36
N ASP C 44 29.33 -34.09 24.29
CA ASP C 44 29.33 -34.84 23.06
C ASP C 44 30.75 -35.36 22.91
N THR C 45 30.88 -36.66 22.65
CA THR C 45 32.17 -37.29 22.46
C THR C 45 32.59 -37.32 20.99
N SER C 46 31.81 -36.68 20.12
CA SER C 46 32.10 -36.61 18.68
C SER C 46 32.03 -35.15 18.21
N GLU C 47 32.91 -34.82 17.26
CA GLU C 47 32.90 -33.51 16.60
C GLU C 47 31.59 -33.29 15.84
N ALA C 48 30.98 -34.37 15.33
CA ALA C 48 29.70 -34.29 14.64
C ALA C 48 28.88 -35.60 14.78
N PRO C 49 28.08 -35.70 15.85
CA PRO C 49 27.20 -36.86 16.13
C PRO C 49 26.41 -37.42 14.93
N ASN C 50 26.29 -38.75 14.87
CA ASN C 50 25.58 -39.44 13.77
C ASN C 50 24.76 -40.64 14.29
N TRP C 51 24.19 -41.44 13.38
CA TRP C 51 23.40 -42.65 13.74
C TRP C 51 24.08 -43.58 14.76
N GLY C 52 25.41 -43.67 14.71
CA GLY C 52 26.20 -44.40 15.69
C GLY C 52 26.07 -43.84 17.10
N ASP C 53 26.22 -42.52 17.24
CA ASP C 53 26.29 -41.83 18.55
C ASP C 53 25.20 -40.72 18.66
N ALA C 54 23.98 -41.11 18.32
CA ALA C 54 22.85 -40.19 18.09
C ALA C 54 22.60 -39.14 19.17
N SER C 55 22.81 -39.50 20.43
CA SER C 55 22.61 -38.57 21.57
C SER C 55 23.80 -37.63 21.85
N GLY C 56 24.87 -37.74 21.04
CA GLY C 56 26.09 -36.98 21.27
C GLY C 56 27.19 -37.81 21.88
N TYR C 57 26.85 -38.54 22.95
CA TYR C 57 27.81 -39.26 23.79
C TYR C 57 28.03 -40.73 23.36
N ASP C 58 29.21 -41.24 23.70
CA ASP C 58 29.57 -42.66 23.52
C ASP C 58 30.59 -43.03 24.62
N TYR C 59 30.28 -44.08 25.40
CA TYR C 59 31.14 -44.50 26.52
C TYR C 59 32.42 -45.24 26.09
N ASN C 60 32.58 -45.53 24.78
CA ASN C 60 33.85 -46.03 24.24
C ASN C 60 34.91 -44.94 24.08
N ARG C 61 34.48 -43.74 23.68
CA ARG C 61 35.40 -42.64 23.33
C ARG C 61 36.02 -41.97 24.54
N ASN C 62 37.25 -41.45 24.35
CA ASN C 62 38.01 -40.76 25.40
C ASN C 62 38.28 -39.28 25.08
N THR C 63 37.36 -38.63 24.35
CA THR C 63 37.47 -37.18 23.98
C THR C 63 36.10 -36.47 23.94
N ILE C 64 35.92 -35.47 24.80
CA ILE C 64 34.69 -34.65 24.85
C ILE C 64 34.89 -33.29 24.18
N PHE C 65 34.25 -33.09 23.01
CA PHE C 65 34.45 -31.90 22.17
C PHE C 65 33.77 -30.63 22.69
N GLY C 66 32.65 -30.79 23.38
CA GLY C 66 31.94 -29.66 23.96
C GLY C 66 30.60 -30.04 24.57
N PHE C 67 30.09 -29.18 25.44
CA PHE C 67 28.81 -29.40 26.13
C PHE C 67 27.69 -28.62 25.44
N SER C 68 26.96 -29.31 24.55
CA SER C 68 25.75 -28.76 23.95
C SER C 68 24.55 -28.84 24.92
N HIS C 69 23.39 -28.36 24.49
CA HIS C 69 22.22 -28.21 25.35
C HIS C 69 20.95 -28.94 24.87
N THR C 70 21.02 -29.64 23.74
CA THR C 70 19.88 -30.42 23.22
C THR C 70 20.35 -31.74 22.58
N ARG C 71 19.52 -32.78 22.66
CA ARG C 71 19.82 -34.08 22.01
C ARG C 71 18.61 -35.00 21.99
N LEU C 72 18.77 -36.16 21.37
CA LEU C 72 17.75 -37.21 21.37
C LEU C 72 18.22 -38.49 22.07
N SER C 73 17.46 -38.93 23.08
CA SER C 73 17.79 -40.11 23.90
C SER C 73 17.33 -41.43 23.27
N GLY C 74 18.29 -42.19 22.77
CA GLY C 74 18.04 -43.56 22.29
C GLY C 74 17.55 -43.68 20.86
N THR C 75 17.62 -42.61 20.08
CA THR C 75 17.17 -42.60 18.69
C THR C 75 18.22 -43.23 17.78
N GLY C 76 17.81 -43.60 16.57
CA GLY C 76 18.73 -44.15 15.54
C GLY C 76 19.20 -43.14 14.51
N ALA C 77 19.00 -41.85 14.80
CA ALA C 77 19.39 -40.75 13.90
C ALA C 77 19.58 -39.47 14.72
N SER C 78 20.71 -38.78 14.52
CA SER C 78 21.00 -37.57 15.28
C SER C 78 20.38 -36.32 14.63
N ASP C 79 19.71 -35.50 15.45
CA ASP C 79 19.41 -34.09 15.14
C ASP C 79 19.79 -33.28 16.40
N LEU C 80 19.50 -31.97 16.40
CA LEU C 80 19.62 -31.09 17.58
C LEU C 80 21.12 -30.78 17.87
N ILE C 81 21.59 -30.97 19.10
CA ILE C 81 22.98 -30.66 19.50
C ILE C 81 23.29 -29.17 19.36
N ASP C 82 22.53 -28.32 20.05
CA ASP C 82 22.60 -26.85 19.88
C ASP C 82 23.22 -26.12 21.05
N ILE C 83 23.89 -25.02 20.74
CA ILE C 83 24.43 -24.04 21.69
C ILE C 83 25.49 -24.68 22.58
N THR C 84 26.74 -24.57 22.17
CA THR C 84 27.82 -25.41 22.69
C THR C 84 28.92 -24.59 23.40
N LEU C 85 29.09 -24.85 24.69
CA LEU C 85 30.13 -24.22 25.50
C LEU C 85 31.28 -25.15 25.83
N MET C 86 32.44 -24.55 26.12
CA MET C 86 33.68 -25.27 26.37
C MET C 86 34.64 -24.42 27.22
N PRO C 87 35.12 -24.95 28.35
CA PRO C 87 36.16 -24.27 29.12
C PRO C 87 37.54 -24.55 28.53
N THR C 88 38.45 -23.61 28.71
CA THR C 88 39.85 -23.76 28.29
C THR C 88 40.72 -22.64 28.88
N SER C 89 42.02 -22.73 28.63
CA SER C 89 43.00 -21.70 28.99
C SER C 89 43.90 -21.23 27.84
N SER C 90 44.06 -22.05 26.79
CA SER C 90 44.82 -21.73 25.59
C SER C 90 43.95 -21.79 24.33
N GLY C 91 42.67 -21.47 24.46
CA GLY C 91 41.70 -21.55 23.36
C GLY C 91 41.47 -22.93 22.73
N ARG C 92 41.62 -23.99 23.50
CA ARG C 92 41.53 -25.36 22.97
C ARG C 92 40.08 -25.78 22.69
N THR C 93 39.88 -26.47 21.56
CA THR C 93 38.53 -26.83 21.08
C THR C 93 37.92 -28.01 21.85
N SER C 94 38.69 -29.10 21.99
CA SER C 94 38.25 -30.33 22.67
C SER C 94 39.20 -30.71 23.83
N SER C 95 38.83 -31.74 24.59
CA SER C 95 39.71 -32.30 25.63
C SER C 95 39.46 -33.80 25.83
N ALA C 96 40.50 -34.53 26.24
CA ALA C 96 40.41 -35.94 26.62
C ALA C 96 39.96 -36.13 28.08
N PHE C 97 39.35 -37.28 28.35
CA PHE C 97 38.79 -37.58 29.69
C PHE C 97 38.80 -39.09 30.01
N THR C 98 38.58 -39.39 31.30
CA THR C 98 38.44 -40.77 31.81
C THR C 98 37.13 -40.91 32.56
N HIS C 99 36.56 -42.12 32.51
CA HIS C 99 35.37 -42.45 33.30
C HIS C 99 35.67 -42.50 34.81
N ASP C 100 36.96 -42.70 35.17
CA ASP C 100 37.46 -42.62 36.56
C ASP C 100 37.09 -41.32 37.30
N GLU C 101 37.08 -40.21 36.55
CA GLU C 101 36.79 -38.88 37.08
C GLU C 101 35.55 -38.32 36.38
N GLU C 102 34.41 -38.96 36.63
CA GLU C 102 33.14 -38.65 35.93
C GLU C 102 31.88 -39.24 36.63
N LYS C 103 31.27 -38.47 37.53
CA LYS C 103 30.07 -38.89 38.28
C LYS C 103 28.78 -38.38 37.62
N ALA C 104 27.74 -39.24 37.56
CA ALA C 104 26.44 -38.90 36.98
C ALA C 104 25.27 -39.33 37.88
N ARG C 105 24.30 -38.44 38.07
CA ARG C 105 23.03 -38.74 38.78
C ARG C 105 21.90 -37.81 38.31
N PRO C 106 20.62 -38.23 38.46
CA PRO C 106 19.49 -37.48 37.88
C PRO C 106 19.45 -35.98 38.21
N GLY C 107 19.63 -35.15 37.18
CA GLY C 107 19.78 -33.70 37.33
C GLY C 107 21.20 -33.26 37.64
N TYR C 108 22.18 -34.05 37.21
CA TYR C 108 23.59 -33.75 37.50
C TYR C 108 24.56 -34.53 36.58
N TYR C 109 25.71 -33.92 36.35
CA TYR C 109 26.82 -34.54 35.63
C TYR C 109 28.11 -33.78 35.99
N GLN C 110 29.25 -34.45 35.85
CA GLN C 110 30.54 -33.85 36.18
C GLN C 110 31.62 -34.59 35.41
N VAL C 111 32.70 -33.90 35.07
CA VAL C 111 33.86 -34.53 34.42
C VAL C 111 35.12 -33.64 34.51
N MET C 112 36.27 -34.28 34.68
CA MET C 112 37.56 -33.60 34.67
C MET C 112 38.08 -33.56 33.23
N LEU C 113 38.17 -32.35 32.67
CA LEU C 113 38.83 -32.10 31.39
C LEU C 113 40.34 -32.23 31.63
N LYS C 114 40.92 -33.30 31.09
CA LYS C 114 42.28 -33.72 31.46
C LYS C 114 43.36 -32.81 30.87
N ASP C 115 43.18 -32.40 29.62
CA ASP C 115 44.19 -31.63 28.87
C ASP C 115 44.64 -30.32 29.53
N GLU C 116 43.72 -29.64 30.21
CA GLU C 116 44.01 -28.39 30.93
C GLU C 116 43.59 -28.41 32.41
N ASN C 117 43.26 -29.59 32.94
CA ASN C 117 42.74 -29.73 34.30
C ASN C 117 41.53 -28.82 34.56
N ILE C 118 40.53 -28.93 33.69
CA ILE C 118 39.29 -28.15 33.79
C ILE C 118 38.22 -28.97 34.53
N ASN C 119 37.66 -28.39 35.60
CA ASN C 119 36.67 -29.09 36.44
C ASN C 119 35.23 -28.67 36.14
N ALA C 120 34.57 -29.43 35.27
CA ALA C 120 33.22 -29.11 34.75
C ALA C 120 32.10 -29.80 35.53
N GLU C 121 30.99 -29.07 35.74
CA GLU C 121 29.81 -29.59 36.41
C GLU C 121 28.54 -29.05 35.73
N LEU C 122 27.55 -29.92 35.50
CA LEU C 122 26.36 -29.63 34.69
C LEU C 122 25.06 -29.96 35.43
N THR C 123 24.20 -28.97 35.62
CA THR C 123 22.83 -29.18 36.14
C THR C 123 21.78 -28.43 35.28
N THR C 124 20.50 -28.68 35.55
CA THR C 124 19.41 -28.12 34.77
C THR C 124 18.23 -27.67 35.61
N THR C 125 17.56 -26.63 35.12
CA THR C 125 16.16 -26.39 35.42
C THR C 125 15.36 -26.86 34.19
N GLN C 126 14.04 -26.64 34.19
CA GLN C 126 13.19 -27.10 33.08
C GLN C 126 13.58 -26.47 31.73
N ARG C 127 13.97 -25.19 31.77
CA ARG C 127 14.35 -24.43 30.58
C ARG C 127 15.76 -23.84 30.59
N ASN C 128 16.52 -24.01 31.68
CA ASN C 128 17.94 -23.60 31.74
C ASN C 128 18.92 -24.76 31.84
N GLY C 129 20.14 -24.53 31.35
CA GLY C 129 21.32 -25.33 31.68
C GLY C 129 22.22 -24.46 32.54
N ILE C 130 22.78 -25.04 33.61
CA ILE C 130 23.65 -24.31 34.54
C ILE C 130 25.01 -25.01 34.61
N HIS C 131 26.08 -24.27 34.32
CA HIS C 131 27.45 -24.80 34.38
C HIS C 131 28.16 -24.26 35.61
N ARG C 132 29.13 -25.05 36.11
CA ARG C 132 30.10 -24.61 37.11
C ARG C 132 31.48 -25.11 36.68
N TYR C 133 32.33 -24.16 36.23
CA TYR C 133 33.68 -24.46 35.76
C TYR C 133 34.73 -24.06 36.78
N GLN C 134 35.72 -24.95 36.97
CA GLN C 134 36.79 -24.78 37.95
C GLN C 134 38.14 -25.05 37.27
N TYR C 135 38.73 -23.99 36.74
CA TYR C 135 40.06 -24.06 36.12
C TYR C 135 41.10 -23.84 37.23
N PRO C 136 42.35 -24.31 37.03
CA PRO C 136 43.38 -24.22 38.07
C PRO C 136 43.76 -22.79 38.52
N ALA C 137 44.48 -22.68 39.63
CA ALA C 137 45.04 -21.41 40.07
C ALA C 137 46.20 -21.05 39.15
N GLY C 138 46.31 -19.76 38.81
CA GLY C 138 47.38 -19.29 37.91
C GLY C 138 47.23 -19.63 36.44
N LYS C 139 46.05 -20.08 36.01
CA LYS C 139 45.74 -20.30 34.59
C LYS C 139 44.59 -19.38 34.17
N ASP C 140 44.52 -19.09 32.87
CA ASP C 140 43.51 -18.20 32.31
C ASP C 140 42.17 -18.91 32.05
N ALA C 141 41.08 -18.37 32.60
CA ALA C 141 39.73 -18.90 32.35
C ALA C 141 39.17 -18.34 31.04
N GLU C 142 38.83 -19.25 30.12
CA GLU C 142 38.26 -18.90 28.81
C GLU C 142 37.07 -19.81 28.51
N ILE C 143 35.92 -19.20 28.19
CA ILE C 143 34.79 -19.93 27.63
C ILE C 143 34.88 -19.81 26.10
N ILE C 144 34.45 -20.87 25.42
CA ILE C 144 34.29 -20.85 23.98
C ILE C 144 32.83 -21.17 23.65
N LEU C 145 32.27 -20.47 22.65
CA LEU C 145 30.92 -20.72 22.17
C LEU C 145 30.98 -21.15 20.71
N ASP C 146 30.76 -22.44 20.47
CA ASP C 146 30.64 -22.96 19.12
C ASP C 146 29.16 -22.95 18.79
N MET C 147 28.79 -22.18 17.76
CA MET C 147 27.44 -22.21 17.19
C MET C 147 27.37 -23.08 15.91
N ASP C 148 28.53 -23.52 15.39
CA ASP C 148 28.60 -24.46 14.27
C ASP C 148 28.37 -25.92 14.69
N HIS C 149 28.80 -26.26 15.90
CA HIS C 149 28.83 -27.65 16.36
C HIS C 149 27.44 -28.27 16.27
N SER C 150 27.25 -29.22 15.37
CA SER C 150 25.95 -29.91 15.24
C SER C 150 26.15 -31.38 14.88
N ALA C 151 25.05 -32.06 14.60
CA ALA C 151 25.06 -33.38 13.97
C ALA C 151 25.65 -33.31 12.54
N ASP C 152 25.86 -34.49 11.96
CA ASP C 152 26.55 -34.65 10.67
C ASP C 152 25.92 -33.83 9.52
N LYS C 153 26.71 -32.89 9.00
CA LYS C 153 26.27 -32.03 7.89
C LYS C 153 26.17 -32.80 6.55
N GLY C 154 26.72 -34.01 6.48
CA GLY C 154 26.48 -34.92 5.36
C GLY C 154 25.05 -35.41 5.14
N SER C 155 24.20 -35.38 6.17
CA SER C 155 22.85 -35.97 6.10
C SER C 155 21.67 -35.01 6.34
N TRP C 156 20.54 -35.37 5.71
CA TRP C 156 19.27 -34.61 5.76
CA TRP C 156 19.28 -34.60 5.78
C TRP C 156 19.39 -33.17 5.20
N GLY C 157 20.31 -32.97 4.25
CA GLY C 157 20.59 -31.65 3.68
C GLY C 157 20.90 -30.57 4.70
N ARG C 158 21.65 -30.95 5.75
CA ARG C 158 21.84 -30.10 6.94
C ARG C 158 22.82 -28.93 6.68
N ARG C 159 22.31 -27.71 6.90
CA ARG C 159 23.14 -26.51 6.88
CA ARG C 159 23.08 -26.46 6.79
C ARG C 159 22.64 -25.49 7.89
N ILE C 160 23.57 -24.68 8.40
CA ILE C 160 23.20 -23.52 9.21
C ILE C 160 22.77 -22.37 8.27
N ILE C 161 21.52 -21.91 8.40
CA ILE C 161 20.96 -20.88 7.52
C ILE C 161 21.45 -19.50 7.92
N ASN C 162 21.42 -19.21 9.20
CA ASN C 162 21.99 -17.97 9.73
C ASN C 162 22.09 -18.14 11.23
N SER C 163 23.04 -17.44 11.83
CA SER C 163 23.19 -17.42 13.27
C SER C 163 23.74 -16.10 13.71
N GLN C 164 23.70 -15.87 15.01
CA GLN C 164 24.17 -14.65 15.64
C GLN C 164 24.77 -15.00 16.99
N ILE C 165 25.80 -14.26 17.38
CA ILE C 165 26.31 -14.22 18.74
C ILE C 165 26.41 -12.74 19.06
N ARG C 166 25.90 -12.35 20.22
CA ARG C 166 25.80 -10.94 20.58
C ARG C 166 26.16 -10.74 22.04
N ILE C 167 27.11 -9.85 22.28
CA ILE C 167 27.58 -9.54 23.61
C ILE C 167 26.79 -8.33 24.07
N LEU C 168 25.97 -8.49 25.10
CA LEU C 168 25.14 -7.41 25.61
C LEU C 168 25.88 -6.54 26.62
N ASN C 169 26.65 -7.17 27.51
CA ASN C 169 27.45 -6.45 28.51
C ASN C 169 28.61 -7.33 29.00
N ASP C 170 29.34 -6.87 30.04
CA ASP C 170 30.42 -7.66 30.65
C ASP C 170 30.01 -9.05 31.18
N HIS C 171 28.74 -9.26 31.51
CA HIS C 171 28.25 -10.53 32.07
C HIS C 171 27.07 -11.20 31.32
N ALA C 172 26.87 -10.88 30.04
CA ALA C 172 25.74 -11.44 29.28
C ALA C 172 25.97 -11.54 27.77
N VAL C 173 25.34 -12.55 27.17
CA VAL C 173 25.52 -12.88 25.76
C VAL C 173 24.26 -13.57 25.26
N GLU C 174 23.70 -13.08 24.17
CA GLU C 174 22.57 -13.74 23.51
C GLU C 174 22.98 -14.09 22.09
N GLY C 175 22.16 -14.89 21.42
CA GLY C 175 22.40 -15.24 20.04
C GLY C 175 21.31 -16.17 19.54
N TYR C 176 21.56 -16.78 18.39
CA TYR C 176 20.65 -17.81 17.86
C TYR C 176 21.31 -18.61 16.72
N ARG C 177 20.59 -19.61 16.26
CA ARG C 177 20.95 -20.36 15.07
C ARG C 177 19.65 -20.84 14.43
N ILE C 178 19.54 -20.65 13.12
CA ILE C 178 18.50 -21.31 12.35
C ILE C 178 19.19 -22.38 11.51
N ILE C 179 18.62 -23.59 11.52
CA ILE C 179 19.29 -24.78 10.97
C ILE C 179 18.29 -25.81 10.38
N THR C 180 18.73 -26.52 9.34
CA THR C 180 17.97 -27.64 8.79
C THR C 180 18.54 -28.95 9.31
N GLY C 181 17.82 -30.05 9.06
CA GLY C 181 18.21 -31.35 9.56
C GLY C 181 17.12 -32.38 9.37
N TRP C 182 17.08 -33.33 10.30
CA TRP C 182 16.06 -34.37 10.30
C TRP C 182 14.68 -33.69 10.41
N ALA C 183 14.55 -32.81 11.40
CA ALA C 183 13.47 -31.81 11.45
C ALA C 183 13.79 -30.73 10.44
N LYS C 184 12.87 -30.46 9.52
CA LYS C 184 13.16 -29.64 8.34
C LYS C 184 13.77 -28.29 8.65
N LEU C 185 13.24 -27.59 9.66
CA LEU C 185 13.76 -26.27 10.07
C LEU C 185 13.58 -26.02 11.56
N ARG C 186 14.67 -25.60 12.20
CA ARG C 186 14.68 -25.35 13.63
C ARG C 186 15.37 -24.03 13.98
N LYS C 187 14.73 -23.23 14.82
CA LYS C 187 15.26 -21.93 15.28
C LYS C 187 15.52 -22.02 16.77
N ILE C 188 16.78 -21.81 17.16
CA ILE C 188 17.22 -22.03 18.54
C ILE C 188 17.81 -20.75 19.08
N TYR C 189 17.00 -20.00 19.83
CA TYR C 189 17.43 -18.73 20.44
C TYR C 189 17.94 -19.02 21.83
N PHE C 190 18.98 -18.31 22.25
CA PHE C 190 19.55 -18.49 23.58
C PHE C 190 19.88 -17.17 24.26
N TYR C 191 19.82 -17.18 25.58
CA TYR C 191 20.35 -16.13 26.44
C TYR C 191 21.29 -16.77 27.45
N MET C 192 22.37 -16.07 27.80
CA MET C 192 23.40 -16.61 28.67
C MET C 192 24.02 -15.54 29.55
N GLU C 193 24.31 -15.91 30.79
CA GLU C 193 25.03 -15.05 31.74
C GLU C 193 26.23 -15.79 32.33
N PHE C 194 27.26 -15.01 32.66
CA PHE C 194 28.48 -15.50 33.30
C PHE C 194 28.62 -14.84 34.68
N SER C 195 29.14 -15.59 35.65
CA SER C 195 29.30 -15.12 37.04
C SER C 195 30.42 -14.09 37.23
N SER C 196 31.44 -14.16 36.36
CA SER C 196 32.55 -13.21 36.34
C SER C 196 32.47 -12.32 35.09
N PRO C 197 33.14 -11.15 35.12
CA PRO C 197 33.12 -10.24 33.97
C PRO C 197 33.98 -10.73 32.81
N ILE C 198 33.57 -10.37 31.59
CA ILE C 198 34.38 -10.56 30.38
C ILE C 198 35.32 -9.36 30.27
N LEU C 199 36.61 -9.63 30.08
CA LEU C 199 37.65 -8.59 30.06
C LEU C 199 38.12 -8.30 28.64
N THR C 200 38.42 -9.35 27.87
CA THR C 200 38.62 -9.27 26.42
C THR C 200 37.75 -10.34 25.77
N SER C 201 37.39 -10.12 24.51
CA SER C 201 36.54 -11.04 23.76
C SER C 201 37.00 -11.17 22.31
N THR C 202 36.40 -12.12 21.62
CA THR C 202 36.66 -12.34 20.20
C THR C 202 35.47 -13.08 19.57
N LEU C 203 35.09 -12.66 18.36
CA LEU C 203 34.10 -13.39 17.55
C LEU C 203 34.67 -13.67 16.16
N ARG C 204 34.10 -14.66 15.47
CA ARG C 204 34.54 -15.02 14.13
C ARG C 204 33.50 -15.82 13.35
N ASP C 205 33.45 -15.58 12.04
CA ASP C 205 32.58 -16.30 11.10
C ASP C 205 33.50 -16.97 10.08
N GLY C 206 33.86 -18.23 10.35
CA GLY C 206 34.93 -18.89 9.58
C GLY C 206 36.21 -18.07 9.66
N GLY C 207 36.80 -17.79 8.49
CA GLY C 207 38.02 -16.96 8.40
C GLY C 207 37.91 -15.51 8.85
N ARG C 208 36.71 -14.96 8.77
CA ARG C 208 36.44 -13.58 9.20
C ARG C 208 36.40 -13.51 10.72
N VAL C 209 37.30 -12.69 11.30
CA VAL C 209 37.53 -12.64 12.74
C VAL C 209 37.55 -11.19 13.24
N HIS C 210 36.74 -10.91 14.27
CA HIS C 210 36.62 -9.57 14.89
C HIS C 210 37.01 -9.59 16.36
N GLU C 211 37.97 -8.72 16.73
CA GLU C 211 38.42 -8.59 18.11
C GLU C 211 37.56 -7.57 18.86
N ASN C 212 37.23 -7.88 20.11
CA ASN C 212 36.50 -6.97 21.03
C ASN C 212 35.35 -6.20 20.35
N THR C 213 34.37 -7.01 19.93
CA THR C 213 33.33 -6.62 19.00
C THR C 213 32.03 -7.19 19.53
N ALA C 214 31.05 -6.33 19.75
CA ALA C 214 29.84 -6.71 20.47
C ALA C 214 28.85 -7.58 19.69
N VAL C 215 29.08 -7.82 18.40
CA VAL C 215 28.16 -8.68 17.64
C VAL C 215 28.79 -9.31 16.40
N ILE C 216 28.20 -10.42 15.96
CA ILE C 216 28.55 -11.03 14.71
C ILE C 216 27.37 -11.81 14.13
N ASN C 217 27.30 -11.86 12.80
CA ASN C 217 26.29 -12.66 12.12
C ASN C 217 26.96 -13.50 11.03
N GLY C 218 26.28 -14.57 10.62
CA GLY C 218 26.81 -15.51 9.61
C GLY C 218 26.49 -16.96 9.94
N THR C 219 26.96 -17.87 9.08
CA THR C 219 26.60 -19.28 9.18
C THR C 219 27.63 -20.19 9.90
N ASN C 220 28.75 -19.63 10.36
CA ASN C 220 29.80 -20.43 11.00
C ASN C 220 30.45 -19.62 12.13
N LEU C 221 29.66 -19.37 13.17
CA LEU C 221 30.03 -18.46 14.25
C LEU C 221 30.70 -19.13 15.45
N HIS C 222 31.80 -18.54 15.91
CA HIS C 222 32.51 -19.00 17.10
C HIS C 222 32.90 -17.78 17.93
N GLY C 223 32.84 -17.92 19.25
CA GLY C 223 33.25 -16.83 20.16
C GLY C 223 34.13 -17.32 21.30
N CYS C 224 35.13 -16.51 21.66
CA CYS C 224 35.99 -16.76 22.82
C CYS C 224 35.89 -15.60 23.80
N PHE C 225 35.43 -15.92 25.01
CA PHE C 225 35.24 -14.94 26.08
C PHE C 225 36.26 -15.23 27.17
N ARG C 226 37.07 -14.22 27.49
CA ARG C 226 38.24 -14.39 28.34
C ARG C 226 38.08 -13.60 29.63
N PHE C 227 38.03 -14.33 30.75
CA PHE C 227 37.67 -13.79 32.05
C PHE C 227 38.89 -13.44 32.91
N GLY C 228 40.08 -13.84 32.46
CA GLY C 228 41.34 -13.62 33.18
C GLY C 228 41.61 -14.74 34.18
N GLN C 229 42.13 -14.38 35.34
CA GLN C 229 42.40 -15.32 36.43
C GLN C 229 41.65 -14.88 37.68
N LEU C 230 40.49 -15.50 37.93
CA LEU C 230 39.67 -15.22 39.11
C LEU C 230 39.83 -16.30 40.19
N ASN C 231 41.03 -16.86 40.30
CA ASN C 231 41.29 -18.02 41.15
C ASN C 231 41.26 -17.70 42.65
N GLY C 232 40.70 -18.57 43.49
CA GLY C 232 40.14 -19.87 43.10
C GLY C 232 38.66 -19.91 42.71
N LYS C 233 37.97 -18.76 42.73
CA LYS C 233 36.50 -18.69 42.58
C LYS C 233 36.00 -19.26 41.27
N PRO C 234 35.04 -20.19 41.35
CA PRO C 234 34.33 -20.97 40.32
C PRO C 234 33.54 -20.08 39.34
N LEU C 235 33.64 -20.38 38.05
CA LEU C 235 32.95 -19.63 36.99
C LEU C 235 31.66 -20.34 36.59
N THR C 236 30.52 -19.71 36.89
CA THR C 236 29.19 -20.27 36.65
C THR C 236 28.57 -19.68 35.38
N CYS C 237 28.00 -20.55 34.54
CA CYS C 237 27.33 -20.14 33.30
C CYS C 237 25.88 -20.59 33.29
N LYS C 238 24.95 -19.64 33.23
CA LYS C 238 23.54 -19.95 33.06
C LYS C 238 23.18 -19.77 31.59
N VAL C 239 22.37 -20.67 31.03
CA VAL C 239 22.02 -20.66 29.62
C VAL C 239 20.57 -21.07 29.43
N ALA C 240 19.72 -20.12 29.07
CA ALA C 240 18.32 -20.42 28.72
C ALA C 240 18.18 -20.58 27.21
N LEU C 241 17.14 -21.30 26.80
CA LEU C 241 16.82 -21.53 25.39
C LEU C 241 15.36 -21.23 25.10
N SER C 242 15.08 -21.02 23.81
CA SER C 242 13.71 -20.80 23.31
C SER C 242 13.60 -21.24 21.86
N SER C 243 12.46 -21.79 21.48
CA SER C 243 12.14 -22.03 20.07
C SER C 243 11.63 -20.77 19.34
N VAL C 244 11.38 -19.67 20.08
CA VAL C 244 10.70 -18.48 19.55
C VAL C 244 11.60 -17.24 19.49
N SER C 245 12.21 -16.85 20.61
CA SER C 245 12.95 -15.60 20.67
C SER C 245 13.98 -15.52 21.78
N MET C 246 14.88 -14.55 21.68
CA MET C 246 15.91 -14.32 22.69
C MET C 246 15.31 -13.74 23.95
N GLU C 247 14.27 -12.91 23.80
CA GLU C 247 13.56 -12.33 24.93
C GLU C 247 12.94 -13.44 25.80
N ASN C 248 12.11 -14.27 25.16
CA ASN C 248 11.49 -15.44 25.79
C ASN C 248 12.49 -16.29 26.57
N ALA C 249 13.67 -16.52 25.98
CA ALA C 249 14.74 -17.27 26.64
C ALA C 249 15.21 -16.56 27.91
N ARG C 250 15.43 -15.25 27.83
CA ARG C 250 15.80 -14.46 29.01
C ARG C 250 14.72 -14.55 30.11
N GLN C 251 13.45 -14.56 29.70
CA GLN C 251 12.31 -14.69 30.62
C GLN C 251 12.24 -16.09 31.25
N ASN C 252 12.70 -17.09 30.51
CA ASN C 252 12.88 -18.44 31.03
C ASN C 252 13.93 -18.44 32.14
N MET C 253 15.03 -17.70 31.95
CA MET C 253 16.06 -17.60 32.99
C MET C 253 15.61 -16.83 34.22
N GLU C 254 14.90 -15.72 34.01
CA GLU C 254 14.43 -14.88 35.12
C GLU C 254 13.50 -15.64 36.08
N GLN C 255 12.53 -16.35 35.51
CA GLN C 255 11.50 -17.07 36.27
C GLN C 255 11.98 -18.40 36.86
N GLU C 256 12.92 -19.09 36.19
CA GLU C 256 13.43 -20.42 36.63
C GLU C 256 14.80 -20.45 37.31
N ALA C 257 15.73 -19.57 36.93
CA ALA C 257 17.11 -19.62 37.43
C ALA C 257 17.71 -18.25 37.79
N PRO C 258 16.98 -17.42 38.56
CA PRO C 258 17.48 -16.07 38.89
C PRO C 258 18.69 -16.04 39.84
N HIS C 259 18.79 -17.02 40.74
CA HIS C 259 19.94 -17.14 41.66
C HIS C 259 21.18 -17.74 40.99
N TRP C 260 22.30 -17.66 41.71
CA TRP C 260 23.61 -18.19 41.26
C TRP C 260 24.17 -19.35 42.11
N ASP C 261 23.42 -19.83 43.12
CA ASP C 261 23.81 -21.04 43.87
C ASP C 261 23.70 -22.31 43.00
N PHE C 262 24.85 -22.86 42.61
CA PHE C 262 24.91 -24.09 41.81
C PHE C 262 24.35 -25.26 42.60
N ASP C 263 24.91 -25.45 43.79
CA ASP C 263 24.55 -26.56 44.69
C ASP C 263 23.04 -26.58 45.00
N ARG C 264 22.44 -25.40 45.16
CA ARG C 264 20.99 -25.25 45.31
C ARG C 264 20.24 -25.80 44.07
N TYR C 265 20.76 -25.51 42.88
CA TYR C 265 20.17 -25.99 41.62
C TYR C 265 20.23 -27.51 41.48
N VAL C 266 21.29 -28.11 42.02
CA VAL C 266 21.41 -29.59 42.07
C VAL C 266 20.37 -30.14 43.04
N ALA C 267 20.25 -29.48 44.19
CA ALA C 267 19.28 -29.85 45.23
C ALA C 267 17.85 -29.94 44.69
N ALA C 268 17.44 -28.92 43.93
CA ALA C 268 16.11 -28.88 43.32
C ALA C 268 15.95 -29.90 42.18
N ALA C 269 17.05 -30.17 41.46
CA ALA C 269 17.06 -31.17 40.39
C ALA C 269 16.88 -32.58 40.95
N ASP C 270 17.66 -32.90 41.98
CA ASP C 270 17.53 -34.18 42.70
C ASP C 270 16.12 -34.34 43.27
N ALA C 271 15.65 -33.29 43.93
CA ALA C 271 14.37 -33.30 44.64
C ALA C 271 13.14 -33.44 43.72
N ASP C 272 13.26 -32.95 42.49
CA ASP C 272 12.18 -33.05 41.48
C ASP C 272 12.16 -34.43 40.79
N TRP C 273 13.34 -35.03 40.60
CA TRP C 273 13.44 -36.42 40.16
C TRP C 273 12.95 -37.38 41.27
N GLU C 274 13.21 -37.02 42.54
CA GLU C 274 12.76 -37.81 43.68
C GLU C 274 11.24 -37.95 43.72
N LYS C 275 10.52 -36.83 43.61
CA LYS C 275 9.04 -36.83 43.56
C LYS C 275 8.49 -37.48 42.28
N GLN C 276 9.30 -37.51 41.22
CA GLN C 276 8.95 -38.20 39.96
C GLN C 276 9.17 -39.71 40.05
N LEU C 277 10.38 -40.12 40.43
CA LEU C 277 10.73 -41.54 40.60
C LEU C 277 10.01 -42.19 41.79
N GLY C 278 9.62 -41.38 42.78
CA GLY C 278 8.75 -41.82 43.88
C GLY C 278 7.33 -42.19 43.49
N LYS C 279 6.96 -42.02 42.21
CA LYS C 279 5.70 -42.54 41.66
C LYS C 279 5.60 -44.07 41.71
N ILE C 280 6.75 -44.76 41.71
CA ILE C 280 6.82 -46.21 41.97
C ILE C 280 7.92 -46.49 43.02
N GLU C 281 7.50 -46.89 44.23
CA GLU C 281 8.42 -47.35 45.29
C GLU C 281 8.55 -48.88 45.22
N VAL C 282 9.78 -49.39 45.12
CA VAL C 282 10.02 -50.83 44.92
C VAL C 282 11.06 -51.44 45.88
N LYS C 283 10.87 -52.74 46.17
CA LYS C 283 11.85 -53.59 46.84
C LYS C 283 12.33 -54.70 45.87
N GLY C 284 13.57 -55.15 46.04
CA GLY C 284 14.26 -56.06 45.11
C GLY C 284 15.76 -55.93 45.32
N THR C 285 16.57 -56.60 44.48
CA THR C 285 18.05 -56.56 44.67
C THR C 285 18.67 -55.19 44.30
N GLU C 286 19.97 -55.04 44.55
CA GLU C 286 20.68 -53.78 44.26
C GLU C 286 20.77 -53.51 42.75
N VAL C 287 21.07 -54.57 41.99
CA VAL C 287 21.15 -54.52 40.52
C VAL C 287 19.75 -54.32 39.89
N GLN C 288 18.70 -54.87 40.51
CA GLN C 288 17.33 -54.76 39.98
C GLN C 288 16.73 -53.35 40.11
N LYS C 289 16.97 -52.67 41.23
CA LYS C 289 16.45 -51.32 41.48
C LYS C 289 17.11 -50.29 40.56
N GLU C 290 18.42 -50.41 40.41
CA GLU C 290 19.21 -49.60 39.48
C GLU C 290 18.69 -49.66 38.04
N ILE C 291 18.49 -50.88 37.54
CA ILE C 291 18.00 -51.09 36.15
C ILE C 291 16.54 -50.67 36.02
N PHE C 292 15.75 -50.83 37.08
CA PHE C 292 14.37 -50.36 37.10
C PHE C 292 14.27 -48.83 37.10
N TYR C 293 15.01 -48.19 38.01
CA TYR C 293 14.90 -46.75 38.22
C TYR C 293 15.60 -45.91 37.14
N THR C 294 16.67 -46.47 36.57
CA THR C 294 17.28 -45.92 35.38
C THR C 294 16.27 -45.90 34.24
N ALA C 295 15.69 -47.07 33.95
CA ALA C 295 14.68 -47.21 32.89
C ALA C 295 13.46 -46.28 33.09
N LEU C 296 12.97 -46.14 34.32
CA LEU C 296 11.88 -45.21 34.61
C LEU C 296 12.30 -43.74 34.36
N TYR C 297 13.53 -43.41 34.74
CA TYR C 297 14.14 -42.10 34.45
C TYR C 297 14.20 -41.84 32.93
N HIS C 298 14.66 -42.82 32.16
CA HIS C 298 14.71 -42.73 30.68
C HIS C 298 13.32 -42.55 30.01
N THR C 299 12.26 -43.05 30.65
CA THR C 299 10.90 -42.78 30.17
C THR C 299 10.43 -41.33 30.46
N MET C 300 11.03 -40.69 31.47
CA MET C 300 10.58 -39.39 31.97
C MET C 300 11.37 -38.17 31.48
N ILE C 301 12.52 -38.37 30.85
CA ILE C 301 13.32 -37.26 30.28
C ILE C 301 12.69 -36.60 29.04
N GLN C 302 11.85 -37.36 28.31
CA GLN C 302 11.05 -36.87 27.19
C GLN C 302 9.61 -37.41 27.36
N PRO C 303 8.61 -36.94 26.60
CA PRO C 303 8.67 -35.86 25.63
C PRO C 303 9.26 -34.55 26.15
N ASN C 304 9.75 -33.72 25.22
CA ASN C 304 10.48 -32.50 25.57
C ASN C 304 9.60 -31.24 25.60
N THR C 305 9.73 -30.47 26.68
CA THR C 305 9.04 -29.18 26.85
C THR C 305 9.55 -28.19 25.81
N MET C 306 8.66 -27.77 24.91
CA MET C 306 9.00 -26.80 23.84
C MET C 306 8.54 -25.37 24.18
N SER C 307 7.38 -25.24 24.83
CA SER C 307 6.88 -23.93 25.25
C SER C 307 7.77 -23.25 26.31
N ASP C 308 7.75 -21.92 26.31
CA ASP C 308 8.57 -21.10 27.20
C ASP C 308 7.78 -20.73 28.46
N VAL C 309 8.42 -20.03 29.39
CA VAL C 309 7.78 -19.49 30.60
C VAL C 309 6.46 -18.74 30.32
N ASN C 310 6.39 -18.02 29.21
CA ASN C 310 5.18 -17.28 28.77
C ASN C 310 4.14 -18.08 27.98
N GLY C 311 4.48 -19.33 27.65
CA GLY C 311 3.59 -20.23 26.94
C GLY C 311 3.63 -20.10 25.43
N GLU C 312 4.80 -19.74 24.89
CA GLU C 312 4.99 -19.63 23.44
C GLU C 312 5.95 -20.72 22.92
N TYR C 313 5.64 -21.20 21.71
CA TYR C 313 6.33 -22.30 21.08
C TYR C 313 6.24 -22.10 19.56
N MET C 314 7.10 -22.79 18.80
CA MET C 314 6.95 -22.81 17.35
C MET C 314 6.06 -23.96 16.91
N ALA C 315 4.91 -23.62 16.33
CA ALA C 315 3.98 -24.63 15.80
C ALA C 315 4.51 -25.32 14.51
N ALA C 316 3.76 -26.32 14.07
CA ALA C 316 4.10 -27.09 12.87
C ALA C 316 3.94 -26.31 11.56
N ASP C 317 3.17 -25.22 11.56
CA ASP C 317 3.18 -24.25 10.45
C ASP C 317 4.31 -23.18 10.53
N TYR C 318 5.20 -23.31 11.52
CA TYR C 318 6.33 -22.40 11.74
C TYR C 318 5.96 -20.98 12.17
N THR C 319 4.69 -20.76 12.56
CA THR C 319 4.25 -19.52 13.16
C THR C 319 4.40 -19.66 14.66
N THR C 320 4.81 -18.59 15.34
CA THR C 320 4.86 -18.58 16.79
C THR C 320 3.43 -18.50 17.35
N ARG C 321 3.11 -19.40 18.28
CA ARG C 321 1.78 -19.47 18.89
C ARG C 321 1.87 -19.49 20.43
N LYS C 322 0.71 -19.37 21.08
CA LYS C 322 0.60 -19.33 22.55
C LYS C 322 -0.31 -20.46 23.04
N VAL C 323 0.05 -21.06 24.18
CA VAL C 323 -0.83 -22.03 24.89
C VAL C 323 -1.50 -21.32 26.07
N ALA C 324 -2.48 -21.98 26.70
CA ALA C 324 -3.21 -21.39 27.84
C ALA C 324 -2.33 -21.27 29.11
N ASN C 325 -2.77 -20.43 30.05
CA ASN C 325 -1.99 -20.08 31.25
C ASN C 325 -1.42 -21.29 31.99
N ASN C 326 -2.27 -22.31 32.22
CA ASN C 326 -1.89 -23.57 32.88
C ASN C 326 -1.83 -24.74 31.89
N GLU C 327 -0.98 -24.61 30.87
CA GLU C 327 -0.71 -25.65 29.87
C GLU C 327 0.78 -25.71 29.57
N THR C 328 1.18 -26.73 28.82
CA THR C 328 2.55 -26.89 28.29
C THR C 328 2.53 -27.62 26.95
N HIS C 329 3.20 -27.04 25.94
CA HIS C 329 3.39 -27.68 24.63
C HIS C 329 4.61 -28.58 24.68
N TYR C 330 4.42 -29.85 24.30
CA TYR C 330 5.53 -30.80 24.20
C TYR C 330 5.79 -31.20 22.75
N THR C 331 6.96 -31.76 22.51
CA THR C 331 7.31 -32.42 21.23
C THR C 331 8.20 -33.61 21.60
N THR C 332 8.88 -34.21 20.60
CA THR C 332 9.67 -35.45 20.79
C THR C 332 8.69 -36.60 20.97
N PHE C 333 7.96 -36.90 19.91
CA PHE C 333 6.99 -37.99 19.86
C PHE C 333 7.53 -39.10 18.94
N SER C 334 8.27 -40.03 19.53
CA SER C 334 8.85 -41.16 18.79
C SER C 334 7.81 -42.27 18.73
N LEU C 335 6.73 -41.98 18.00
CA LEU C 335 5.45 -42.67 18.17
C LEU C 335 5.45 -44.14 17.76
N TRP C 336 6.05 -44.45 16.61
CA TRP C 336 6.17 -45.86 16.16
C TRP C 336 6.71 -46.80 17.25
N ASP C 337 7.53 -46.27 18.15
CA ASP C 337 8.06 -47.02 19.29
C ASP C 337 7.16 -46.83 20.50
N THR C 338 7.08 -45.59 20.97
CA THR C 338 6.54 -45.27 22.29
C THR C 338 5.05 -45.59 22.51
N PHE C 339 4.27 -45.68 21.42
CA PHE C 339 2.84 -46.05 21.54
C PHE C 339 2.63 -47.45 22.11
N ARG C 340 3.62 -48.31 21.95
CA ARG C 340 3.58 -49.68 22.44
C ARG C 340 3.52 -49.76 23.98
N ALA C 341 4.53 -49.21 24.64
CA ALA C 341 4.64 -49.26 26.13
C ALA C 341 4.67 -47.89 26.82
N SER C 342 5.56 -47.00 26.36
CA SER C 342 5.78 -45.68 26.98
C SER C 342 4.50 -44.90 27.29
N HIS C 343 3.60 -44.85 26.30
CA HIS C 343 2.36 -44.08 26.40
C HIS C 343 1.29 -44.68 27.31
N PRO C 344 1.08 -46.01 27.24
CA PRO C 344 0.34 -46.66 28.31
C PRO C 344 0.98 -46.44 29.71
N LEU C 345 2.31 -46.47 29.81
CA LEU C 345 3.00 -46.14 31.07
C LEU C 345 2.71 -44.71 31.56
N TYR C 346 2.68 -43.75 30.64
CA TYR C 346 2.35 -42.36 31.01
C TYR C 346 0.90 -42.23 31.50
N THR C 347 -0.03 -43.04 30.98
CA THR C 347 -1.44 -43.04 31.47
C THR C 347 -1.57 -43.51 32.94
N LEU C 348 -0.62 -44.33 33.39
CA LEU C 348 -0.56 -44.70 34.80
C LEU C 348 0.05 -43.57 35.64
N LEU C 349 1.23 -43.10 35.24
CA LEU C 349 2.04 -42.19 36.09
C LEU C 349 1.88 -40.69 35.86
N GLU C 350 1.41 -40.28 34.69
CA GLU C 350 1.47 -38.87 34.25
C GLU C 350 0.21 -38.41 33.50
N PRO C 351 -0.98 -38.57 34.13
CA PRO C 351 -2.24 -38.24 33.45
C PRO C 351 -2.47 -36.74 33.16
N GLU C 352 -1.73 -35.88 33.88
CA GLU C 352 -1.77 -34.42 33.63
C GLU C 352 -1.00 -34.12 32.33
N ARG C 353 0.24 -34.61 32.29
CA ARG C 353 1.12 -34.45 31.13
C ARG C 353 0.58 -35.10 29.86
N VAL C 354 -0.08 -36.25 30.01
CA VAL C 354 -0.68 -36.96 28.86
C VAL C 354 -1.73 -36.10 28.14
N THR C 355 -2.54 -35.38 28.91
CA THR C 355 -3.50 -34.41 28.36
C THR C 355 -2.76 -33.30 27.56
N ASP C 356 -1.64 -32.81 28.11
CA ASP C 356 -0.76 -31.88 27.39
C ASP C 356 -0.14 -32.48 26.13
N PHE C 357 0.31 -33.73 26.23
CA PHE C 357 0.87 -34.46 25.09
C PHE C 357 -0.19 -34.63 24.00
N VAL C 358 -1.40 -35.00 24.40
CA VAL C 358 -2.52 -35.17 23.45
C VAL C 358 -2.88 -33.84 22.78
N LYS C 359 -2.88 -32.76 23.56
CA LYS C 359 -3.09 -31.42 23.00
C LYS C 359 -1.98 -31.06 21.99
N SER C 360 -0.73 -31.31 22.39
CA SER C 360 0.43 -31.09 21.51
C SER C 360 0.26 -31.82 20.17
N MET C 361 -0.13 -33.09 20.23
CA MET C 361 -0.34 -33.88 19.01
C MET C 361 -1.48 -33.35 18.16
N ILE C 362 -2.57 -32.94 18.82
CA ILE C 362 -3.72 -32.34 18.14
C ILE C 362 -3.34 -31.00 17.47
N ARG C 363 -2.40 -30.25 18.06
CA ARG C 363 -1.96 -28.97 17.49
C ARG C 363 -1.34 -29.14 16.10
N GLN C 364 -0.50 -30.16 15.91
CA GLN C 364 0.01 -30.48 14.58
C GLN C 364 -1.14 -30.77 13.61
N TYR C 365 -2.21 -31.43 14.05
CA TYR C 365 -3.36 -31.62 13.17
C TYR C 365 -3.93 -30.26 12.71
N GLU C 366 -4.22 -29.37 13.66
CA GLU C 366 -4.88 -28.09 13.34
C GLU C 366 -4.04 -27.16 12.46
N TYR C 367 -2.71 -27.28 12.55
CA TYR C 367 -1.79 -26.41 11.82
C TYR C 367 -1.16 -27.05 10.59
N TYR C 368 -0.83 -28.34 10.66
CA TYR C 368 -0.17 -29.08 9.56
C TYR C 368 -1.12 -29.92 8.68
N GLY C 369 -2.26 -30.35 9.24
CA GLY C 369 -3.27 -31.11 8.48
C GLY C 369 -3.56 -32.48 9.05
N TYR C 370 -2.57 -33.08 9.71
CA TYR C 370 -2.71 -34.41 10.30
C TYR C 370 -1.81 -34.62 11.52
N LEU C 371 -2.15 -35.64 12.29
CA LEU C 371 -1.49 -35.95 13.56
C LEU C 371 -0.06 -36.43 13.34
N PRO C 372 0.81 -36.31 14.37
CA PRO C 372 2.21 -36.69 14.15
C PRO C 372 2.40 -38.19 13.86
N ILE C 373 3.43 -38.48 13.07
CA ILE C 373 3.87 -39.82 12.76
C ILE C 373 5.20 -40.08 13.46
N TRP C 374 6.10 -39.10 13.40
CA TRP C 374 7.28 -39.05 14.25
C TRP C 374 7.61 -37.57 14.42
N GLN C 375 7.51 -37.04 15.64
CA GLN C 375 7.70 -35.60 15.86
C GLN C 375 9.03 -35.23 16.56
N LEU C 376 9.53 -34.07 16.17
CA LEU C 376 10.84 -33.57 16.55
C LEU C 376 10.82 -32.06 16.40
N TRP C 377 11.09 -31.34 17.49
CA TRP C 377 11.10 -29.87 17.49
C TRP C 377 9.87 -29.30 16.74
N GLY C 378 8.70 -29.73 17.18
CA GLY C 378 7.42 -29.15 16.76
C GLY C 378 6.88 -29.55 15.38
N GLN C 379 7.59 -30.46 14.69
CA GLN C 379 7.32 -30.75 13.29
C GLN C 379 7.64 -32.20 12.93
N ASP C 380 6.92 -32.70 11.93
CA ASP C 380 6.91 -34.11 11.56
C ASP C 380 7.99 -34.43 10.53
N ASN C 381 8.79 -35.44 10.80
CA ASN C 381 9.81 -35.93 9.85
C ASN C 381 9.46 -37.30 9.23
N TYR C 382 8.23 -37.77 9.45
CA TYR C 382 7.68 -38.95 8.77
C TYR C 382 8.45 -40.29 8.96
N CYS C 383 9.29 -40.38 10.00
CA CYS C 383 10.11 -41.58 10.21
C CYS C 383 9.23 -42.77 10.61
N MET C 384 9.58 -43.95 10.10
CA MET C 384 8.80 -45.18 10.29
C MET C 384 7.42 -45.15 9.60
N ILE C 385 6.50 -46.01 10.03
CA ILE C 385 5.24 -46.23 9.32
C ILE C 385 4.04 -46.04 10.24
N GLY C 386 2.85 -46.05 9.65
CA GLY C 386 1.60 -45.92 10.39
C GLY C 386 1.35 -44.50 10.88
N ASN C 387 0.31 -44.37 11.69
CA ASN C 387 -0.15 -43.08 12.19
C ASN C 387 -0.39 -43.24 13.68
N HIS C 388 0.72 -43.40 14.43
CA HIS C 388 0.65 -43.89 15.80
C HIS C 388 0.51 -42.81 16.90
N SER C 389 0.02 -41.63 16.51
CA SER C 389 -0.68 -40.76 17.45
C SER C 389 -2.06 -41.33 17.79
N ILE C 390 -2.65 -42.07 16.85
CA ILE C 390 -4.06 -42.51 16.93
C ILE C 390 -4.35 -43.47 18.10
N PRO C 391 -3.45 -44.46 18.36
CA PRO C 391 -3.64 -45.25 19.59
C PRO C 391 -3.46 -44.46 20.89
N VAL C 392 -2.47 -43.56 20.96
CA VAL C 392 -2.22 -42.77 22.17
C VAL C 392 -3.42 -41.87 22.55
N ILE C 393 -4.01 -41.22 21.55
CA ILE C 393 -5.18 -40.35 21.76
C ILE C 393 -6.44 -41.17 22.10
N THR C 394 -6.62 -42.33 21.46
CA THR C 394 -7.72 -43.25 21.81
C THR C 394 -7.48 -43.85 23.20
N ASP C 395 -6.24 -44.25 23.49
CA ASP C 395 -5.84 -44.81 24.80
C ASP C 395 -6.21 -43.88 25.96
N ALA C 396 -5.76 -42.63 25.86
CA ALA C 396 -6.06 -41.63 26.89
C ALA C 396 -7.57 -41.31 26.97
N ILE C 397 -8.24 -41.28 25.81
CA ILE C 397 -9.69 -41.02 25.75
C ILE C 397 -10.56 -42.17 26.32
N LEU C 398 -10.13 -43.42 26.10
CA LEU C 398 -10.86 -44.59 26.62
C LEU C 398 -10.64 -44.80 28.13
N LYS C 399 -9.41 -44.56 28.60
CA LYS C 399 -9.08 -44.64 30.05
C LYS C 399 -9.58 -43.44 30.88
N GLY C 400 -10.24 -42.46 30.26
CA GLY C 400 -10.87 -41.35 30.98
C GLY C 400 -9.88 -40.32 31.49
N ILE C 401 -8.84 -40.05 30.70
CA ILE C 401 -7.84 -39.03 31.03
C ILE C 401 -8.53 -37.66 30.87
N PRO C 402 -8.53 -36.81 31.93
CA PRO C 402 -9.38 -35.60 31.91
C PRO C 402 -8.80 -34.43 31.11
N GLY C 403 -9.67 -33.49 30.75
CA GLY C 403 -9.26 -32.27 30.03
C GLY C 403 -9.02 -32.39 28.54
N ILE C 404 -9.25 -33.58 27.97
CA ILE C 404 -9.10 -33.80 26.53
C ILE C 404 -10.43 -33.50 25.84
N ASP C 405 -10.38 -32.66 24.80
CA ASP C 405 -11.57 -32.34 24.01
C ASP C 405 -11.87 -33.50 23.06
N MET C 406 -12.96 -34.22 23.34
CA MET C 406 -13.29 -35.47 22.65
C MET C 406 -13.68 -35.24 21.19
N GLU C 407 -14.54 -34.25 20.94
CA GLU C 407 -14.95 -33.91 19.57
C GLU C 407 -13.76 -33.46 18.72
N LYS C 408 -12.92 -32.57 19.27
CA LYS C 408 -11.70 -32.10 18.60
C LYS C 408 -10.64 -33.20 18.41
N ALA C 409 -10.55 -34.14 19.36
CA ALA C 409 -9.61 -35.26 19.26
C ALA C 409 -10.00 -36.28 18.20
N TYR C 410 -11.30 -36.60 18.10
CA TYR C 410 -11.78 -37.55 17.10
C TYR C 410 -11.72 -36.94 15.68
N GLU C 411 -12.13 -35.67 15.55
CA GLU C 411 -11.97 -34.91 14.31
C GLU C 411 -10.54 -34.98 13.77
N ALA C 412 -9.56 -34.85 14.67
CA ALA C 412 -8.13 -34.99 14.31
C ALA C 412 -7.77 -36.40 13.82
N VAL C 413 -8.23 -37.39 14.59
CA VAL C 413 -7.95 -38.80 14.33
C VAL C 413 -8.65 -39.28 13.07
N TYR C 414 -9.94 -38.98 12.95
CA TYR C 414 -10.73 -39.32 11.75
C TYR C 414 -10.11 -38.72 10.50
N ASN C 415 -9.90 -37.40 10.49
CA ASN C 415 -9.28 -36.69 9.37
C ASN C 415 -7.87 -37.20 9.01
N SER C 416 -7.07 -37.52 10.03
CA SER C 416 -5.78 -38.18 9.81
C SER C 416 -5.89 -39.55 9.11
N SER C 417 -7.03 -40.23 9.30
CA SER C 417 -7.28 -41.54 8.68
C SER C 417 -8.06 -41.54 7.34
N VAL C 418 -8.69 -40.42 6.96
CA VAL C 418 -9.29 -40.29 5.60
C VAL C 418 -8.44 -39.46 4.62
N THR C 419 -7.81 -38.39 5.13
CA THR C 419 -6.98 -37.48 4.31
C THR C 419 -5.61 -38.12 4.03
N SER C 420 -5.38 -38.50 2.76
CA SER C 420 -4.16 -39.22 2.37
C SER C 420 -2.89 -38.37 2.50
N HIS C 421 -1.76 -39.02 2.75
CA HIS C 421 -0.46 -38.35 2.93
C HIS C 421 0.69 -39.39 2.81
N PRO C 422 1.98 -39.00 3.02
CA PRO C 422 3.05 -39.98 2.79
C PRO C 422 2.99 -41.22 3.68
N ASN C 423 3.32 -42.38 3.10
CA ASN C 423 3.13 -43.71 3.71
C ASN C 423 1.68 -44.10 3.99
N SER C 424 0.71 -43.40 3.42
CA SER C 424 -0.69 -43.52 3.80
C SER C 424 -1.68 -43.16 2.67
N PRO C 425 -1.66 -43.93 1.56
CA PRO C 425 -2.69 -43.78 0.53
C PRO C 425 -4.01 -44.48 0.91
N PHE C 426 -4.97 -43.72 1.44
CA PHE C 426 -6.23 -44.28 1.96
C PHE C 426 -7.31 -44.51 0.89
N GLU C 427 -7.07 -44.09 -0.35
CA GLU C 427 -7.91 -44.46 -1.49
C GLU C 427 -7.45 -45.78 -2.11
N VAL C 428 -6.15 -46.08 -2.01
CA VAL C 428 -5.59 -47.39 -2.36
C VAL C 428 -6.04 -48.44 -1.32
N TRP C 429 -5.77 -48.13 -0.05
CA TRP C 429 -6.23 -48.90 1.13
C TRP C 429 -7.65 -49.46 0.97
N GLU C 430 -8.63 -48.57 0.84
CA GLU C 430 -10.05 -48.95 0.82
C GLU C 430 -10.55 -49.53 -0.53
N LYS C 431 -9.85 -49.22 -1.63
CA LYS C 431 -10.17 -49.82 -2.93
C LYS C 431 -9.81 -51.31 -2.97
N TYR C 432 -8.63 -51.65 -2.46
CA TYR C 432 -8.06 -52.99 -2.56
C TYR C 432 -8.24 -53.86 -1.30
N GLY C 433 -8.42 -53.22 -0.14
CA GLY C 433 -8.49 -53.93 1.14
C GLY C 433 -7.14 -54.30 1.75
N PHE C 434 -6.06 -53.71 1.22
CA PHE C 434 -4.69 -53.92 1.70
C PHE C 434 -3.78 -52.94 0.95
N MET C 435 -2.48 -52.94 1.26
CA MET C 435 -1.49 -52.14 0.53
C MET C 435 -0.73 -53.04 -0.45
N PRO C 436 -0.89 -52.81 -1.77
CA PRO C 436 -0.02 -53.47 -2.74
C PRO C 436 1.44 -53.03 -2.62
N GLU C 437 2.38 -53.97 -2.75
CA GLU C 437 3.82 -53.68 -2.61
C GLU C 437 4.38 -52.88 -3.80
N ASN C 438 3.91 -53.19 -5.00
CA ASN C 438 4.22 -52.39 -6.20
C ASN C 438 3.65 -50.95 -6.19
N ILE C 439 2.55 -50.71 -5.46
CA ILE C 439 1.93 -49.39 -5.35
C ILE C 439 2.38 -48.61 -4.10
N GLN C 440 2.81 -49.30 -3.05
CA GLN C 440 3.30 -48.65 -1.82
C GLN C 440 4.29 -49.55 -1.08
N THR C 441 5.52 -49.07 -0.86
CA THR C 441 6.58 -49.90 -0.24
C THR C 441 6.34 -50.10 1.27
N GLN C 442 7.00 -51.12 1.84
CA GLN C 442 6.78 -51.61 3.23
C GLN C 442 5.35 -52.11 3.52
N SER C 443 4.70 -52.66 2.48
CA SER C 443 3.24 -52.82 2.42
C SER C 443 2.56 -53.61 3.54
N VAL C 444 3.16 -54.73 3.96
CA VAL C 444 2.52 -55.63 4.93
C VAL C 444 2.55 -55.03 6.36
N SER C 445 3.70 -54.53 6.78
CA SER C 445 3.83 -53.85 8.09
C SER C 445 2.85 -52.67 8.19
N ILE C 446 2.73 -51.90 7.10
CA ILE C 446 1.73 -50.83 6.99
C ILE C 446 0.32 -51.43 7.05
N THR C 447 0.08 -52.49 6.27
CA THR C 447 -1.22 -53.17 6.27
C THR C 447 -1.60 -53.64 7.69
N LEU C 448 -0.63 -54.18 8.42
CA LEU C 448 -0.86 -54.63 9.80
C LEU C 448 -0.98 -53.48 10.80
N GLU C 449 0.02 -52.61 10.87
CA GLU C 449 0.01 -51.52 11.85
C GLU C 449 -1.11 -50.49 11.63
N GLN C 450 -1.45 -50.21 10.36
CA GLN C 450 -2.57 -49.32 10.01
C GLN C 450 -3.93 -49.90 10.41
N ALA C 451 -4.09 -51.21 10.21
CA ALA C 451 -5.30 -51.93 10.65
C ALA C 451 -5.52 -51.85 12.17
N PHE C 452 -4.44 -51.87 12.95
CA PHE C 452 -4.52 -51.55 14.39
C PHE C 452 -4.94 -50.08 14.66
N ASP C 453 -4.38 -49.13 13.90
CA ASP C 453 -4.76 -47.72 13.99
C ASP C 453 -6.25 -47.55 13.67
N ASP C 454 -6.71 -48.21 12.61
CA ASP C 454 -8.14 -48.19 12.22
C ASP C 454 -9.07 -48.81 13.27
N TRP C 455 -8.59 -49.83 13.99
CA TRP C 455 -9.29 -50.36 15.16
C TRP C 455 -9.49 -49.25 16.20
N CYS C 456 -8.40 -48.59 16.59
CA CYS C 456 -8.45 -47.49 17.57
C CYS C 456 -9.44 -46.39 17.15
N VAL C 457 -9.54 -46.15 15.85
CA VAL C 457 -10.53 -45.21 15.30
C VAL C 457 -11.96 -45.71 15.59
N ALA C 458 -12.26 -46.94 15.16
CA ALA C 458 -13.57 -47.58 15.38
C ALA C 458 -14.02 -47.55 16.85
N GLN C 459 -13.06 -47.72 17.78
CA GLN C 459 -13.33 -47.66 19.22
C GLN C 459 -13.76 -46.28 19.69
N LEU C 460 -13.00 -45.25 19.28
CA LEU C 460 -13.36 -43.86 19.57
C LEU C 460 -14.63 -43.45 18.84
N ALA C 461 -14.91 -44.05 17.67
CA ALA C 461 -16.16 -43.81 16.93
C ALA C 461 -17.40 -44.35 17.69
N ALA C 462 -17.28 -45.57 18.21
CA ALA C 462 -18.33 -46.19 19.03
C ALA C 462 -18.47 -45.49 20.39
N LYS C 463 -17.35 -45.05 20.97
CA LYS C 463 -17.36 -44.29 22.23
C LYS C 463 -18.08 -42.94 22.05
N LEU C 464 -17.98 -42.36 20.85
CA LEU C 464 -18.73 -41.14 20.49
C LEU C 464 -20.04 -41.39 19.68
N ASN C 465 -20.57 -42.62 19.75
CA ASN C 465 -21.84 -43.02 19.11
C ASN C 465 -21.99 -42.69 17.60
N LYS C 466 -20.91 -42.89 16.85
CA LYS C 466 -20.92 -42.73 15.40
C LYS C 466 -21.02 -44.14 14.78
N ASP C 467 -22.24 -44.52 14.42
CA ASP C 467 -22.54 -45.88 13.94
C ASP C 467 -22.00 -46.17 12.54
N ALA C 468 -22.14 -45.20 11.62
CA ALA C 468 -21.63 -45.34 10.25
C ALA C 468 -20.09 -45.34 10.18
N ASP C 469 -19.45 -44.57 11.06
CA ASP C 469 -17.97 -44.52 11.15
C ASP C 469 -17.37 -45.76 11.80
N TYR C 470 -18.03 -46.36 12.81
CA TYR C 470 -17.56 -47.61 13.41
C TYR C 470 -17.44 -48.73 12.34
N GLN C 471 -18.51 -48.90 11.54
CA GLN C 471 -18.56 -49.93 10.49
C GLN C 471 -17.56 -49.72 9.35
N ARG C 472 -17.16 -48.47 9.10
CA ARG C 472 -16.13 -48.14 8.10
C ARG C 472 -14.74 -48.61 8.53
N PHE C 473 -14.31 -48.17 9.72
CA PHE C 473 -12.97 -48.45 10.24
C PHE C 473 -12.84 -49.81 10.92
N HIS C 474 -13.97 -50.43 11.29
CA HIS C 474 -13.98 -51.83 11.73
C HIS C 474 -13.56 -52.74 10.56
N LYS C 475 -14.25 -52.62 9.43
CA LYS C 475 -13.92 -53.38 8.21
C LYS C 475 -12.46 -53.19 7.79
N ARG C 476 -11.97 -51.96 7.93
CA ARG C 476 -10.55 -51.63 7.65
C ARG C 476 -9.57 -52.27 8.64
N SER C 477 -9.96 -52.36 9.92
CA SER C 477 -9.13 -53.06 10.94
C SER C 477 -9.03 -54.57 10.71
N GLU C 478 -9.94 -55.13 9.92
CA GLU C 478 -9.88 -56.53 9.46
C GLU C 478 -9.15 -56.73 8.11
N TYR C 479 -8.43 -55.72 7.62
CA TYR C 479 -7.69 -55.83 6.35
C TYR C 479 -6.42 -56.70 6.40
N TYR C 480 -5.92 -57.00 7.61
CA TYR C 480 -4.85 -57.99 7.76
C TYR C 480 -5.20 -59.34 7.11
N ARG C 481 -6.48 -59.73 7.21
CA ARG C 481 -7.02 -60.97 6.61
C ARG C 481 -6.74 -61.12 5.12
N ASN C 482 -6.82 -60.01 4.38
CA ASN C 482 -6.62 -60.03 2.92
C ASN C 482 -5.16 -60.25 2.50
N LEU C 483 -4.21 -60.07 3.43
CA LEU C 483 -2.79 -60.39 3.19
C LEU C 483 -2.33 -61.73 3.81
N PHE C 484 -3.26 -62.55 4.32
CA PHE C 484 -2.95 -63.85 4.94
C PHE C 484 -2.95 -64.97 3.89
N HIS C 485 -1.83 -65.70 3.78
CA HIS C 485 -1.68 -66.81 2.83
C HIS C 485 -2.10 -68.13 3.52
N PRO C 486 -3.13 -68.84 2.98
CA PRO C 486 -3.59 -70.07 3.64
C PRO C 486 -2.56 -71.22 3.71
N LYS C 487 -1.90 -71.50 2.58
CA LYS C 487 -0.84 -72.52 2.49
C LYS C 487 0.31 -72.34 3.50
N THR C 488 1.08 -71.27 3.37
CA THR C 488 2.26 -71.03 4.22
C THR C 488 1.92 -70.58 5.66
N LYS C 489 0.76 -69.91 5.81
CA LYS C 489 0.24 -69.43 7.10
C LYS C 489 1.03 -68.25 7.71
N PHE C 490 1.56 -67.38 6.85
CA PHE C 490 2.14 -66.10 7.26
C PHE C 490 1.41 -64.98 6.52
N PHE C 491 1.57 -63.74 6.99
CA PHE C 491 1.12 -62.58 6.22
C PHE C 491 2.10 -62.34 5.08
N GLN C 492 1.59 -62.36 3.85
CA GLN C 492 2.42 -62.19 2.65
C GLN C 492 2.00 -60.97 1.83
N SER C 493 2.94 -60.46 1.02
CA SER C 493 2.74 -59.28 0.18
C SER C 493 2.13 -59.66 -1.17
N LYS C 494 1.09 -58.92 -1.57
CA LYS C 494 0.48 -59.05 -2.91
C LYS C 494 0.71 -57.78 -3.73
N ASN C 495 0.34 -57.84 -5.01
CA ASN C 495 0.37 -56.67 -5.90
C ASN C 495 -1.05 -56.19 -6.22
N ASP C 496 -1.18 -55.21 -7.13
CA ASP C 496 -2.48 -54.61 -7.49
C ASP C 496 -3.44 -55.55 -8.26
N LYS C 497 -2.91 -56.52 -8.99
CA LYS C 497 -3.73 -57.55 -9.65
C LYS C 497 -4.31 -58.59 -8.66
N GLY C 498 -3.72 -58.70 -7.47
CA GLY C 498 -4.17 -59.63 -6.42
C GLY C 498 -3.40 -60.95 -6.35
N GLU C 499 -2.17 -60.94 -6.87
CA GLU C 499 -1.32 -62.14 -6.94
C GLU C 499 -0.25 -62.10 -5.86
N TRP C 500 0.04 -63.25 -5.25
CA TRP C 500 1.04 -63.34 -4.19
C TRP C 500 2.43 -63.22 -4.80
N ILE C 501 3.27 -62.35 -4.24
CA ILE C 501 4.64 -62.16 -4.73
C ILE C 501 5.48 -63.41 -4.42
N GLU C 502 5.93 -64.07 -5.50
CA GLU C 502 6.89 -65.19 -5.41
C GLU C 502 8.24 -64.70 -5.97
N PRO C 503 9.37 -65.03 -5.34
CA PRO C 503 9.45 -65.90 -4.15
C PRO C 503 9.15 -65.17 -2.85
N PHE C 504 8.94 -65.96 -1.79
CA PHE C 504 8.71 -65.45 -0.43
C PHE C 504 9.65 -66.19 0.53
N ASP C 505 10.50 -65.44 1.22
CA ASP C 505 11.35 -65.97 2.28
C ASP C 505 10.96 -65.27 3.58
N PRO C 506 10.34 -66.00 4.54
CA PRO C 506 9.98 -65.37 5.82
C PRO C 506 11.13 -65.06 6.79
N TYR C 507 12.36 -65.46 6.47
CA TYR C 507 13.56 -65.08 7.25
C TYR C 507 14.28 -63.85 6.70
N GLN C 508 13.93 -63.39 5.49
CA GLN C 508 14.61 -62.26 4.83
C GLN C 508 14.25 -60.91 5.46
N TYR C 509 15.27 -60.09 5.73
CA TYR C 509 15.10 -58.78 6.37
C TYR C 509 14.92 -57.65 5.36
N GLY C 510 13.76 -56.98 5.40
CA GLY C 510 13.48 -55.78 4.60
C GLY C 510 13.98 -54.53 5.30
N GLY C 511 14.33 -53.51 4.51
CA GLY C 511 14.88 -52.25 5.04
C GLY C 511 13.82 -51.23 5.39
N ASN C 512 14.04 -49.97 4.99
CA ASN C 512 13.06 -48.90 5.10
C ASN C 512 12.54 -48.49 3.71
N GLY C 513 12.05 -49.48 2.96
CA GLY C 513 11.60 -49.30 1.57
C GLY C 513 12.39 -50.18 0.61
N GLY C 514 11.71 -50.64 -0.44
CA GLY C 514 12.24 -51.66 -1.35
C GLY C 514 12.03 -53.08 -0.83
N HIS C 515 11.10 -53.23 0.11
CA HIS C 515 10.72 -54.52 0.69
C HIS C 515 9.35 -54.35 1.35
N PRO C 516 8.64 -55.47 1.63
CA PRO C 516 7.31 -55.37 2.27
C PRO C 516 7.29 -55.23 3.80
N PHE C 517 8.44 -55.43 4.47
CA PHE C 517 8.51 -55.41 5.93
C PHE C 517 9.58 -54.41 6.41
N THR C 518 9.31 -53.78 7.56
CA THR C 518 10.08 -52.66 8.09
C THR C 518 11.06 -53.09 9.21
N GLU C 519 12.36 -53.04 8.90
CA GLU C 519 13.45 -53.50 9.79
CA GLU C 519 13.41 -53.46 9.84
C GLU C 519 13.08 -54.80 10.52
N GLY C 520 12.51 -55.73 9.76
CA GLY C 520 12.06 -57.01 10.30
C GLY C 520 11.59 -57.95 9.20
N ASN C 521 11.35 -59.20 9.57
CA ASN C 521 10.93 -60.25 8.64
C ASN C 521 9.49 -60.68 8.90
N ALA C 522 8.95 -61.52 8.02
CA ALA C 522 7.55 -61.99 8.13
C ALA C 522 7.27 -62.83 9.39
N TRP C 523 8.30 -63.44 9.99
CA TRP C 523 8.16 -64.14 11.29
C TRP C 523 7.87 -63.17 12.44
N GLN C 524 8.62 -62.07 12.48
CA GLN C 524 8.43 -61.02 13.49
C GLN C 524 7.15 -60.22 13.29
N TYR C 525 6.78 -60.00 12.03
CA TYR C 525 5.55 -59.27 11.64
C TYR C 525 4.30 -60.16 11.56
N PHE C 526 4.48 -61.48 11.51
CA PHE C 526 3.37 -62.43 11.62
C PHE C 526 2.52 -62.20 12.87
N TRP C 527 3.16 -61.75 13.94
CA TRP C 527 2.53 -61.62 15.26
C TRP C 527 1.70 -60.35 15.45
N TYR C 528 1.95 -59.29 14.67
CA TYR C 528 1.32 -58.00 14.96
C TYR C 528 -0.16 -57.89 14.48
N VAL C 529 -1.05 -58.46 15.30
CA VAL C 529 -2.50 -58.25 15.17
C VAL C 529 -3.08 -58.14 16.60
N PRO C 530 -2.59 -57.16 17.40
CA PRO C 530 -2.91 -57.08 18.83
C PRO C 530 -4.37 -56.75 19.15
N HIS C 531 -5.05 -56.08 18.21
CA HIS C 531 -6.49 -55.81 18.29
C HIS C 531 -7.39 -57.03 18.11
N ASN C 532 -6.86 -58.11 17.52
CA ASN C 532 -7.63 -59.36 17.35
C ASN C 532 -6.73 -60.61 17.35
N ILE C 533 -6.19 -60.94 18.54
CA ILE C 533 -5.35 -62.16 18.70
C ILE C 533 -6.20 -63.42 18.49
N GLN C 534 -7.45 -63.37 18.95
CA GLN C 534 -8.45 -64.45 18.73
C GLN C 534 -8.50 -64.91 17.27
N ALA C 535 -8.61 -63.94 16.35
CA ALA C 535 -8.66 -64.20 14.91
C ALA C 535 -7.33 -64.67 14.32
N LEU C 536 -6.21 -64.17 14.86
CA LEU C 536 -4.87 -64.63 14.44
C LEU C 536 -4.66 -66.11 14.75
N MET C 537 -5.18 -66.56 15.90
CA MET C 537 -5.08 -67.97 16.31
C MET C 537 -5.89 -68.90 15.40
N GLU C 538 -7.12 -68.50 15.08
CA GLU C 538 -8.02 -69.27 14.19
C GLU C 538 -7.46 -69.44 12.77
N LEU C 539 -6.86 -68.38 12.24
CA LEU C 539 -6.25 -68.42 10.92
C LEU C 539 -5.06 -69.36 10.96
N THR C 540 -4.33 -69.30 12.05
CA THR C 540 -3.14 -70.11 12.27
C THR C 540 -3.44 -71.61 12.31
N GLY C 541 -4.55 -71.97 12.94
CA GLY C 541 -4.93 -73.36 13.06
C GLY C 541 -5.21 -73.80 14.49
N GLY C 542 -5.88 -72.93 15.23
CA GLY C 542 -6.26 -73.19 16.61
C GLY C 542 -5.19 -72.87 17.63
N THR C 543 -5.53 -73.06 18.90
CA THR C 543 -4.61 -72.76 19.98
C THR C 543 -3.36 -73.60 19.95
N LYS C 544 -3.49 -74.89 19.65
CA LYS C 544 -2.29 -75.73 19.60
C LYS C 544 -1.33 -75.30 18.48
N ALA C 545 -1.86 -74.98 17.30
CA ALA C 545 -1.05 -74.54 16.16
C ALA C 545 -0.42 -73.17 16.39
N PHE C 546 -1.14 -72.28 17.08
CA PHE C 546 -0.62 -70.97 17.47
C PHE C 546 0.51 -71.10 18.50
N GLU C 547 0.36 -72.03 19.45
CA GLU C 547 1.43 -72.35 20.41
C GLU C 547 2.67 -72.91 19.71
N GLN C 548 2.45 -73.84 18.77
CA GLN C 548 3.53 -74.47 17.99
C GLN C 548 4.32 -73.47 17.15
N LYS C 549 3.60 -72.55 16.48
CA LYS C 549 4.21 -71.50 15.64
C LYS C 549 5.10 -70.56 16.45
N LEU C 550 4.62 -70.16 17.64
CA LEU C 550 5.42 -69.37 18.59
C LEU C 550 6.73 -70.10 18.96
N ASP C 551 6.62 -71.38 19.30
CA ASP C 551 7.79 -72.20 19.66
C ASP C 551 8.81 -72.31 18.52
N THR C 552 8.34 -72.30 17.27
CA THR C 552 9.22 -72.23 16.10
C THR C 552 9.87 -70.85 15.99
N PHE C 553 9.10 -69.79 16.29
CA PHE C 553 9.62 -68.42 16.32
C PHE C 553 10.69 -68.21 17.41
N PHE C 554 10.44 -68.73 18.61
CA PHE C 554 11.35 -68.51 19.76
C PHE C 554 12.66 -69.31 19.72
N THR C 555 12.89 -70.11 18.68
CA THR C 555 14.14 -70.85 18.51
C THR C 555 14.48 -71.08 17.02
N SER C 556 15.68 -70.67 16.61
CA SER C 556 16.19 -70.93 15.24
C SER C 556 17.72 -70.86 15.16
N GLY C 569 18.39 -58.41 20.03
CA GLY C 569 18.31 -59.34 21.16
C GLY C 569 17.71 -60.68 20.75
N PHE C 570 18.56 -61.56 20.18
CA PHE C 570 18.10 -62.80 19.54
C PHE C 570 17.68 -63.91 20.53
N VAL C 571 16.37 -64.05 20.74
CA VAL C 571 15.75 -65.24 21.31
C VAL C 571 15.19 -66.05 20.15
N GLY C 572 16.09 -66.44 19.23
CA GLY C 572 15.69 -66.95 17.92
C GLY C 572 15.24 -65.80 17.03
N GLN C 573 14.06 -65.97 16.41
CA GLN C 573 13.47 -64.92 15.55
C GLN C 573 12.87 -63.75 16.34
N TYR C 574 12.74 -63.90 17.66
CA TYR C 574 12.44 -62.78 18.54
C TYR C 574 13.70 -61.91 18.64
N ALA C 575 13.63 -60.71 18.06
CA ALA C 575 14.67 -59.68 18.23
C ALA C 575 14.11 -58.59 19.14
N HIS C 576 14.59 -58.58 20.39
CA HIS C 576 14.15 -57.61 21.39
C HIS C 576 14.64 -56.20 21.06
N GLY C 577 15.88 -56.12 20.54
CA GLY C 577 16.52 -54.87 20.12
C GLY C 577 15.66 -53.89 19.34
N ASN C 578 14.69 -54.39 18.56
CA ASN C 578 13.74 -53.56 17.82
C ASN C 578 12.28 -53.81 18.23
N GLU C 579 11.43 -52.85 17.87
CA GLU C 579 10.08 -52.69 18.43
C GLU C 579 8.93 -53.57 17.89
N PRO C 580 9.12 -54.26 16.72
CA PRO C 580 8.03 -55.18 16.30
C PRO C 580 7.74 -56.36 17.25
N SER C 581 8.80 -56.94 17.83
CA SER C 581 8.69 -58.17 18.63
C SER C 581 8.32 -57.98 20.11
N HIS C 582 8.28 -56.73 20.59
CA HIS C 582 8.08 -56.44 22.01
C HIS C 582 6.81 -57.00 22.66
N HIS C 583 5.77 -57.20 21.86
CA HIS C 583 4.49 -57.77 22.32
C HIS C 583 4.37 -59.31 22.25
N VAL C 584 5.35 -60.00 21.66
CA VAL C 584 5.21 -61.44 21.27
C VAL C 584 5.30 -62.43 22.46
N ALA C 585 6.13 -62.11 23.45
CA ALA C 585 6.33 -63.00 24.61
C ALA C 585 5.07 -63.21 25.45
N TYR C 586 4.18 -62.21 25.47
CA TYR C 586 2.93 -62.26 26.25
C TYR C 586 1.75 -62.96 25.53
N LEU C 587 1.97 -63.48 24.32
CA LEU C 587 0.92 -64.17 23.54
C LEU C 587 0.75 -65.68 23.82
N TYR C 588 1.61 -66.26 24.67
CA TYR C 588 1.41 -67.62 25.17
C TYR C 588 0.22 -67.69 26.15
N ASN C 589 -0.03 -66.62 26.91
CA ASN C 589 -1.27 -66.49 27.71
C ASN C 589 -2.56 -66.65 26.89
N PHE C 590 -2.54 -66.12 25.66
CA PHE C 590 -3.65 -66.24 24.72
C PHE C 590 -3.71 -67.66 24.13
N ALA C 591 -2.53 -68.23 23.86
CA ALA C 591 -2.39 -69.62 23.36
C ALA C 591 -2.90 -70.72 24.31
N GLY C 592 -2.80 -70.49 25.62
CA GLY C 592 -3.17 -71.47 26.65
C GLY C 592 -1.99 -72.19 27.32
N GLN C 593 -0.81 -71.57 27.29
CA GLN C 593 0.36 -72.05 28.02
C GLN C 593 1.07 -70.89 28.76
N PRO C 594 0.40 -70.27 29.76
CA PRO C 594 0.94 -69.15 30.55
C PRO C 594 2.37 -69.29 31.10
N TRP C 595 2.81 -70.51 31.42
CA TRP C 595 4.18 -70.75 31.87
C TRP C 595 5.24 -70.28 30.85
N LYS C 596 4.94 -70.42 29.56
CA LYS C 596 5.85 -69.97 28.48
C LYS C 596 5.97 -68.44 28.34
N THR C 597 4.87 -67.72 28.60
CA THR C 597 4.91 -66.27 28.76
C THR C 597 5.88 -65.89 29.90
N GLN C 598 5.75 -66.58 31.03
CA GLN C 598 6.61 -66.36 32.21
C GLN C 598 8.07 -66.73 31.97
N LYS C 599 8.28 -67.89 31.36
CA LYS C 599 9.61 -68.40 31.01
C LYS C 599 10.38 -67.42 30.13
N TYR C 600 9.76 -66.98 29.03
CA TYR C 600 10.43 -66.11 28.05
C TYR C 600 10.55 -64.64 28.50
N VAL C 601 9.48 -64.07 29.06
CA VAL C 601 9.52 -62.69 29.62
C VAL C 601 10.54 -62.57 30.76
N SER C 602 10.66 -63.60 31.61
CA SER C 602 11.71 -63.64 32.64
C SER C 602 13.11 -63.74 32.03
N HIS C 603 13.26 -64.58 31.00
CA HIS C 603 14.51 -64.74 30.26
C HIS C 603 14.98 -63.40 29.70
N ILE C 604 14.08 -62.69 29.01
CA ILE C 604 14.38 -61.38 28.41
C ILE C 604 14.81 -60.39 29.50
N LEU C 605 14.02 -60.31 30.57
CA LEU C 605 14.30 -59.48 31.74
C LEU C 605 15.68 -59.70 32.37
N ASN C 606 16.16 -60.95 32.36
CA ASN C 606 17.45 -61.29 32.97
C ASN C 606 18.65 -61.29 32.01
N THR C 607 18.42 -61.64 30.74
CA THR C 607 19.51 -61.70 29.74
C THR C 607 19.60 -60.43 28.86
N LEU C 608 18.47 -59.91 28.38
CA LEU C 608 18.45 -58.78 27.43
C LEU C 608 18.52 -57.37 28.04
N TYR C 609 18.78 -57.27 29.35
CA TYR C 609 19.10 -56.00 30.03
C TYR C 609 20.28 -56.19 30.98
N ASN C 610 20.85 -55.07 31.44
CA ASN C 610 21.91 -55.06 32.45
C ASN C 610 22.25 -53.64 32.92
N ASN C 611 23.14 -53.54 33.90
CA ASN C 611 23.54 -52.25 34.49
C ASN C 611 24.86 -51.69 33.95
N THR C 612 25.24 -52.08 32.73
CA THR C 612 26.50 -51.64 32.12
C THR C 612 26.27 -50.71 30.91
N SER C 613 27.36 -50.23 30.33
CA SER C 613 27.36 -49.36 29.15
C SER C 613 26.46 -49.84 28.00
N SER C 614 26.51 -51.14 27.67
CA SER C 614 25.68 -51.72 26.59
C SER C 614 24.31 -52.18 27.12
N GLY C 615 23.73 -51.39 28.02
CA GLY C 615 22.65 -51.84 28.90
C GLY C 615 21.35 -52.33 28.29
N TYR C 616 21.10 -51.96 27.03
CA TYR C 616 19.91 -52.40 26.29
C TYR C 616 20.33 -53.24 25.08
N ALA C 617 19.35 -53.96 24.52
CA ALA C 617 19.54 -54.81 23.35
C ALA C 617 19.73 -54.00 22.07
N GLY C 618 19.19 -52.78 22.05
CA GLY C 618 19.35 -51.85 20.93
C GLY C 618 18.98 -50.42 21.29
N ASN C 619 18.38 -49.70 20.36
CA ASN C 619 17.97 -48.31 20.56
C ASN C 619 16.80 -48.17 21.55
N ASP C 620 17.05 -47.43 22.64
CA ASP C 620 16.01 -47.17 23.66
C ASP C 620 14.74 -46.52 23.09
N ASP C 621 14.92 -45.74 22.01
CA ASP C 621 13.84 -45.10 21.24
C ASP C 621 12.87 -44.32 22.13
N CYS C 622 13.44 -43.29 22.76
CA CYS C 622 12.72 -42.33 23.61
C CYS C 622 11.98 -43.00 24.78
N GLY C 623 12.69 -43.95 25.40
CA GLY C 623 12.22 -44.70 26.57
C GLY C 623 11.30 -45.89 26.31
N GLN C 624 11.32 -46.46 25.12
CA GLN C 624 10.42 -47.59 24.78
C GLN C 624 10.98 -48.94 25.28
N MET C 625 12.29 -49.15 25.17
CA MET C 625 12.96 -50.31 25.81
C MET C 625 12.91 -50.18 27.33
N SER C 626 13.12 -48.96 27.82
CA SER C 626 13.02 -48.67 29.24
C SER C 626 11.60 -48.83 29.81
N ALA C 627 10.57 -48.48 29.02
CA ALA C 627 9.16 -48.67 29.40
C ALA C 627 8.75 -50.14 29.42
N TRP C 628 9.35 -50.95 28.54
CA TRP C 628 9.12 -52.40 28.50
C TRP C 628 9.55 -53.07 29.82
N TYR C 629 10.75 -52.70 30.31
CA TYR C 629 11.33 -53.20 31.57
C TYR C 629 10.55 -52.78 32.83
N VAL C 630 10.03 -51.56 32.83
CA VAL C 630 9.18 -51.07 33.91
C VAL C 630 7.88 -51.89 33.98
N PHE C 631 7.31 -52.21 32.82
CA PHE C 631 6.13 -53.09 32.75
C PHE C 631 6.45 -54.56 33.14
N SER C 632 7.38 -55.18 32.42
CA SER C 632 7.71 -56.61 32.65
C SER C 632 8.23 -56.94 34.06
N ALA C 633 9.03 -56.05 34.65
CA ALA C 633 9.47 -56.19 36.05
C ALA C 633 8.28 -56.03 37.04
N MET C 634 7.34 -55.16 36.71
CA MET C 634 6.08 -55.04 37.48
C MET C 634 5.15 -56.25 37.27
N GLY C 635 5.28 -56.90 36.11
CA GLY C 635 4.70 -58.22 35.86
C GLY C 635 3.58 -58.32 34.84
N PHE C 636 3.31 -57.24 34.11
CA PHE C 636 2.31 -57.25 33.03
C PHE C 636 2.70 -56.30 31.89
N TYR C 637 1.94 -56.29 30.79
CA TYR C 637 2.27 -55.48 29.61
C TYR C 637 1.06 -55.20 28.70
N PRO C 638 0.99 -54.00 28.08
CA PRO C 638 -0.08 -53.70 27.11
C PRO C 638 0.20 -54.25 25.69
N VAL C 639 -0.37 -55.41 25.39
CA VAL C 639 -0.20 -56.09 24.09
C VAL C 639 -1.03 -55.39 23.00
N ASN C 640 -2.26 -55.04 23.38
CA ASN C 640 -3.04 -54.00 22.73
C ASN C 640 -2.86 -52.77 23.64
N PRO C 641 -2.16 -51.72 23.14
CA PRO C 641 -2.02 -50.51 23.97
C PRO C 641 -3.29 -49.66 24.14
N ALA C 642 -4.33 -49.92 23.33
CA ALA C 642 -5.62 -49.21 23.39
C ALA C 642 -6.81 -50.02 23.96
N ASP C 643 -6.57 -51.27 24.38
CA ASP C 643 -7.61 -52.12 24.99
C ASP C 643 -7.98 -51.68 26.41
N GLY C 644 -7.01 -51.11 27.14
CA GLY C 644 -7.13 -50.86 28.58
C GLY C 644 -6.79 -52.07 29.43
N ARG C 645 -6.10 -53.03 28.81
CA ARG C 645 -5.80 -54.33 29.42
C ARG C 645 -4.30 -54.57 29.41
N TYR C 646 -3.78 -55.01 30.56
CA TYR C 646 -2.36 -55.35 30.73
C TYR C 646 -2.23 -56.86 30.93
N ILE C 647 -1.55 -57.52 30.00
CA ILE C 647 -1.40 -58.98 29.98
C ILE C 647 -0.30 -59.40 30.94
N ILE C 648 -0.60 -60.36 31.82
CA ILE C 648 0.30 -60.77 32.92
C ILE C 648 1.48 -61.63 32.45
N GLY C 649 2.67 -61.27 32.93
CA GLY C 649 3.94 -61.90 32.58
C GLY C 649 4.57 -62.59 33.77
N SER C 650 5.66 -62.03 34.28
CA SER C 650 6.41 -62.64 35.41
C SER C 650 7.13 -61.57 36.23
N PRO C 651 6.51 -61.11 37.35
CA PRO C 651 7.14 -60.05 38.15
C PRO C 651 8.49 -60.45 38.76
N LEU C 652 9.54 -59.69 38.41
CA LEU C 652 10.89 -59.92 38.92
C LEU C 652 11.16 -59.21 40.26
N LEU C 653 10.26 -58.29 40.64
CA LEU C 653 10.42 -57.49 41.85
C LEU C 653 9.71 -58.15 43.05
N ASP C 654 10.31 -58.01 44.24
CA ASP C 654 9.76 -58.56 45.48
C ASP C 654 8.46 -57.84 45.91
N GLU C 655 8.43 -56.52 45.72
CA GLU C 655 7.32 -55.68 46.16
C GLU C 655 7.39 -54.32 45.49
N CYS C 656 6.29 -53.87 44.89
CA CYS C 656 6.25 -52.54 44.24
C CYS C 656 4.87 -51.86 44.36
N THR C 657 4.88 -50.57 44.68
CA THR C 657 3.65 -49.78 44.86
C THR C 657 3.66 -48.55 43.93
N LEU C 658 2.58 -48.40 43.15
CA LEU C 658 2.37 -47.26 42.24
C LEU C 658 1.58 -46.14 42.96
N LYS C 659 2.26 -45.01 43.26
CA LYS C 659 1.63 -43.87 43.93
C LYS C 659 0.89 -42.96 42.94
N LEU C 660 -0.35 -43.34 42.62
CA LEU C 660 -1.17 -42.70 41.58
C LEU C 660 -1.97 -41.48 42.10
N ALA C 661 -2.93 -40.98 41.30
CA ALA C 661 -3.73 -39.79 41.64
C ALA C 661 -4.79 -40.04 42.72
N GLY C 662 -5.16 -38.97 43.42
CA GLY C 662 -6.13 -39.03 44.52
C GLY C 662 -5.61 -39.75 45.76
N ASN C 663 -4.28 -39.72 45.94
CA ASN C 663 -3.57 -40.54 46.95
C ASN C 663 -3.92 -42.03 46.96
N LYS C 664 -4.32 -42.56 45.81
CA LYS C 664 -4.62 -43.98 45.65
C LYS C 664 -3.30 -44.73 45.47
N GLU C 665 -3.18 -45.90 46.07
CA GLU C 665 -2.01 -46.76 45.90
C GLU C 665 -2.44 -48.10 45.35
N PHE C 666 -1.52 -48.72 44.60
CA PHE C 666 -1.69 -50.06 44.07
C PHE C 666 -0.46 -50.91 44.47
N ARG C 667 -0.59 -51.56 45.62
CA ARG C 667 0.46 -52.41 46.18
C ARG C 667 0.55 -53.74 45.42
N ILE C 668 1.77 -54.20 45.16
CA ILE C 668 2.04 -55.54 44.59
C ILE C 668 3.03 -56.24 45.51
N ARG C 669 2.77 -57.52 45.83
CA ARG C 669 3.67 -58.34 46.65
C ARG C 669 3.84 -59.74 46.06
N THR C 670 5.08 -60.14 45.74
CA THR C 670 5.36 -61.49 45.21
C THR C 670 6.08 -62.38 46.27
N ILE C 671 5.46 -63.51 46.60
CA ILE C 671 6.03 -64.50 47.53
C ILE C 671 6.91 -65.48 46.75
N ARG C 672 8.19 -65.53 47.09
CA ARG C 672 9.17 -66.38 46.41
C ARG C 672 10.43 -66.60 47.27
N LYS C 673 10.87 -67.87 47.34
CA LYS C 673 11.97 -68.28 48.23
C LYS C 673 13.35 -67.99 47.62
N SER C 674 13.52 -68.40 46.36
CA SER C 674 14.78 -68.21 45.62
C SER C 674 14.58 -67.30 44.39
N PRO C 675 15.68 -66.80 43.78
CA PRO C 675 15.58 -66.05 42.51
C PRO C 675 14.91 -66.82 41.37
N GLU C 676 15.23 -68.11 41.23
CA GLU C 676 14.71 -68.95 40.14
C GLU C 676 13.20 -69.26 40.17
N ASP C 677 12.48 -68.80 41.20
CA ASP C 677 11.00 -68.94 41.26
C ASP C 677 10.31 -68.03 40.24
N ILE C 678 10.35 -68.41 38.97
CA ILE C 678 9.91 -67.56 37.84
C ILE C 678 8.47 -67.79 37.35
N TYR C 679 7.84 -68.90 37.76
CA TYR C 679 6.49 -69.25 37.30
C TYR C 679 5.45 -68.89 38.35
N ILE C 680 4.29 -68.40 37.88
CA ILE C 680 3.16 -68.01 38.74
C ILE C 680 2.39 -69.26 39.12
N GLN C 681 2.18 -69.41 40.44
CA GLN C 681 1.34 -70.49 40.96
C GLN C 681 -0.10 -69.98 41.06
N SER C 682 -0.27 -68.81 41.69
CA SER C 682 -1.59 -68.14 41.77
C SER C 682 -1.47 -66.62 41.98
N VAL C 683 -2.55 -65.91 41.65
CA VAL C 683 -2.64 -64.45 41.78
C VAL C 683 -3.88 -64.07 42.59
N THR C 684 -3.79 -63.00 43.39
CA THR C 684 -4.92 -62.53 44.22
C THR C 684 -5.17 -61.01 44.04
N LEU C 685 -6.23 -60.64 43.31
CA LEU C 685 -6.62 -59.24 43.11
C LEU C 685 -7.65 -58.79 44.16
N ASN C 686 -7.22 -57.95 45.10
CA ASN C 686 -8.08 -57.41 46.18
C ASN C 686 -8.71 -58.46 47.10
N GLY C 687 -7.95 -59.52 47.42
CA GLY C 687 -8.41 -60.59 48.29
C GLY C 687 -8.97 -61.81 47.57
N LYS C 688 -9.85 -61.60 46.60
CA LYS C 688 -10.45 -62.69 45.82
C LYS C 688 -9.44 -63.28 44.84
N LYS C 689 -9.39 -64.62 44.77
CA LYS C 689 -8.47 -65.33 43.86
C LYS C 689 -8.74 -64.97 42.40
N HIS C 690 -7.70 -64.50 41.71
CA HIS C 690 -7.82 -63.93 40.36
C HIS C 690 -7.70 -65.00 39.26
N LYS C 691 -8.79 -65.22 38.53
CA LYS C 691 -8.90 -66.27 37.50
C LYS C 691 -8.79 -65.76 36.04
N ASP C 692 -8.14 -64.61 35.84
CA ASP C 692 -7.87 -64.06 34.50
C ASP C 692 -6.38 -63.74 34.35
N PHE C 693 -5.86 -63.93 33.13
CA PHE C 693 -4.43 -63.65 32.81
C PHE C 693 -4.08 -62.16 32.50
N PHE C 694 -4.96 -61.22 32.89
CA PHE C 694 -4.70 -59.78 32.72
C PHE C 694 -5.24 -58.95 33.87
N ILE C 695 -4.54 -57.86 34.21
CA ILE C 695 -5.06 -56.81 35.11
C ILE C 695 -5.47 -55.61 34.26
N THR C 696 -6.65 -55.04 34.53
CA THR C 696 -7.13 -53.87 33.75
C THR C 696 -6.54 -52.57 34.31
N HIS C 697 -6.77 -51.46 33.60
CA HIS C 697 -6.31 -50.15 34.01
C HIS C 697 -7.15 -49.63 35.19
N GLN C 698 -8.48 -49.71 35.07
CA GLN C 698 -9.41 -49.28 36.12
C GLN C 698 -9.19 -50.04 37.45
N ASP C 699 -8.69 -51.27 37.37
CA ASP C 699 -8.23 -52.02 38.56
C ASP C 699 -7.04 -51.34 39.23
N ILE C 700 -6.06 -50.93 38.43
CA ILE C 700 -4.87 -50.23 38.92
C ILE C 700 -5.23 -48.82 39.41
N MET C 701 -6.02 -48.10 38.62
CA MET C 701 -6.42 -46.72 38.98
C MET C 701 -7.46 -46.63 40.10
N ASN C 702 -8.20 -47.72 40.35
CA ASN C 702 -9.09 -47.78 41.53
C ASN C 702 -8.34 -47.86 42.86
N GLY C 703 -7.10 -48.36 42.84
CA GLY C 703 -6.29 -48.55 44.04
C GLY C 703 -6.68 -49.85 44.73
N GLY C 704 -5.68 -50.57 45.24
CA GLY C 704 -5.91 -51.87 45.90
C GLY C 704 -4.65 -52.69 46.10
N THR C 705 -4.80 -54.02 46.07
CA THR C 705 -3.68 -54.96 46.25
C THR C 705 -3.67 -56.05 45.15
N MET C 706 -2.48 -56.59 44.91
CA MET C 706 -2.30 -57.78 44.07
C MET C 706 -1.18 -58.64 44.67
N VAL C 707 -1.40 -59.95 44.76
CA VAL C 707 -0.44 -60.89 45.38
C VAL C 707 -0.20 -62.14 44.51
N PHE C 708 1.01 -62.24 43.95
CA PHE C 708 1.47 -63.41 43.19
C PHE C 708 2.20 -64.38 44.12
N LYS C 709 1.86 -65.67 44.08
CA LYS C 709 2.65 -66.72 44.75
C LYS C 709 3.45 -67.42 43.67
N MET C 710 4.79 -67.41 43.81
CA MET C 710 5.69 -67.95 42.77
C MET C 710 6.29 -69.30 43.16
N GLY C 711 6.99 -69.90 42.20
CA GLY C 711 7.65 -71.19 42.42
C GLY C 711 8.51 -71.61 41.23
N LYS C 712 9.43 -72.54 41.47
CA LYS C 712 10.40 -73.01 40.45
C LYS C 712 9.78 -73.80 39.29
N LYS C 713 8.56 -74.32 39.46
CA LYS C 713 7.91 -75.19 38.47
C LYS C 713 6.61 -74.60 37.88
N PRO C 714 6.33 -74.91 36.59
CA PRO C 714 5.08 -74.52 35.91
C PRO C 714 3.78 -74.95 36.60
N SER C 715 2.88 -74.00 36.83
CA SER C 715 1.49 -74.31 37.22
C SER C 715 0.64 -74.44 35.94
N GLY C 716 -0.69 -74.53 36.10
CA GLY C 716 -1.61 -74.62 34.97
C GLY C 716 -1.73 -73.31 34.19
#